data_5LOT
#
_entry.id   5LOT
#
_cell.length_a   79.701
_cell.length_b   89.889
_cell.length_c   126.332
_cell.angle_alpha   90.000
_cell.angle_beta   105.780
_cell.angle_gamma   90.000
#
_symmetry.space_group_name_H-M   'P 1 21 1'
#
loop_
_entity.id
_entity.type
_entity.pdbx_description
1 polymer '3-ketoacyl-CoA thiolase-like protein'
2 non-polymer 'ACETYL COENZYME *A'
3 water water
#
_entity_poly.entity_id   1
_entity_poly.type   'polypeptide(L)'
_entity_poly.pdbx_seq_one_letter_code
;HHHHHHSSGLVPRGSHMFRSSLTHLQAASRVFIVGGHITPFVGKGSPLFIDKKHPDFGKKKNMTLEEILATTVQGTMEHS
GLSGREGIVDQVVVGNFLGELFSSQGHLGPAAIGSLTYGQAGSKNPLMYKPAMRVEGAAASGGLAVISAMNALKSGSADI
TLAVGVEVQTTASARVGGDYLARAADYQRQRQLDDFTFPCLFAKRMKYIAEHNHFTMEDTARVAAKAYANGNKNPLAHMH
TRKLTFEQCNGEDPSNVKFLGNETYKEYLRMTDCSQVSDGGAGVVLANEEGLRKMGLSPNDSRLVEIKSIACAVSNLYED
PDDACCMFTSRQAAQKALSMANIKPSDLNVAEVHDCFTIAEMLMYEALGIAEYGHAKDLIRNGDTTLEGRIPVNTGGGLL
SFGHPVGATGIKQIMEVYRQMKGQCEAYQMKKIPALGATLNMGGDDKTAVSAVLQNI
;
_entity_poly.pdbx_strand_id   A,B,C,D
#
# COMPACT_ATOMS: atom_id res chain seq x y z
N ALA A 28 19.47 -2.77 21.14
CA ALA A 28 19.40 -3.16 19.68
C ALA A 28 18.37 -4.27 19.41
N SER A 29 17.73 -4.23 18.24
CA SER A 29 17.01 -5.40 17.75
C SER A 29 18.04 -6.51 17.47
N ARG A 30 17.69 -7.73 17.88
CA ARG A 30 18.49 -8.94 17.62
C ARG A 30 18.26 -9.39 16.19
N VAL A 31 19.23 -10.14 15.66
CA VAL A 31 19.15 -10.59 14.29
C VAL A 31 19.40 -12.08 14.21
N PHE A 32 18.53 -12.73 13.45
CA PHE A 32 18.46 -14.18 13.38
C PHE A 32 18.60 -14.64 11.94
N ILE A 33 19.43 -15.65 11.73
CA ILE A 33 19.45 -16.40 10.48
C ILE A 33 18.34 -17.45 10.52
N VAL A 34 17.39 -17.32 9.63
CA VAL A 34 16.25 -18.21 9.61
C VAL A 34 16.60 -19.44 8.77
N GLY A 35 17.37 -19.25 7.72
CA GLY A 35 17.71 -20.36 6.80
C GLY A 35 18.46 -19.81 5.61
N GLY A 36 18.80 -20.67 4.68
CA GLY A 36 19.52 -20.25 3.50
C GLY A 36 19.84 -21.40 2.58
N HIS A 37 20.69 -21.14 1.59
CA HIS A 37 20.92 -22.06 0.48
C HIS A 37 22.25 -21.76 -0.21
N ILE A 38 23.02 -22.80 -0.45
CA ILE A 38 24.23 -22.73 -1.25
C ILE A 38 24.04 -23.66 -2.46
N THR A 39 24.26 -23.14 -3.68
CA THR A 39 24.28 -23.97 -4.86
C THR A 39 25.59 -24.74 -4.84
N PRO A 40 25.66 -25.81 -5.65
CA PRO A 40 26.97 -26.35 -6.00
C PRO A 40 27.82 -25.24 -6.60
N PHE A 41 29.11 -25.26 -6.32
CA PHE A 41 30.05 -24.32 -6.91
C PHE A 41 30.76 -25.12 -7.99
N VAL A 42 30.77 -24.58 -9.21
CA VAL A 42 31.18 -25.34 -10.39
C VAL A 42 32.19 -24.59 -11.28
N GLY A 43 33.07 -25.35 -11.91
CA GLY A 43 33.98 -24.83 -12.92
C GLY A 43 34.90 -25.96 -13.38
N LYS A 44 36.00 -25.61 -14.04
CA LYS A 44 36.92 -26.64 -14.55
C LYS A 44 37.36 -27.58 -13.43
N GLY A 45 37.24 -28.88 -13.69
CA GLY A 45 37.58 -29.90 -12.71
C GLY A 45 36.34 -30.51 -12.06
N SER A 46 35.19 -29.84 -12.14
CA SER A 46 33.99 -30.37 -11.55
C SER A 46 33.30 -31.19 -12.59
N PRO A 47 32.77 -32.36 -12.20
CA PRO A 47 31.92 -33.14 -13.09
C PRO A 47 30.61 -32.42 -13.46
N LEU A 48 30.19 -31.46 -12.63
CA LEU A 48 28.99 -30.63 -12.92
C LEU A 48 29.22 -29.56 -13.99
N PHE A 49 30.48 -29.34 -14.34
CA PHE A 49 30.85 -28.35 -15.35
C PHE A 49 30.95 -28.93 -16.77
N ILE A 50 30.28 -28.24 -17.70
CA ILE A 50 30.04 -28.75 -19.05
C ILE A 50 31.04 -28.15 -19.99
N ASP A 51 32.11 -28.89 -20.25
CA ASP A 51 33.13 -28.52 -21.24
C ASP A 51 33.23 -29.64 -22.27
N LYS A 52 34.16 -29.53 -23.21
CA LYS A 52 34.28 -30.49 -24.32
C LYS A 52 34.33 -31.96 -23.90
N LYS A 53 34.89 -32.24 -22.71
CA LYS A 53 34.93 -33.59 -22.17
C LYS A 53 33.63 -34.05 -21.51
N HIS A 54 32.55 -33.29 -21.61
CA HIS A 54 31.34 -33.61 -20.86
C HIS A 54 30.29 -34.21 -21.80
N PRO A 55 29.60 -35.30 -21.36
CA PRO A 55 28.50 -35.95 -22.11
C PRO A 55 27.57 -34.97 -22.80
N ASP A 56 27.15 -33.95 -22.06
CA ASP A 56 26.20 -32.98 -22.56
C ASP A 56 26.81 -31.81 -23.32
N PHE A 57 28.11 -31.82 -23.56
CA PHE A 57 28.70 -30.75 -24.35
C PHE A 57 27.93 -30.59 -25.65
N GLY A 58 27.78 -29.35 -26.12
CA GLY A 58 26.94 -29.08 -27.29
C GLY A 58 25.45 -29.16 -27.00
N LYS A 59 25.01 -30.17 -26.24
CA LYS A 59 23.60 -30.36 -25.91
C LYS A 59 23.09 -29.32 -24.91
N LYS A 60 23.76 -29.25 -23.75
CA LYS A 60 23.31 -28.40 -22.63
C LYS A 60 24.40 -27.45 -22.15
N LYS A 61 23.98 -26.33 -21.61
CA LYS A 61 24.88 -25.25 -21.23
C LYS A 61 24.97 -25.14 -19.71
N ASN A 62 26.04 -24.52 -19.22
CA ASN A 62 26.11 -24.19 -17.79
C ASN A 62 25.19 -23.04 -17.45
N MET A 63 24.83 -22.92 -16.18
CA MET A 63 23.91 -21.85 -15.77
C MET A 63 24.48 -20.47 -16.07
N THR A 64 23.60 -19.59 -16.52
CA THR A 64 23.91 -18.15 -16.63
C THR A 64 23.86 -17.48 -15.25
N LEU A 65 24.30 -16.21 -15.18
CA LEU A 65 24.20 -15.44 -13.93
C LEU A 65 22.76 -15.30 -13.45
N GLU A 66 21.84 -15.08 -14.40
CA GLU A 66 20.43 -14.99 -14.09
C GLU A 66 19.90 -16.32 -13.55
N GLU A 67 20.33 -17.42 -14.14
CA GLU A 67 19.86 -18.74 -13.70
C GLU A 67 20.36 -19.08 -12.32
N ILE A 68 21.63 -18.79 -12.08
CA ILE A 68 22.17 -18.96 -10.72
C ILE A 68 21.46 -18.08 -9.69
N LEU A 69 21.16 -16.85 -10.07
CA LEU A 69 20.48 -15.94 -9.14
C LEU A 69 19.08 -16.47 -8.86
N ALA A 70 18.41 -16.97 -9.91
CA ALA A 70 17.07 -17.61 -9.75
C ALA A 70 17.09 -18.86 -8.87
N THR A 71 18.08 -19.70 -9.07
CA THR A 71 18.20 -20.89 -8.20
C THR A 71 18.48 -20.52 -6.76
N THR A 72 19.34 -19.53 -6.57
CA THR A 72 19.74 -19.15 -5.24
C THR A 72 18.60 -18.49 -4.45
N VAL A 73 17.87 -17.59 -5.10
CA VAL A 73 16.76 -16.90 -4.48
C VAL A 73 15.66 -17.89 -4.13
N GLN A 74 15.31 -18.77 -5.07
CA GLN A 74 14.24 -19.74 -4.84
C GLN A 74 14.67 -20.78 -3.81
N GLY A 75 15.91 -21.26 -3.93
CA GLY A 75 16.43 -22.20 -2.94
C GLY A 75 16.41 -21.62 -1.52
N THR A 76 16.76 -20.34 -1.40
CA THR A 76 16.88 -19.71 -0.10
C THR A 76 15.51 -19.53 0.53
N MET A 77 14.52 -19.18 -0.30
CA MET A 77 13.15 -19.03 0.18
C MET A 77 12.61 -20.37 0.65
N GLU A 78 12.90 -21.42 -0.10
CA GLU A 78 12.41 -22.74 0.20
C GLU A 78 12.89 -23.17 1.58
N HIS A 79 14.19 -23.24 1.75
CA HIS A 79 14.75 -23.78 2.99
C HIS A 79 14.47 -22.86 4.18
N SER A 80 14.16 -21.60 3.94
CA SER A 80 13.76 -20.70 5.03
C SER A 80 12.27 -20.78 5.41
N GLY A 81 11.49 -21.58 4.67
CA GLY A 81 10.07 -21.79 4.97
C GLY A 81 9.17 -20.70 4.46
N LEU A 82 9.57 -20.04 3.37
CA LEU A 82 8.82 -18.87 2.87
C LEU A 82 8.15 -19.13 1.53
N SER A 83 8.29 -20.32 0.97
CA SER A 83 7.59 -20.64 -0.30
C SER A 83 6.08 -20.39 -0.12
N GLY A 84 5.49 -19.62 -1.04
CA GLY A 84 4.09 -19.28 -0.95
C GLY A 84 3.79 -18.08 -0.09
N ARG A 85 4.79 -17.55 0.64
CA ARG A 85 4.60 -16.29 1.35
C ARG A 85 5.83 -15.38 1.21
N GLU A 86 6.42 -15.39 0.02
CA GLU A 86 7.59 -14.57 -0.23
C GLU A 86 7.33 -13.06 -0.08
N GLY A 87 6.08 -12.65 -0.19
CA GLY A 87 5.67 -11.27 0.04
C GLY A 87 5.99 -10.70 1.40
N ILE A 88 6.27 -11.54 2.40
CA ILE A 88 6.61 -10.99 3.73
C ILE A 88 8.09 -10.57 3.85
N VAL A 89 8.91 -11.00 2.90
CA VAL A 89 10.27 -10.50 2.76
C VAL A 89 10.15 -9.02 2.41
N ASP A 90 10.80 -8.17 3.18
CA ASP A 90 10.66 -6.75 3.00
C ASP A 90 11.65 -6.23 2.00
N GLN A 91 12.81 -6.87 1.88
CA GLN A 91 13.87 -6.36 1.07
C GLN A 91 14.90 -7.34 0.65
N VAL A 92 15.59 -7.03 -0.45
CA VAL A 92 16.62 -7.91 -1.02
C VAL A 92 17.90 -7.14 -1.31
N VAL A 93 19.04 -7.74 -0.97
CA VAL A 93 20.33 -7.18 -1.24
C VAL A 93 21.13 -8.24 -1.95
N VAL A 94 21.74 -7.88 -3.06
CA VAL A 94 22.53 -8.81 -3.83
C VAL A 94 23.99 -8.47 -3.72
N GLY A 95 24.84 -9.46 -3.48
CA GLY A 95 26.28 -9.24 -3.52
C GLY A 95 26.84 -9.82 -4.78
N ASN A 96 27.61 -9.03 -5.51
CA ASN A 96 28.18 -9.45 -6.77
C ASN A 96 29.30 -8.51 -7.12
N PHE A 97 30.39 -9.06 -7.63
CA PHE A 97 31.55 -8.23 -7.90
C PHE A 97 31.65 -7.86 -9.37
N LEU A 98 31.60 -8.83 -10.29
CA LEU A 98 31.97 -8.58 -11.68
C LEU A 98 30.94 -9.03 -12.75
N GLY A 99 29.70 -9.14 -12.37
CA GLY A 99 28.66 -9.44 -13.35
C GLY A 99 28.66 -8.53 -14.56
N GLU A 100 28.91 -7.24 -14.35
CA GLU A 100 29.05 -6.28 -15.46
C GLU A 100 30.09 -6.64 -16.50
N LEU A 101 31.11 -7.39 -16.07
CA LEU A 101 32.21 -7.78 -16.99
C LEU A 101 32.03 -9.17 -17.54
N PHE A 102 31.85 -10.15 -16.67
CA PHE A 102 31.73 -11.56 -17.10
C PHE A 102 30.43 -11.90 -17.85
N SER A 103 29.35 -11.21 -17.52
CA SER A 103 28.03 -11.46 -18.06
C SER A 103 27.38 -10.20 -18.66
N SER A 104 28.11 -9.10 -18.75
CA SER A 104 27.54 -7.89 -19.32
C SER A 104 26.30 -7.42 -18.59
N GLN A 105 26.22 -7.72 -17.27
CA GLN A 105 25.00 -7.47 -16.56
C GLN A 105 25.22 -6.80 -15.23
N GLY A 106 24.74 -5.56 -15.12
CA GLY A 106 24.65 -4.90 -13.82
C GLY A 106 23.21 -4.89 -13.34
N HIS A 107 22.87 -3.97 -12.44
CA HIS A 107 21.47 -3.77 -12.05
C HIS A 107 20.81 -5.05 -11.56
N LEU A 108 21.51 -5.82 -10.72
CA LEU A 108 20.97 -7.11 -10.28
C LEU A 108 19.84 -6.92 -9.27
N GLY A 109 19.59 -5.71 -8.82
CA GLY A 109 18.46 -5.47 -7.91
C GLY A 109 17.13 -5.92 -8.53
N PRO A 110 16.79 -5.38 -9.71
CA PRO A 110 15.57 -5.84 -10.36
C PRO A 110 15.68 -7.24 -10.94
N ALA A 111 16.89 -7.73 -11.14
CA ALA A 111 17.10 -9.15 -11.54
C ALA A 111 16.65 -10.06 -10.38
N ALA A 112 16.96 -9.67 -9.15
CA ALA A 112 16.57 -10.46 -8.01
C ALA A 112 15.05 -10.39 -7.84
N ILE A 113 14.48 -9.22 -8.07
CA ILE A 113 13.03 -9.06 -7.98
C ILE A 113 12.28 -10.00 -8.94
N GLY A 114 12.88 -10.27 -10.09
CA GLY A 114 12.29 -11.17 -11.04
C GLY A 114 12.79 -12.58 -10.95
N SER A 115 13.49 -12.91 -9.86
CA SER A 115 14.18 -14.23 -9.79
C SER A 115 13.29 -15.34 -9.26
N LEU A 116 12.26 -14.94 -8.54
CA LEU A 116 11.36 -15.90 -7.93
C LEU A 116 10.58 -16.67 -9.00
N THR A 117 10.19 -15.97 -10.05
CA THR A 117 9.34 -16.53 -11.09
C THR A 117 10.06 -16.49 -12.43
N TYR A 118 11.37 -16.65 -12.40
CA TYR A 118 12.21 -16.50 -13.57
C TYR A 118 11.78 -17.48 -14.65
N GLY A 119 11.56 -16.96 -15.86
CA GLY A 119 11.08 -17.74 -17.00
C GLY A 119 9.61 -18.18 -16.98
N GLN A 120 8.81 -17.64 -16.07
CA GLN A 120 7.36 -17.90 -16.05
C GLN A 120 6.64 -16.57 -16.31
N ALA A 121 6.60 -16.18 -17.59
CA ALA A 121 6.03 -14.90 -18.07
C ALA A 121 4.65 -14.54 -17.48
N GLY A 122 4.47 -13.25 -17.15
CA GLY A 122 3.18 -12.71 -16.68
C GLY A 122 2.70 -13.20 -15.31
N SER A 123 3.50 -14.03 -14.65
CA SER A 123 3.11 -14.67 -13.39
C SER A 123 3.00 -13.64 -12.26
N LYS A 124 2.17 -13.91 -11.26
CA LYS A 124 2.08 -13.05 -10.08
C LYS A 124 3.42 -13.04 -9.35
N ASN A 125 3.89 -11.85 -8.94
CA ASN A 125 5.21 -11.73 -8.33
C ASN A 125 5.10 -10.97 -7.03
N PRO A 126 5.20 -11.69 -5.89
CA PRO A 126 5.07 -11.01 -4.60
C PRO A 126 6.24 -10.10 -4.19
N LEU A 127 7.35 -10.12 -4.94
CA LEU A 127 8.47 -9.20 -4.65
C LEU A 127 8.37 -7.85 -5.34
N MET A 128 7.43 -7.70 -6.25
CA MET A 128 7.32 -6.45 -7.01
C MET A 128 7.28 -5.20 -6.15
N TYR A 129 8.07 -4.21 -6.53
CA TYR A 129 8.15 -2.89 -5.85
C TYR A 129 8.87 -2.86 -4.50
N LYS A 130 9.41 -3.97 -4.06
CA LYS A 130 10.17 -3.97 -2.83
C LYS A 130 11.57 -3.33 -3.05
N PRO A 131 12.19 -2.81 -1.98
CA PRO A 131 13.54 -2.34 -2.15
C PRO A 131 14.53 -3.46 -2.47
N ALA A 132 15.41 -3.18 -3.42
CA ALA A 132 16.49 -4.06 -3.73
C ALA A 132 17.69 -3.24 -4.23
N MET A 133 18.89 -3.83 -4.09
CA MET A 133 20.09 -3.24 -4.62
C MET A 133 21.21 -4.23 -4.68
N ARG A 134 22.25 -3.87 -5.42
CA ARG A 134 23.50 -4.64 -5.47
C ARG A 134 24.56 -3.90 -4.66
N VAL A 135 25.31 -4.63 -3.84
CA VAL A 135 26.45 -4.03 -3.15
C VAL A 135 27.73 -4.69 -3.57
N GLU A 136 28.82 -3.94 -3.48
CA GLU A 136 30.14 -4.43 -3.95
C GLU A 136 31.37 -3.95 -3.15
N GLY A 137 32.19 -4.91 -2.77
CA GLY A 137 33.54 -4.68 -2.26
C GLY A 137 34.40 -5.90 -2.57
N ALA A 138 34.57 -6.14 -3.85
CA ALA A 138 35.36 -7.21 -4.32
C ALA A 138 34.89 -8.52 -3.65
N ALA A 139 35.80 -9.34 -3.17
CA ALA A 139 35.40 -10.64 -2.65
C ALA A 139 34.71 -10.50 -1.29
N ALA A 140 34.54 -9.27 -0.80
CA ALA A 140 33.73 -9.06 0.42
C ALA A 140 32.29 -8.63 0.13
N SER A 141 31.93 -8.65 -1.16
CA SER A 141 30.55 -8.27 -1.59
C SER A 141 29.44 -9.03 -0.85
N GLY A 142 29.62 -10.34 -0.65
CA GLY A 142 28.59 -11.10 0.09
C GLY A 142 28.43 -10.65 1.52
N GLY A 143 29.54 -10.46 2.19
CA GLY A 143 29.55 -9.97 3.60
C GLY A 143 28.96 -8.59 3.73
N LEU A 144 29.31 -7.71 2.79
CA LEU A 144 28.69 -6.39 2.73
C LEU A 144 27.18 -6.50 2.51
N ALA A 145 26.75 -7.47 1.71
CA ALA A 145 25.32 -7.67 1.49
C ALA A 145 24.58 -7.99 2.81
N VAL A 146 25.16 -8.87 3.64
CA VAL A 146 24.66 -9.18 4.99
C VAL A 146 24.59 -7.95 5.91
N ILE A 147 25.64 -7.13 5.88
CA ILE A 147 25.68 -5.92 6.68
C ILE A 147 24.57 -4.98 6.28
N SER A 148 24.36 -4.79 4.96
CA SER A 148 23.28 -3.91 4.52
C SER A 148 21.95 -4.42 5.03
N ALA A 149 21.75 -5.72 4.94
CA ALA A 149 20.49 -6.30 5.31
C ALA A 149 20.28 -6.11 6.82
N MET A 150 21.35 -6.26 7.57
CA MET A 150 21.28 -6.17 9.00
C MET A 150 20.99 -4.76 9.46
N ASN A 151 21.57 -3.77 8.77
CA ASN A 151 21.20 -2.36 9.00
C ASN A 151 19.75 -2.06 8.67
N ALA A 152 19.25 -2.64 7.60
CA ALA A 152 17.84 -2.52 7.30
C ALA A 152 16.95 -3.09 8.42
N LEU A 153 17.33 -4.24 8.98
CA LEU A 153 16.60 -4.87 10.08
C LEU A 153 16.62 -4.06 11.38
N LYS A 154 17.75 -3.43 11.67
CA LYS A 154 17.84 -2.63 12.90
C LYS A 154 17.30 -1.23 12.73
N SER A 155 16.99 -0.81 11.51
CA SER A 155 16.65 0.59 11.23
C SER A 155 15.17 0.81 11.27
N GLY A 156 14.42 -0.30 11.37
CA GLY A 156 12.98 -0.30 11.31
C GLY A 156 12.41 -0.17 9.90
N SER A 157 13.24 -0.32 8.88
CA SER A 157 12.70 -0.28 7.53
C SER A 157 12.48 -1.70 6.99
N ALA A 158 12.98 -2.72 7.69
CA ALA A 158 12.68 -4.11 7.36
C ALA A 158 12.56 -4.97 8.61
N ASP A 159 11.74 -6.01 8.56
CA ASP A 159 11.72 -7.04 9.60
C ASP A 159 12.25 -8.37 9.10
N ILE A 160 12.19 -8.57 7.79
CA ILE A 160 12.75 -9.76 7.15
C ILE A 160 13.48 -9.29 5.90
N THR A 161 14.70 -9.75 5.74
CA THR A 161 15.51 -9.43 4.57
C THR A 161 16.11 -10.68 3.97
N LEU A 162 16.31 -10.63 2.67
CA LEU A 162 16.97 -11.65 1.91
C LEU A 162 18.30 -11.08 1.38
N ALA A 163 19.42 -11.71 1.74
CA ALA A 163 20.70 -11.37 1.24
C ALA A 163 21.20 -12.53 0.39
N VAL A 164 21.40 -12.32 -0.90
CA VAL A 164 21.97 -13.33 -1.83
C VAL A 164 23.21 -12.83 -2.51
N GLY A 165 24.18 -13.70 -2.67
CA GLY A 165 25.42 -13.37 -3.36
C GLY A 165 25.64 -14.33 -4.49
N VAL A 166 26.04 -13.82 -5.65
CA VAL A 166 26.25 -14.67 -6.83
C VAL A 166 27.40 -14.24 -7.70
N GLU A 167 27.94 -15.20 -8.44
CA GLU A 167 29.01 -14.86 -9.36
C GLU A 167 29.14 -15.89 -10.46
N VAL A 168 29.41 -15.41 -11.66
CA VAL A 168 29.78 -16.28 -12.75
C VAL A 168 31.10 -15.79 -13.32
N GLN A 169 32.10 -16.67 -13.27
CA GLN A 169 33.46 -16.32 -13.71
C GLN A 169 34.01 -17.19 -14.81
N THR A 170 33.27 -18.22 -15.19
CA THR A 170 33.77 -19.22 -16.16
C THR A 170 33.57 -18.79 -17.61
N THR A 171 32.93 -17.65 -17.86
CA THR A 171 32.73 -17.16 -19.21
C THR A 171 33.98 -16.52 -19.87
N ALA A 172 35.15 -16.60 -19.24
CA ALA A 172 36.37 -16.06 -19.83
C ALA A 172 37.53 -16.88 -19.41
N SER A 173 38.65 -16.73 -20.11
CA SER A 173 39.88 -17.42 -19.72
C SER A 173 40.34 -16.95 -18.36
N ALA A 174 41.23 -17.75 -17.75
CA ALA A 174 41.85 -17.35 -16.50
C ALA A 174 42.64 -16.05 -16.66
N ARG A 175 43.24 -15.87 -17.83
CA ARG A 175 44.03 -14.66 -18.08
C ARG A 175 43.16 -13.41 -18.21
N VAL A 176 42.04 -13.51 -18.93
CA VAL A 176 41.11 -12.41 -19.06
C VAL A 176 40.42 -12.17 -17.73
N GLY A 177 40.08 -13.26 -17.03
CA GLY A 177 39.44 -13.17 -15.72
C GLY A 177 40.32 -12.50 -14.68
N GLY A 178 41.63 -12.77 -14.76
CA GLY A 178 42.61 -12.15 -13.89
C GLY A 178 42.68 -10.65 -14.04
N ASP A 179 42.43 -10.15 -15.24
CA ASP A 179 42.34 -8.70 -15.47
C ASP A 179 41.02 -8.13 -14.91
N TYR A 180 39.94 -8.90 -15.02
CA TYR A 180 38.68 -8.48 -14.38
C TYR A 180 38.79 -8.45 -12.86
N LEU A 181 39.36 -9.52 -12.31
CA LEU A 181 39.62 -9.59 -10.87
C LEU A 181 40.51 -8.44 -10.35
N ALA A 182 41.39 -7.95 -11.21
CA ALA A 182 42.24 -6.82 -10.86
C ALA A 182 41.44 -5.54 -10.55
N ARG A 183 40.17 -5.51 -10.93
CA ARG A 183 39.30 -4.42 -10.53
C ARG A 183 39.22 -4.26 -9.02
N ALA A 184 39.63 -5.30 -8.27
CA ALA A 184 39.69 -5.26 -6.80
C ALA A 184 40.97 -4.61 -6.22
N ALA A 185 41.99 -4.51 -7.07
CA ALA A 185 43.23 -3.87 -6.71
C ALA A 185 43.18 -2.36 -7.03
N ASP A 186 44.23 -1.65 -6.67
CA ASP A 186 44.44 -0.33 -7.19
C ASP A 186 44.97 -0.55 -8.59
N TYR A 187 44.09 -0.46 -9.58
CA TYR A 187 44.40 -0.93 -10.94
C TYR A 187 45.51 -0.16 -11.62
N GLN A 188 45.50 1.15 -11.56
CA GLN A 188 46.58 1.95 -12.14
C GLN A 188 47.91 1.57 -11.56
N ARG A 189 47.95 1.35 -10.25
CA ARG A 189 49.20 1.10 -9.56
C ARG A 189 49.63 -0.36 -9.69
N GLN A 190 48.70 -1.29 -9.72
CA GLN A 190 49.06 -2.69 -9.42
C GLN A 190 48.85 -3.66 -10.56
N ARG A 191 48.09 -3.25 -11.57
CA ARG A 191 47.79 -4.15 -12.67
C ARG A 191 49.08 -4.63 -13.33
N GLN A 192 50.07 -3.75 -13.44
CA GLN A 192 51.34 -4.11 -14.11
C GLN A 192 52.19 -5.20 -13.42
N LEU A 193 51.93 -5.52 -12.16
CA LEU A 193 52.62 -6.63 -11.49
C LEU A 193 52.57 -7.92 -12.31
N ASP A 194 51.40 -8.26 -12.84
CA ASP A 194 51.21 -9.54 -13.54
C ASP A 194 49.80 -9.61 -14.08
N ASP A 195 49.60 -10.38 -15.14
CA ASP A 195 48.25 -10.62 -15.65
C ASP A 195 47.41 -11.26 -14.54
N PHE A 196 48.02 -12.16 -13.79
CA PHE A 196 47.39 -12.72 -12.60
C PHE A 196 47.69 -11.79 -11.41
N THR A 197 47.05 -10.63 -11.43
CA THR A 197 47.37 -9.59 -10.50
C THR A 197 47.19 -10.02 -9.03
N PHE A 198 46.07 -10.64 -8.71
CA PHE A 198 45.86 -11.04 -7.33
C PHE A 198 46.74 -12.19 -6.85
N PRO A 199 46.88 -13.21 -7.68
CA PRO A 199 47.82 -14.23 -7.27
C PRO A 199 49.20 -13.60 -7.00
N CYS A 200 49.64 -12.69 -7.87
CA CYS A 200 50.92 -12.04 -7.69
C CYS A 200 51.00 -11.25 -6.38
N LEU A 201 49.94 -10.54 -6.01
CA LEU A 201 49.94 -9.79 -4.78
C LEU A 201 50.08 -10.66 -3.54
N PHE A 202 49.54 -11.86 -3.58
CA PHE A 202 49.70 -12.78 -2.45
C PHE A 202 51.06 -13.48 -2.48
N ALA A 203 51.61 -13.68 -3.68
CA ALA A 203 52.94 -14.26 -3.85
C ALA A 203 53.92 -13.30 -3.27
N LYS A 204 53.67 -12.00 -3.50
CA LYS A 204 54.51 -10.93 -2.96
C LYS A 204 54.46 -10.94 -1.43
N ARG A 205 53.29 -11.16 -0.84
CA ARG A 205 53.20 -11.33 0.59
C ARG A 205 54.07 -12.49 1.03
N MET A 206 54.02 -13.57 0.28
CA MET A 206 54.69 -14.81 0.69
C MET A 206 56.20 -14.63 0.71
N LYS A 207 56.72 -13.88 -0.25
CA LYS A 207 58.14 -13.56 -0.29
C LYS A 207 58.60 -12.90 1.01
N TYR A 208 57.91 -11.84 1.39
CA TYR A 208 58.15 -11.14 2.64
C TYR A 208 57.93 -12.07 3.85
N ILE A 209 56.86 -12.87 3.79
CA ILE A 209 56.57 -13.82 4.85
C ILE A 209 57.72 -14.83 5.01
N ALA A 210 58.26 -15.31 3.89
CA ALA A 210 59.36 -16.26 3.90
C ALA A 210 60.64 -15.62 4.47
N GLU A 211 60.93 -14.42 4.03
CA GLU A 211 62.12 -13.72 4.47
C GLU A 211 62.11 -13.39 5.94
N HIS A 212 60.93 -13.37 6.56
CA HIS A 212 60.79 -13.09 7.97
C HIS A 212 60.46 -14.37 8.74
N ASN A 213 60.55 -15.50 8.05
CA ASN A 213 60.25 -16.81 8.64
C ASN A 213 58.93 -16.86 9.40
N HIS A 214 57.92 -16.21 8.85
CA HIS A 214 56.66 -16.11 9.56
C HIS A 214 55.94 -17.44 9.48
N PHE A 215 55.99 -18.02 8.28
CA PHE A 215 55.58 -19.40 8.05
C PHE A 215 56.13 -19.80 6.70
N THR A 216 55.91 -21.05 6.31
CA THR A 216 56.59 -21.61 5.13
C THR A 216 55.64 -22.08 4.05
N MET A 217 56.24 -22.40 2.90
CA MET A 217 55.53 -23.01 1.83
C MET A 217 55.11 -24.47 2.10
N GLU A 218 55.74 -25.12 3.07
CA GLU A 218 55.21 -26.38 3.59
C GLU A 218 53.90 -26.14 4.30
N ASP A 219 53.91 -25.13 5.16
CA ASP A 219 52.74 -24.75 5.93
C ASP A 219 51.52 -24.47 5.04
N THR A 220 51.72 -23.71 3.96
CA THR A 220 50.62 -23.40 3.04
C THR A 220 50.14 -24.62 2.24
N ALA A 221 51.04 -25.56 1.98
CA ALA A 221 50.66 -26.84 1.40
C ALA A 221 49.81 -27.67 2.37
N ARG A 222 50.07 -27.58 3.67
CA ARG A 222 49.24 -28.26 4.64
C ARG A 222 47.84 -27.69 4.68
N VAL A 223 47.74 -26.40 4.46
CA VAL A 223 46.42 -25.76 4.36
C VAL A 223 45.65 -26.36 3.19
N ALA A 224 46.31 -26.44 2.03
CA ALA A 224 45.67 -27.02 0.86
C ALA A 224 45.25 -28.49 1.11
N ALA A 225 46.14 -29.28 1.72
CA ALA A 225 45.81 -30.68 1.97
C ALA A 225 44.54 -30.76 2.80
N LYS A 226 44.45 -29.92 3.82
CA LYS A 226 43.25 -29.89 4.67
C LYS A 226 42.00 -29.52 3.87
N ALA A 227 42.12 -28.52 3.02
CA ALA A 227 40.97 -28.02 2.24
C ALA A 227 40.46 -29.09 1.28
N TYR A 228 41.34 -29.72 0.53
CA TYR A 228 40.94 -30.79 -0.39
C TYR A 228 40.36 -32.06 0.31
N ALA A 229 40.90 -32.42 1.47
CA ALA A 229 40.32 -33.49 2.29
C ALA A 229 38.92 -33.12 2.75
N ASN A 230 38.74 -31.88 3.18
CA ASN A 230 37.41 -31.39 3.55
C ASN A 230 36.45 -31.37 2.34
N GLY A 231 36.94 -30.86 1.19
CA GLY A 231 36.18 -30.86 -0.06
C GLY A 231 35.68 -32.24 -0.48
N ASN A 232 36.55 -33.25 -0.32
CA ASN A 232 36.21 -34.65 -0.64
C ASN A 232 34.98 -35.18 0.14
N LYS A 233 34.66 -34.56 1.27
CA LYS A 233 33.44 -34.86 2.00
C LYS A 233 32.28 -33.89 1.69
N ASN A 234 32.42 -33.05 0.67
CA ASN A 234 31.40 -32.05 0.35
C ASN A 234 30.97 -32.09 -1.13
N PRO A 235 29.78 -32.67 -1.40
CA PRO A 235 29.36 -32.74 -2.82
C PRO A 235 29.07 -31.38 -3.49
N LEU A 236 28.91 -30.32 -2.70
CA LEU A 236 28.73 -28.96 -3.27
C LEU A 236 30.03 -28.37 -3.75
N ALA A 237 31.16 -28.94 -3.31
CA ALA A 237 32.49 -28.36 -3.56
C ALA A 237 32.98 -28.52 -5.00
N HIS A 238 33.41 -27.42 -5.58
CA HIS A 238 34.00 -27.39 -6.90
C HIS A 238 34.96 -28.57 -7.06
N MET A 239 35.86 -28.73 -6.09
CA MET A 239 36.92 -29.72 -6.17
C MET A 239 36.57 -31.02 -5.41
N HIS A 240 35.30 -31.27 -5.17
CA HIS A 240 34.86 -32.50 -4.51
C HIS A 240 35.59 -33.77 -4.97
N THR A 241 35.74 -33.93 -6.28
CA THR A 241 36.31 -35.16 -6.85
C THR A 241 37.84 -35.14 -7.02
N ARG A 242 38.50 -34.06 -6.66
CA ARG A 242 39.96 -34.01 -6.74
C ARG A 242 40.61 -34.30 -5.39
N LYS A 243 41.53 -35.27 -5.38
CA LYS A 243 42.31 -35.61 -4.18
C LYS A 243 43.76 -35.17 -4.34
N LEU A 244 44.28 -34.54 -3.30
CA LEU A 244 45.66 -34.08 -3.32
C LEU A 244 46.29 -34.38 -1.98
N THR A 245 47.48 -34.95 -2.03
CA THR A 245 48.24 -35.25 -0.83
C THR A 245 49.04 -34.01 -0.47
N PHE A 246 49.53 -33.99 0.76
CA PHE A 246 50.43 -32.93 1.19
C PHE A 246 51.53 -32.78 0.20
N GLU A 247 52.12 -33.89 -0.20
CA GLU A 247 53.27 -33.86 -1.08
C GLU A 247 52.93 -33.19 -2.41
N GLN A 248 51.76 -33.50 -2.95
CA GLN A 248 51.34 -32.90 -4.21
C GLN A 248 51.20 -31.36 -4.10
N CYS A 249 50.50 -30.92 -3.06
CA CYS A 249 50.33 -29.50 -2.74
C CYS A 249 51.64 -28.79 -2.43
N ASN A 250 52.60 -29.57 -1.95
CA ASN A 250 53.92 -29.05 -1.63
C ASN A 250 54.86 -28.94 -2.83
N GLY A 251 54.37 -29.31 -4.01
CA GLY A 251 55.07 -29.03 -5.26
C GLY A 251 55.72 -30.24 -5.93
N GLU A 252 55.65 -31.40 -5.28
CA GLU A 252 56.32 -32.63 -5.76
C GLU A 252 55.66 -33.18 -7.01
N ASP A 253 54.42 -32.76 -7.24
CA ASP A 253 53.74 -32.97 -8.51
C ASP A 253 54.17 -31.86 -9.51
N PRO A 254 54.65 -32.25 -10.72
CA PRO A 254 55.04 -31.21 -11.70
C PRO A 254 53.87 -30.51 -12.39
N SER A 255 52.69 -31.14 -12.35
CA SER A 255 51.47 -30.48 -12.80
C SER A 255 51.01 -29.34 -11.85
N ASN A 256 51.51 -29.32 -10.62
CA ASN A 256 51.26 -28.20 -9.69
C ASN A 256 52.27 -27.08 -9.94
N VAL A 257 52.04 -26.39 -11.04
CA VAL A 257 53.02 -25.47 -11.59
C VAL A 257 53.09 -24.10 -10.85
N LYS A 258 54.28 -23.50 -10.84
CA LYS A 258 54.46 -22.12 -10.41
C LYS A 258 54.29 -21.21 -11.61
N PHE A 259 53.07 -20.75 -11.79
CA PHE A 259 52.59 -20.27 -13.08
C PHE A 259 52.75 -18.78 -13.33
N LEU A 260 53.16 -18.00 -12.34
CA LEU A 260 53.21 -16.53 -12.53
C LEU A 260 54.26 -16.15 -13.57
N GLY A 261 54.11 -14.96 -14.13
CA GLY A 261 55.10 -14.40 -15.03
C GLY A 261 56.13 -13.54 -14.34
N ASN A 262 55.75 -12.87 -13.26
CA ASN A 262 56.66 -11.97 -12.56
C ASN A 262 57.82 -12.74 -11.94
N GLU A 263 59.04 -12.44 -12.39
CA GLU A 263 60.25 -13.18 -11.93
C GLU A 263 60.50 -13.02 -10.42
N THR A 264 60.19 -11.85 -9.87
CA THR A 264 60.41 -11.56 -8.46
C THR A 264 59.56 -12.41 -7.52
N TYR A 265 58.35 -12.78 -7.94
CA TYR A 265 57.41 -13.46 -7.04
C TYR A 265 57.02 -14.90 -7.45
N LYS A 266 57.35 -15.27 -8.67
CA LYS A 266 57.03 -16.55 -9.30
C LYS A 266 57.21 -17.80 -8.42
N GLU A 267 58.29 -17.82 -7.65
CA GLU A 267 58.63 -19.02 -6.87
C GLU A 267 57.82 -19.22 -5.60
N TYR A 268 56.97 -18.25 -5.26
CA TYR A 268 56.22 -18.29 -4.00
C TYR A 268 54.76 -18.77 -4.10
N LEU A 269 54.31 -19.15 -5.30
CA LEU A 269 52.90 -19.53 -5.52
C LEU A 269 52.74 -20.73 -6.47
N ARG A 270 52.02 -21.74 -6.00
CA ARG A 270 51.68 -22.90 -6.79
C ARG A 270 50.19 -22.87 -7.10
N MET A 271 49.77 -23.57 -8.16
CA MET A 271 48.36 -23.64 -8.51
C MET A 271 47.50 -24.07 -7.33
N THR A 272 47.96 -25.05 -6.57
CA THR A 272 47.18 -25.59 -5.45
C THR A 272 47.04 -24.60 -4.29
N ASP A 273 47.82 -23.51 -4.33
CA ASP A 273 47.69 -22.42 -3.33
C ASP A 273 46.53 -21.47 -3.65
N CYS A 274 45.86 -21.67 -4.79
CA CYS A 274 44.91 -20.67 -5.29
C CYS A 274 43.45 -21.13 -5.19
N SER A 275 42.58 -20.20 -4.83
CA SER A 275 41.15 -20.43 -4.86
C SER A 275 40.71 -20.70 -6.30
N GLN A 276 39.53 -21.31 -6.43
CA GLN A 276 39.00 -21.69 -7.73
C GLN A 276 38.26 -20.58 -8.46
N VAL A 277 38.30 -20.64 -9.80
CA VAL A 277 37.41 -19.86 -10.65
C VAL A 277 36.07 -20.60 -10.73
N SER A 278 35.13 -20.23 -9.88
CA SER A 278 33.87 -20.93 -9.74
C SER A 278 32.68 -20.04 -10.08
N ASP A 279 31.58 -20.71 -10.46
CA ASP A 279 30.27 -20.12 -10.57
C ASP A 279 29.40 -20.64 -9.43
N GLY A 280 28.55 -19.78 -8.86
CA GLY A 280 27.66 -20.23 -7.82
C GLY A 280 26.92 -19.15 -7.06
N GLY A 281 26.14 -19.58 -6.07
CA GLY A 281 25.31 -18.68 -5.30
C GLY A 281 25.13 -19.11 -3.88
N ALA A 282 24.88 -18.14 -3.00
CA ALA A 282 24.51 -18.42 -1.65
C ALA A 282 23.55 -17.37 -1.20
N GLY A 283 22.60 -17.79 -0.37
CA GLY A 283 21.57 -16.90 0.11
C GLY A 283 21.22 -17.23 1.55
N VAL A 284 20.70 -16.23 2.23
CA VAL A 284 20.39 -16.31 3.63
C VAL A 284 19.21 -15.38 3.85
N VAL A 285 18.25 -15.84 4.65
CA VAL A 285 17.18 -14.99 5.11
C VAL A 285 17.49 -14.58 6.53
N LEU A 286 17.45 -13.29 6.78
CA LEU A 286 17.64 -12.76 8.13
C LEU A 286 16.38 -12.07 8.64
N ALA A 287 16.17 -12.15 9.96
CA ALA A 287 15.00 -11.54 10.54
C ALA A 287 15.29 -10.93 11.90
N ASN A 288 14.52 -9.89 12.25
CA ASN A 288 14.49 -9.40 13.61
C ASN A 288 13.33 -10.08 14.35
N GLU A 289 13.10 -9.69 15.61
CA GLU A 289 12.09 -10.36 16.43
C GLU A 289 10.69 -10.24 15.82
N GLU A 290 10.36 -9.06 15.31
CA GLU A 290 9.09 -8.87 14.63
C GLU A 290 8.97 -9.73 13.35
N GLY A 291 10.06 -9.92 12.64
CA GLY A 291 10.07 -10.83 11.52
C GLY A 291 9.89 -12.28 11.92
N LEU A 292 10.40 -12.68 13.07
CA LEU A 292 10.18 -14.04 13.53
C LEU A 292 8.70 -14.23 13.84
N ARG A 293 8.15 -13.25 14.53
CA ARG A 293 6.73 -13.23 14.86
C ARG A 293 5.89 -13.42 13.59
N LYS A 294 6.20 -12.64 12.56
CA LYS A 294 5.50 -12.70 11.27
C LYS A 294 5.60 -14.05 10.60
N MET A 295 6.69 -14.77 10.83
CA MET A 295 6.89 -16.08 10.26
C MET A 295 6.31 -17.19 11.16
N GLY A 296 5.76 -16.78 12.31
CA GLY A 296 5.20 -17.72 13.26
C GLY A 296 6.29 -18.46 14.01
N LEU A 297 7.38 -17.78 14.35
CA LEU A 297 8.53 -18.42 14.98
C LEU A 297 8.88 -17.77 16.27
N SER A 298 9.40 -18.58 17.18
CA SER A 298 9.90 -18.09 18.46
C SER A 298 11.41 -17.86 18.35
N PRO A 299 11.95 -16.89 19.13
CA PRO A 299 13.40 -16.67 19.28
C PRO A 299 14.24 -17.84 19.80
N ASN A 300 13.62 -18.87 20.35
CA ASN A 300 14.36 -20.04 20.86
C ASN A 300 14.15 -21.21 19.90
N ASP A 301 13.52 -20.95 18.75
CA ASP A 301 13.35 -22.03 17.79
C ASP A 301 14.71 -22.58 17.38
N SER A 302 14.84 -23.89 17.43
CA SER A 302 16.12 -24.54 17.16
C SER A 302 16.58 -24.53 15.68
N ARG A 303 15.78 -23.99 14.76
CA ARG A 303 16.24 -23.77 13.37
C ARG A 303 17.05 -22.45 13.21
N LEU A 304 17.09 -21.63 14.26
CA LEU A 304 17.72 -20.33 14.19
C LEU A 304 19.18 -20.32 14.65
N VAL A 305 19.91 -19.33 14.14
CA VAL A 305 21.22 -18.92 14.65
C VAL A 305 21.17 -17.39 14.80
N GLU A 306 21.72 -16.87 15.90
CA GLU A 306 21.72 -15.45 16.13
C GLU A 306 23.01 -14.88 15.63
N ILE A 307 22.92 -13.79 14.88
CA ILE A 307 24.12 -13.03 14.58
C ILE A 307 24.34 -12.07 15.71
N LYS A 308 25.29 -12.37 16.59
CA LYS A 308 25.55 -11.51 17.76
C LYS A 308 26.14 -10.19 17.32
N SER A 309 27.04 -10.23 16.36
CA SER A 309 27.64 -9.01 15.85
C SER A 309 28.11 -9.19 14.40
N ILE A 310 28.28 -8.06 13.74
CA ILE A 310 28.94 -8.03 12.44
C ILE A 310 29.70 -6.70 12.36
N ALA A 311 30.80 -6.67 11.62
CA ALA A 311 31.57 -5.46 11.55
C ALA A 311 32.33 -5.39 10.26
N CYS A 312 32.50 -4.16 9.79
CA CYS A 312 33.22 -3.87 8.56
C CYS A 312 34.38 -2.92 8.81
N ALA A 313 35.53 -3.18 8.19
CA ALA A 313 36.67 -2.28 8.29
C ALA A 313 37.30 -2.19 6.92
N VAL A 314 37.70 -0.98 6.52
CA VAL A 314 38.19 -0.77 5.16
C VAL A 314 39.40 0.11 5.24
N SER A 315 40.44 -0.28 4.53
CA SER A 315 41.69 0.47 4.52
C SER A 315 41.84 1.22 3.22
N ASN A 316 43.03 1.74 2.98
CA ASN A 316 43.30 2.57 1.81
C ASN A 316 43.70 1.75 0.61
N LEU A 317 42.91 1.83 -0.46
CA LEU A 317 43.18 1.09 -1.68
C LEU A 317 44.56 1.42 -2.24
N TYR A 318 44.94 2.68 -2.10
CA TYR A 318 46.11 3.26 -2.75
C TYR A 318 47.43 3.00 -2.04
N GLU A 319 47.39 2.61 -0.77
CA GLU A 319 48.61 2.38 0.00
C GLU A 319 48.60 1.05 0.71
N ASP A 320 49.73 0.34 0.66
CA ASP A 320 49.89 -0.94 1.37
C ASP A 320 50.79 -0.79 2.59
N PRO A 321 50.41 -1.39 3.72
CA PRO A 321 51.35 -1.44 4.84
C PRO A 321 52.58 -2.26 4.52
N ASP A 322 53.67 -2.00 5.23
CA ASP A 322 54.92 -2.69 4.98
C ASP A 322 54.84 -4.12 5.44
N ASP A 323 54.16 -4.34 6.56
CA ASP A 323 54.17 -5.68 7.14
C ASP A 323 53.20 -6.62 6.43
N ALA A 324 53.71 -7.32 5.43
CA ALA A 324 52.91 -8.35 4.74
C ALA A 324 52.51 -9.54 5.60
N CYS A 325 53.10 -9.68 6.79
CA CYS A 325 52.75 -10.77 7.72
C CYS A 325 51.54 -10.47 8.59
N CYS A 326 50.93 -9.31 8.42
CA CYS A 326 49.71 -9.00 9.13
C CYS A 326 48.65 -8.45 8.17
N MET A 327 47.45 -8.99 8.25
CA MET A 327 46.30 -8.40 7.56
C MET A 327 45.58 -7.43 8.50
N PHE A 328 46.10 -6.23 8.56
CA PHE A 328 45.61 -5.24 9.54
C PHE A 328 44.11 -5.02 9.45
N THR A 329 43.58 -5.04 8.23
CA THR A 329 42.18 -4.62 8.02
C THR A 329 41.26 -5.75 8.50
N SER A 330 41.56 -6.97 8.07
CA SER A 330 40.82 -8.14 8.53
C SER A 330 40.93 -8.27 10.06
N ARG A 331 42.08 -7.96 10.63
CA ARG A 331 42.22 -7.92 12.10
C ARG A 331 41.36 -6.89 12.79
N GLN A 332 41.29 -5.67 12.25
CA GLN A 332 40.34 -4.68 12.78
C GLN A 332 38.89 -5.16 12.78
N ALA A 333 38.45 -5.71 11.66
CA ALA A 333 37.06 -6.24 11.55
C ALA A 333 36.78 -7.36 12.53
N ALA A 334 37.71 -8.32 12.63
CA ALA A 334 37.54 -9.43 13.57
C ALA A 334 37.49 -8.94 15.02
N GLN A 335 38.40 -8.01 15.34
CA GLN A 335 38.45 -7.40 16.67
C GLN A 335 37.16 -6.67 17.05
N LYS A 336 36.63 -5.83 16.16
CA LYS A 336 35.34 -5.15 16.42
C LYS A 336 34.21 -6.17 16.64
N ALA A 337 34.12 -7.16 15.77
CA ALA A 337 33.04 -8.10 15.86
C ALA A 337 33.07 -8.88 17.17
N LEU A 338 34.23 -9.43 17.53
CA LEU A 338 34.33 -10.27 18.75
C LEU A 338 34.12 -9.41 19.99
N SER A 339 34.64 -8.20 19.96
CA SER A 339 34.34 -7.21 20.99
C SER A 339 32.84 -6.83 21.14
N MET A 340 32.16 -6.50 20.04
CA MET A 340 30.71 -6.27 20.11
C MET A 340 29.96 -7.49 20.61
N ALA A 341 30.47 -8.68 20.31
CA ALA A 341 29.85 -9.94 20.79
C ALA A 341 30.25 -10.31 22.21
N ASN A 342 31.12 -9.50 22.80
CA ASN A 342 31.79 -9.78 24.06
C ASN A 342 32.28 -11.21 24.21
N ILE A 343 33.06 -11.65 23.25
CA ILE A 343 33.70 -12.95 23.34
C ILE A 343 35.15 -12.78 22.91
N LYS A 344 35.93 -13.84 23.06
CA LYS A 344 37.31 -13.83 22.60
C LYS A 344 37.52 -14.98 21.65
N PRO A 345 38.62 -14.96 20.89
CA PRO A 345 38.86 -15.98 19.88
C PRO A 345 38.84 -17.39 20.45
N SER A 346 39.38 -17.53 21.66
CA SER A 346 39.43 -18.84 22.33
C SER A 346 38.04 -19.43 22.61
N ASP A 347 37.00 -18.60 22.68
CA ASP A 347 35.62 -19.08 22.83
C ASP A 347 35.00 -19.65 21.54
N LEU A 348 35.67 -19.48 20.39
CA LEU A 348 35.06 -19.87 19.13
C LEU A 348 35.15 -21.38 19.00
N ASN A 349 34.08 -21.99 18.47
CA ASN A 349 34.05 -23.44 18.22
C ASN A 349 34.23 -23.80 16.74
N VAL A 350 34.01 -22.83 15.85
CA VAL A 350 34.14 -23.04 14.41
C VAL A 350 34.34 -21.70 13.71
N ALA A 351 35.02 -21.73 12.57
CA ALA A 351 35.20 -20.49 11.81
C ALA A 351 35.25 -20.73 10.34
N GLU A 352 34.85 -19.70 9.60
CA GLU A 352 35.01 -19.65 8.17
C GLU A 352 35.89 -18.43 7.86
N VAL A 353 36.97 -18.65 7.13
CA VAL A 353 37.86 -17.56 6.80
C VAL A 353 38.15 -17.54 5.30
N HIS A 354 38.65 -16.39 4.86
CA HIS A 354 38.78 -16.06 3.46
C HIS A 354 40.08 -16.60 2.90
N ASP A 355 40.09 -17.89 2.56
CA ASP A 355 41.30 -18.52 2.02
C ASP A 355 41.40 -18.33 0.52
N CYS A 356 41.51 -17.09 0.07
CA CYS A 356 41.59 -16.86 -1.38
C CYS A 356 42.87 -17.46 -1.88
N PHE A 357 43.84 -17.52 -0.97
CA PHE A 357 45.04 -18.32 -1.17
C PHE A 357 45.36 -19.06 0.12
N THR A 358 46.15 -20.12 0.02
CA THR A 358 46.59 -20.82 1.23
C THR A 358 47.28 -19.83 2.17
N ILE A 359 48.09 -18.96 1.57
CA ILE A 359 48.79 -17.87 2.24
C ILE A 359 47.81 -17.04 3.08
N ALA A 360 46.64 -16.76 2.51
CA ALA A 360 45.64 -15.96 3.25
C ALA A 360 45.02 -16.72 4.39
N GLU A 361 44.80 -18.03 4.23
CA GLU A 361 44.24 -18.76 5.38
C GLU A 361 45.14 -18.57 6.59
N MET A 362 46.46 -18.66 6.39
CA MET A 362 47.42 -18.59 7.51
C MET A 362 47.31 -17.22 8.17
N LEU A 363 47.31 -16.17 7.36
CA LEU A 363 47.15 -14.79 7.85
C LEU A 363 45.80 -14.55 8.54
N MET A 364 44.79 -15.27 8.08
CA MET A 364 43.45 -15.16 8.65
C MET A 364 43.34 -15.75 10.06
N TYR A 365 44.09 -16.84 10.32
CA TYR A 365 44.11 -17.43 11.65
C TYR A 365 44.59 -16.37 12.62
N GLU A 366 45.57 -15.58 12.21
CA GLU A 366 46.13 -14.55 13.07
C GLU A 366 45.27 -13.29 13.10
N ALA A 367 44.66 -12.94 11.96
CA ALA A 367 43.77 -11.78 11.94
C ALA A 367 42.53 -12.04 12.82
N LEU A 368 41.98 -13.25 12.74
CA LEU A 368 40.84 -13.60 13.58
C LEU A 368 41.19 -13.63 15.06
N GLY A 369 42.42 -14.03 15.36
CA GLY A 369 42.90 -14.09 16.73
C GLY A 369 43.04 -15.49 17.32
N ILE A 370 42.70 -16.53 16.57
CA ILE A 370 42.85 -17.93 17.02
C ILE A 370 44.30 -18.37 17.03
N ALA A 371 45.16 -17.54 16.45
CA ALA A 371 46.60 -17.72 16.60
C ALA A 371 47.19 -16.35 16.87
N GLU A 372 48.25 -16.30 17.66
CA GLU A 372 48.95 -15.04 17.89
C GLU A 372 49.84 -14.74 16.68
N TYR A 373 50.34 -13.50 16.63
CA TYR A 373 51.18 -13.10 15.54
C TYR A 373 52.32 -14.08 15.45
N GLY A 374 52.54 -14.64 14.28
CA GLY A 374 53.60 -15.60 14.05
C GLY A 374 53.32 -17.03 14.48
N HIS A 375 52.12 -17.31 14.99
CA HIS A 375 51.83 -18.65 15.48
C HIS A 375 50.76 -19.41 14.69
N ALA A 376 50.35 -18.91 13.53
CA ALA A 376 49.51 -19.71 12.64
C ALA A 376 50.20 -21.03 12.26
N LYS A 377 51.53 -20.98 12.08
CA LYS A 377 52.29 -22.18 11.81
C LYS A 377 52.07 -23.27 12.85
N ASP A 378 51.93 -22.92 14.12
CA ASP A 378 51.67 -23.93 15.17
C ASP A 378 50.34 -24.64 14.90
N LEU A 379 49.30 -23.83 14.65
CA LEU A 379 47.95 -24.34 14.42
C LEU A 379 47.88 -25.34 13.28
N ILE A 380 48.49 -24.99 12.14
CA ILE A 380 48.42 -25.88 10.98
C ILE A 380 49.34 -27.09 11.13
N ARG A 381 50.49 -26.92 11.77
CA ARG A 381 51.38 -28.06 12.03
C ARG A 381 50.78 -29.04 13.04
N ASN A 382 49.88 -28.56 13.89
CA ASN A 382 49.28 -29.35 14.96
C ASN A 382 47.88 -29.92 14.61
N GLY A 383 47.34 -29.57 13.46
CA GLY A 383 45.99 -30.00 13.08
C GLY A 383 44.86 -29.34 13.83
N ASP A 384 45.12 -28.21 14.49
CA ASP A 384 44.04 -27.55 15.26
C ASP A 384 42.83 -27.09 14.43
N THR A 385 43.02 -26.86 13.12
CA THR A 385 41.96 -26.30 12.27
C THR A 385 41.34 -27.37 11.36
N THR A 386 41.75 -28.63 11.52
CA THR A 386 41.12 -29.75 10.79
C THR A 386 39.74 -30.00 11.41
N LEU A 387 38.91 -30.79 10.74
CA LEU A 387 37.57 -31.14 11.27
C LEU A 387 37.57 -31.66 12.68
N GLU A 388 38.66 -32.34 13.04
CA GLU A 388 38.81 -32.96 14.35
C GLU A 388 39.61 -32.11 15.35
N GLY A 389 40.12 -30.97 14.89
CA GLY A 389 40.91 -30.10 15.73
C GLY A 389 40.03 -29.33 16.66
N ARG A 390 40.64 -28.54 17.54
CA ARG A 390 39.86 -27.82 18.52
C ARG A 390 39.16 -26.57 17.95
N ILE A 391 39.64 -26.07 16.82
CA ILE A 391 39.01 -24.90 16.16
C ILE A 391 38.94 -25.15 14.65
N PRO A 392 37.99 -25.97 14.24
CA PRO A 392 37.92 -26.31 12.82
C PRO A 392 37.62 -25.09 11.97
N VAL A 393 38.33 -24.97 10.85
CA VAL A 393 38.15 -23.84 9.94
C VAL A 393 37.87 -24.34 8.53
N ASN A 394 36.91 -23.69 7.87
CA ASN A 394 36.58 -24.00 6.47
C ASN A 394 36.31 -25.52 6.30
N THR A 395 35.35 -26.00 7.08
CA THR A 395 35.03 -27.41 7.18
C THR A 395 34.56 -28.07 5.89
N GLY A 396 33.98 -27.26 4.99
CA GLY A 396 33.50 -27.73 3.69
C GLY A 396 34.48 -27.62 2.54
N GLY A 397 35.68 -27.09 2.79
CA GLY A 397 36.73 -27.00 1.76
C GLY A 397 37.24 -25.60 1.41
N GLY A 398 36.59 -24.56 1.91
CA GLY A 398 37.06 -23.19 1.70
C GLY A 398 37.00 -22.71 0.26
N LEU A 399 37.53 -21.53 0.03
CA LEU A 399 37.64 -20.99 -1.31
C LEU A 399 38.55 -21.86 -2.18
N LEU A 400 39.46 -22.58 -1.52
CA LEU A 400 40.39 -23.48 -2.24
C LEU A 400 39.69 -24.71 -2.86
N SER A 401 38.79 -25.34 -2.10
CA SER A 401 38.12 -26.54 -2.59
C SER A 401 36.65 -26.32 -2.87
N PHE A 402 35.92 -25.83 -1.89
CA PHE A 402 34.50 -25.52 -2.09
C PHE A 402 34.43 -24.62 -3.33
N GLY A 403 35.36 -23.67 -3.42
CA GLY A 403 35.45 -22.80 -4.58
C GLY A 403 35.11 -21.37 -4.21
N HIS A 404 35.24 -20.50 -5.18
CA HIS A 404 35.14 -19.05 -4.92
C HIS A 404 34.43 -18.28 -6.05
N PRO A 405 33.10 -18.35 -6.11
CA PRO A 405 32.29 -17.40 -6.88
C PRO A 405 32.23 -16.15 -6.05
N VAL A 406 32.98 -15.14 -6.44
CA VAL A 406 33.39 -14.13 -5.50
C VAL A 406 32.25 -13.53 -4.71
N GLY A 407 31.21 -13.06 -5.38
CA GLY A 407 30.07 -12.49 -4.66
C GLY A 407 29.35 -13.43 -3.73
N ALA A 408 29.36 -14.71 -4.01
CA ALA A 408 28.68 -15.67 -3.13
C ALA A 408 29.42 -15.93 -1.83
N THR A 409 30.75 -15.84 -1.87
CA THR A 409 31.60 -16.35 -0.77
C THR A 409 31.17 -15.89 0.64
N GLY A 410 30.98 -14.59 0.81
CA GLY A 410 30.65 -14.03 2.12
C GLY A 410 29.41 -14.62 2.73
N ILE A 411 28.40 -14.87 1.92
CA ILE A 411 27.16 -15.44 2.44
C ILE A 411 27.33 -16.92 2.64
N LYS A 412 28.06 -17.59 1.75
CA LYS A 412 28.40 -19.00 1.95
C LYS A 412 29.02 -19.20 3.32
N GLN A 413 29.99 -18.35 3.68
CA GLN A 413 30.66 -18.46 4.98
C GLN A 413 29.64 -18.47 6.14
N ILE A 414 28.71 -17.53 6.09
CA ILE A 414 27.63 -17.46 7.06
C ILE A 414 26.83 -18.76 7.08
N MET A 415 26.50 -19.28 5.90
CA MET A 415 25.66 -20.47 5.81
C MET A 415 26.37 -21.75 6.22
N GLU A 416 27.69 -21.79 6.03
CA GLU A 416 28.47 -22.95 6.49
C GLU A 416 28.56 -23.03 8.01
N VAL A 417 28.72 -21.88 8.67
CA VAL A 417 28.65 -21.88 10.12
C VAL A 417 27.24 -22.29 10.55
N TYR A 418 26.22 -21.70 9.94
CA TYR A 418 24.84 -22.08 10.21
C TYR A 418 24.64 -23.59 10.09
N ARG A 419 25.05 -24.15 8.96
CA ARG A 419 24.80 -25.57 8.68
C ARG A 419 25.50 -26.48 9.68
N GLN A 420 26.75 -26.17 10.02
CA GLN A 420 27.40 -26.92 11.09
C GLN A 420 26.63 -26.83 12.40
N MET A 421 26.16 -25.63 12.73
CA MET A 421 25.44 -25.40 13.98
C MET A 421 24.13 -26.16 14.04
N LYS A 422 23.46 -26.30 12.88
CA LYS A 422 22.21 -27.04 12.77
C LYS A 422 22.38 -28.52 12.39
N GLY A 423 23.60 -29.05 12.41
CA GLY A 423 23.82 -30.46 12.11
C GLY A 423 23.56 -30.90 10.67
N GLN A 424 23.68 -30.00 9.71
CA GLN A 424 23.30 -30.30 8.32
C GLN A 424 24.42 -30.69 7.36
N CYS A 425 25.66 -30.71 7.82
CA CYS A 425 26.80 -30.86 6.92
C CYS A 425 27.15 -32.31 6.56
N GLU A 426 26.34 -33.29 6.99
CA GLU A 426 26.49 -34.70 6.55
C GLU A 426 27.93 -35.19 6.72
N ALA A 427 28.63 -35.49 5.63
CA ALA A 427 29.95 -36.12 5.73
C ALA A 427 31.04 -35.25 6.36
N TYR A 428 30.87 -33.93 6.36
CA TYR A 428 31.82 -33.08 7.06
C TYR A 428 31.22 -32.40 8.30
N GLN A 429 30.10 -32.93 8.78
CA GLN A 429 29.50 -32.43 9.99
C GLN A 429 30.43 -32.61 11.19
N MET A 430 30.56 -31.57 11.99
CA MET A 430 31.33 -31.64 13.20
C MET A 430 30.63 -32.51 14.25
N LYS A 431 31.37 -33.39 14.89
CA LYS A 431 30.77 -34.31 15.90
C LYS A 431 30.36 -33.56 17.15
N LYS A 432 31.08 -32.47 17.45
CA LYS A 432 30.69 -31.55 18.49
C LYS A 432 30.03 -30.33 17.87
N ILE A 433 28.72 -30.23 18.04
CA ILE A 433 27.96 -29.13 17.49
C ILE A 433 28.51 -27.84 18.06
N PRO A 434 28.89 -26.89 17.20
CA PRO A 434 29.48 -25.64 17.71
C PRO A 434 28.47 -24.63 18.27
N ALA A 435 28.80 -24.05 19.41
CA ALA A 435 27.93 -23.06 20.05
C ALA A 435 28.17 -21.64 19.53
N LEU A 436 29.43 -21.37 19.20
CA LEU A 436 29.85 -20.07 18.73
C LEU A 436 30.69 -20.25 17.49
N GLY A 437 30.44 -19.41 16.48
CA GLY A 437 31.27 -19.39 15.28
C GLY A 437 31.55 -18.00 14.83
N ALA A 438 32.55 -17.84 13.97
CA ALA A 438 32.90 -16.54 13.43
C ALA A 438 33.22 -16.64 11.95
N THR A 439 32.92 -15.58 11.22
CA THR A 439 33.30 -15.51 9.81
C THR A 439 34.25 -14.37 9.65
N LEU A 440 35.05 -14.44 8.58
CA LEU A 440 35.91 -13.34 8.19
C LEU A 440 36.01 -13.34 6.66
N ASN A 441 35.49 -12.28 6.05
CA ASN A 441 35.36 -12.19 4.61
C ASN A 441 36.18 -10.99 4.17
N MET A 442 36.91 -11.11 3.07
CA MET A 442 37.88 -10.09 2.68
C MET A 442 37.79 -9.76 1.22
N GLY A 443 37.88 -8.47 0.92
CA GLY A 443 37.94 -8.02 -0.45
C GLY A 443 39.31 -7.44 -0.79
N GLY A 444 39.82 -7.82 -1.93
CA GLY A 444 41.11 -7.34 -2.39
C GLY A 444 42.25 -7.85 -1.53
N ASP A 445 43.36 -7.11 -1.55
CA ASP A 445 44.51 -7.43 -0.75
C ASP A 445 44.31 -6.81 0.65
N ASP A 446 43.41 -7.40 1.43
CA ASP A 446 43.07 -6.92 2.78
C ASP A 446 42.67 -5.44 2.80
N LYS A 447 41.86 -5.01 1.83
CA LYS A 447 41.36 -3.66 1.77
C LYS A 447 39.96 -3.49 2.30
N THR A 448 39.15 -4.51 2.21
CA THR A 448 37.84 -4.54 2.86
C THR A 448 37.77 -5.81 3.64
N ALA A 449 37.26 -5.74 4.86
CA ALA A 449 36.94 -6.94 5.61
C ALA A 449 35.63 -6.82 6.36
N VAL A 450 34.91 -7.93 6.42
CA VAL A 450 33.66 -8.06 7.15
C VAL A 450 33.77 -9.32 8.02
N SER A 451 33.36 -9.22 9.28
CA SER A 451 33.45 -10.34 10.20
C SER A 451 32.22 -10.39 11.07
N ALA A 452 31.74 -11.58 11.33
CA ALA A 452 30.51 -11.71 12.11
C ALA A 452 30.71 -12.78 13.17
N VAL A 453 30.03 -12.61 14.27
CA VAL A 453 29.93 -13.64 15.30
C VAL A 453 28.53 -14.25 15.34
N LEU A 454 28.51 -15.57 15.28
CA LEU A 454 27.32 -16.33 15.25
C LEU A 454 27.20 -17.16 16.52
N GLN A 455 25.99 -17.18 17.07
CA GLN A 455 25.64 -17.98 18.23
C GLN A 455 24.44 -18.90 18.00
N ASN A 456 24.67 -20.19 18.26
CA ASN A 456 23.67 -21.24 18.10
C ASN A 456 22.53 -21.05 19.07
N ILE A 457 21.36 -21.53 18.68
CA ILE A 457 20.19 -21.42 19.51
C ILE A 457 19.62 -22.81 19.68
N ALA B 28 11.02 7.20 15.06
CA ALA B 28 12.27 7.11 14.24
C ALA B 28 13.30 8.19 14.62
N SER B 29 14.58 7.87 14.48
CA SER B 29 15.60 8.92 14.44
C SER B 29 15.40 9.76 13.19
N ARG B 30 15.48 11.09 13.35
CA ARG B 30 15.40 12.03 12.24
C ARG B 30 16.75 12.10 11.50
N VAL B 31 16.70 12.51 10.24
CA VAL B 31 17.91 12.57 9.41
C VAL B 31 18.07 13.92 8.76
N PHE B 32 19.29 14.43 8.85
CA PHE B 32 19.59 15.79 8.46
C PHE B 32 20.69 15.80 7.46
N ILE B 33 20.48 16.59 6.40
CA ILE B 33 21.55 16.95 5.49
C ILE B 33 22.35 18.10 6.11
N VAL B 34 23.61 17.86 6.40
CA VAL B 34 24.46 18.87 7.01
C VAL B 34 25.12 19.75 5.95
N GLY B 35 25.45 19.17 4.81
CA GLY B 35 26.10 19.88 3.73
C GLY B 35 26.52 18.91 2.66
N GLY B 36 27.17 19.40 1.62
CA GLY B 36 27.57 18.56 0.52
C GLY B 36 28.28 19.34 -0.55
N HIS B 37 28.52 18.69 -1.68
CA HIS B 37 29.36 19.23 -2.73
C HIS B 37 29.03 18.56 -4.08
N ILE B 38 28.90 19.38 -5.11
CA ILE B 38 28.80 18.92 -6.50
C ILE B 38 29.99 19.47 -7.26
N THR B 39 30.74 18.59 -7.91
CA THR B 39 31.79 19.03 -8.82
C THR B 39 31.11 19.58 -10.05
N PRO B 40 31.83 20.36 -10.83
CA PRO B 40 31.39 20.60 -12.20
C PRO B 40 31.19 19.27 -12.90
N PHE B 41 30.19 19.18 -13.76
CA PHE B 41 29.96 17.98 -14.58
C PHE B 41 30.51 18.33 -15.95
N VAL B 42 31.40 17.47 -16.47
CA VAL B 42 32.19 17.80 -17.63
C VAL B 42 32.18 16.72 -18.72
N GLY B 43 32.22 17.15 -19.97
CA GLY B 43 32.46 16.30 -21.10
C GLY B 43 32.48 17.11 -22.38
N LYS B 44 32.28 16.45 -23.52
CA LYS B 44 32.26 17.14 -24.79
C LYS B 44 31.25 18.27 -24.74
N GLY B 45 31.69 19.46 -25.11
CA GLY B 45 30.82 20.65 -25.13
C GLY B 45 31.06 21.55 -23.97
N SER B 46 31.73 21.05 -22.92
CA SER B 46 32.09 21.90 -21.79
C SER B 46 33.46 22.51 -22.03
N PRO B 47 33.62 23.79 -21.67
CA PRO B 47 34.93 24.46 -21.74
C PRO B 47 35.89 23.91 -20.71
N LEU B 48 35.35 23.26 -19.68
CA LEU B 48 36.20 22.56 -18.68
C LEU B 48 36.77 21.23 -19.14
N PHE B 49 36.26 20.72 -20.25
CA PHE B 49 36.69 19.44 -20.78
C PHE B 49 37.87 19.65 -21.71
N ILE B 50 38.88 18.80 -21.53
CA ILE B 50 40.10 18.91 -22.23
C ILE B 50 40.08 17.98 -23.42
N ASP B 51 39.72 18.54 -24.57
CA ASP B 51 39.76 17.84 -25.85
C ASP B 51 40.60 18.71 -26.78
N LYS B 52 40.65 18.32 -28.06
CA LYS B 52 41.46 19.01 -29.05
C LYS B 52 41.25 20.54 -29.13
N LYS B 53 40.05 21.02 -28.84
CA LYS B 53 39.77 22.46 -28.78
C LYS B 53 40.20 23.15 -27.48
N HIS B 54 40.96 22.48 -26.60
CA HIS B 54 41.32 23.06 -25.30
C HIS B 54 42.80 23.45 -25.22
N PRO B 55 43.11 24.66 -24.69
CA PRO B 55 44.47 25.16 -24.48
C PRO B 55 45.41 24.12 -23.98
N ASP B 56 44.96 23.36 -23.00
CA ASP B 56 45.79 22.35 -22.34
C ASP B 56 45.77 20.99 -23.00
N PHE B 57 45.10 20.84 -24.14
CA PHE B 57 45.17 19.57 -24.85
C PHE B 57 46.64 19.16 -25.00
N GLY B 58 46.93 17.86 -24.93
CA GLY B 58 48.29 17.36 -24.95
C GLY B 58 49.05 17.62 -23.66
N LYS B 59 48.90 18.81 -23.06
CA LYS B 59 49.58 19.15 -21.80
C LYS B 59 48.98 18.43 -20.60
N LYS B 60 47.67 18.61 -20.38
CA LYS B 60 47.00 18.13 -19.17
C LYS B 60 45.79 17.28 -19.45
N LYS B 61 45.45 16.40 -18.52
CA LYS B 61 44.40 15.40 -18.72
C LYS B 61 43.20 15.75 -17.86
N ASN B 62 42.05 15.25 -18.25
CA ASN B 62 40.86 15.38 -17.38
C ASN B 62 40.99 14.52 -16.15
N MET B 63 40.20 14.83 -15.13
CA MET B 63 40.25 14.04 -13.91
C MET B 63 39.91 12.55 -14.15
N THR B 64 40.66 11.70 -13.49
CA THR B 64 40.35 10.26 -13.41
C THR B 64 39.21 10.03 -12.41
N LEU B 65 38.76 8.79 -12.33
CA LEU B 65 37.73 8.43 -11.36
C LEU B 65 38.21 8.63 -9.94
N GLU B 66 39.44 8.24 -9.67
CA GLU B 66 40.03 8.44 -8.36
C GLU B 66 40.11 9.93 -8.01
N GLU B 67 40.45 10.76 -9.00
CA GLU B 67 40.59 12.20 -8.74
C GLU B 67 39.24 12.82 -8.46
N ILE B 68 38.25 12.45 -9.24
CA ILE B 68 36.91 12.94 -8.97
C ILE B 68 36.44 12.52 -7.62
N LEU B 69 36.75 11.28 -7.24
CA LEU B 69 36.25 10.75 -5.94
C LEU B 69 36.94 11.54 -4.82
N ALA B 70 38.23 11.78 -4.99
CA ALA B 70 38.98 12.62 -4.05
C ALA B 70 38.42 14.04 -3.95
N THR B 71 38.10 14.65 -5.07
CA THR B 71 37.59 16.01 -5.06
C THR B 71 36.23 16.03 -4.39
N THR B 72 35.43 15.03 -4.68
CA THR B 72 34.08 14.97 -4.13
C THR B 72 34.08 14.78 -2.61
N VAL B 73 34.91 13.86 -2.12
CA VAL B 73 34.97 13.53 -0.72
C VAL B 73 35.49 14.73 0.05
N GLN B 74 36.56 15.35 -0.46
CA GLN B 74 37.18 16.47 0.23
C GLN B 74 36.28 17.69 0.16
N GLY B 75 35.68 17.92 -1.01
CA GLY B 75 34.77 19.02 -1.16
C GLY B 75 33.59 18.88 -0.20
N THR B 76 33.10 17.65 -0.04
CA THR B 76 31.90 17.40 0.78
C THR B 76 32.20 17.61 2.27
N MET B 77 33.40 17.22 2.67
CA MET B 77 33.82 17.41 4.06
C MET B 77 33.98 18.87 4.37
N GLU B 78 34.53 19.60 3.43
CA GLU B 78 34.79 21.03 3.59
C GLU B 78 33.47 21.78 3.81
N HIS B 79 32.56 21.69 2.84
CA HIS B 79 31.28 22.36 2.93
C HIS B 79 30.48 21.95 4.15
N SER B 80 30.66 20.73 4.62
CA SER B 80 29.88 20.25 5.77
C SER B 80 30.49 20.63 7.10
N GLY B 81 31.64 21.28 7.10
CA GLY B 81 32.27 21.78 8.33
C GLY B 81 33.04 20.71 9.09
N LEU B 82 33.59 19.73 8.37
CA LEU B 82 34.26 18.61 8.99
C LEU B 82 35.75 18.56 8.73
N SER B 83 36.29 19.54 8.00
CA SER B 83 37.74 19.60 7.76
C SER B 83 38.46 19.61 9.09
N GLY B 84 39.43 18.72 9.24
CA GLY B 84 40.14 18.59 10.49
C GLY B 84 39.45 17.77 11.57
N ARG B 85 38.22 17.31 11.34
CA ARG B 85 37.61 16.33 12.23
C ARG B 85 36.88 15.24 11.45
N GLU B 86 37.43 14.84 10.31
CA GLU B 86 36.81 13.83 9.48
C GLU B 86 36.66 12.50 10.20
N GLY B 87 37.46 12.28 11.24
CA GLY B 87 37.32 11.07 12.09
C GLY B 87 35.98 10.88 12.79
N ILE B 88 35.14 11.91 12.90
CA ILE B 88 33.78 11.71 13.47
C ILE B 88 32.75 11.17 12.47
N VAL B 89 33.10 11.18 11.17
CA VAL B 89 32.31 10.45 10.19
C VAL B 89 32.44 8.97 10.49
N ASP B 90 31.30 8.29 10.64
CA ASP B 90 31.33 6.88 11.06
C ASP B 90 31.42 5.95 9.89
N GLN B 91 30.88 6.34 8.73
CA GLN B 91 30.89 5.44 7.58
C GLN B 91 30.65 6.11 6.23
N VAL B 92 31.08 5.41 5.17
CA VAL B 92 31.08 5.94 3.82
C VAL B 92 30.42 4.97 2.87
N VAL B 93 29.57 5.50 1.98
CA VAL B 93 28.92 4.71 0.98
C VAL B 93 29.17 5.41 -0.33
N VAL B 94 29.61 4.65 -1.34
CA VAL B 94 29.84 5.19 -2.65
C VAL B 94 28.79 4.69 -3.61
N GLY B 95 28.20 5.58 -4.39
CA GLY B 95 27.35 5.18 -5.51
C GLY B 95 28.10 5.30 -6.85
N ASN B 96 28.10 4.22 -7.63
CA ASN B 96 28.81 4.18 -8.88
C ASN B 96 28.28 3.02 -9.68
N PHE B 97 28.10 3.24 -10.97
CA PHE B 97 27.52 2.21 -11.80
C PHE B 97 28.56 1.42 -12.55
N LEU B 98 29.44 2.08 -13.30
CA LEU B 98 30.28 1.41 -14.30
C LEU B 98 31.80 1.67 -14.22
N GLY B 99 32.28 2.10 -13.06
CA GLY B 99 33.70 2.27 -12.89
C GLY B 99 34.54 1.05 -13.30
N GLU B 100 34.04 -0.14 -13.02
CA GLU B 100 34.67 -1.38 -13.47
C GLU B 100 34.91 -1.43 -14.99
N LEU B 101 34.07 -0.72 -15.78
CA LEU B 101 34.15 -0.79 -17.25
C LEU B 101 34.90 0.42 -17.80
N PHE B 102 34.46 1.63 -17.43
CA PHE B 102 35.06 2.83 -17.96
C PHE B 102 36.48 3.13 -17.43
N SER B 103 36.76 2.74 -16.17
CA SER B 103 38.05 2.97 -15.50
C SER B 103 38.73 1.66 -15.03
N SER B 104 38.21 0.49 -15.40
CA SER B 104 38.79 -0.76 -14.94
C SER B 104 38.87 -0.86 -13.41
N GLN B 105 37.96 -0.22 -12.69
CA GLN B 105 38.13 -0.09 -11.23
C GLN B 105 36.85 -0.34 -10.47
N GLY B 106 36.85 -1.39 -9.67
CA GLY B 106 35.78 -1.61 -8.71
C GLY B 106 36.27 -1.30 -7.34
N HIS B 107 35.65 -1.88 -6.31
CA HIS B 107 36.15 -1.78 -4.95
C HIS B 107 36.38 -0.32 -4.55
N LEU B 108 35.42 0.56 -4.83
CA LEU B 108 35.58 1.97 -4.49
C LEU B 108 35.44 2.27 -2.98
N GLY B 109 35.06 1.29 -2.19
CA GLY B 109 35.01 1.48 -0.75
C GLY B 109 36.36 1.93 -0.23
N PRO B 110 37.40 1.13 -0.45
CA PRO B 110 38.70 1.54 0.05
C PRO B 110 39.31 2.69 -0.78
N ALA B 111 38.78 2.93 -1.99
CA ALA B 111 39.18 4.13 -2.73
C ALA B 111 38.70 5.35 -1.96
N ALA B 112 37.50 5.29 -1.43
CA ALA B 112 36.96 6.42 -0.71
C ALA B 112 37.71 6.63 0.61
N ILE B 113 38.11 5.54 1.25
CA ILE B 113 38.87 5.63 2.49
C ILE B 113 40.20 6.32 2.24
N GLY B 114 40.76 6.18 1.05
CA GLY B 114 42.01 6.85 0.72
C GLY B 114 41.82 8.19 0.03
N SER B 115 40.60 8.71 -0.02
CA SER B 115 40.32 9.85 -0.90
C SER B 115 40.58 11.19 -0.20
N LEU B 116 40.56 11.16 1.11
CA LEU B 116 40.75 12.37 1.89
C LEU B 116 42.18 12.92 1.73
N THR B 117 43.14 12.01 1.67
CA THR B 117 44.55 12.36 1.60
C THR B 117 45.14 11.85 0.29
N TYR B 118 44.33 11.82 -0.77
CA TYR B 118 44.72 11.25 -2.06
C TYR B 118 45.98 11.94 -2.61
N GLY B 119 46.98 11.14 -2.99
CA GLY B 119 48.25 11.63 -3.49
C GLY B 119 49.19 12.26 -2.46
N GLN B 120 48.91 12.11 -1.17
CA GLN B 120 49.81 12.54 -0.11
C GLN B 120 50.27 11.29 0.64
N ALA B 121 51.23 10.59 0.05
CA ALA B 121 51.78 9.33 0.55
C ALA B 121 52.15 9.35 2.05
N GLY B 122 51.87 8.24 2.73
CA GLY B 122 52.23 8.06 4.14
C GLY B 122 51.51 8.94 5.16
N SER B 123 50.56 9.76 4.71
CA SER B 123 49.89 10.73 5.55
C SER B 123 48.93 10.07 6.54
N LYS B 124 48.71 10.72 7.67
CA LYS B 124 47.79 10.22 8.66
C LYS B 124 46.35 10.30 8.08
N ASN B 125 45.57 9.24 8.27
CA ASN B 125 44.23 9.12 7.65
C ASN B 125 43.15 8.82 8.70
N PRO B 126 42.30 9.81 9.03
CA PRO B 126 41.31 9.58 10.05
C PRO B 126 40.15 8.70 9.62
N LEU B 127 40.06 8.34 8.32
CA LEU B 127 39.00 7.38 7.87
C LEU B 127 39.42 5.92 7.95
N MET B 128 40.68 5.66 8.27
CA MET B 128 41.18 4.27 8.28
C MET B 128 40.35 3.31 9.13
N TYR B 129 40.03 2.16 8.56
CA TYR B 129 39.24 1.10 9.21
C TYR B 129 37.78 1.36 9.38
N LYS B 130 37.28 2.49 8.90
CA LYS B 130 35.86 2.70 8.97
C LYS B 130 35.11 1.82 7.98
N PRO B 131 33.82 1.55 8.23
CA PRO B 131 33.08 0.84 7.18
C PRO B 131 32.90 1.66 5.90
N ALA B 132 33.08 0.98 4.77
CA ALA B 132 32.76 1.58 3.46
C ALA B 132 32.35 0.51 2.44
N MET B 133 31.57 0.93 1.45
CA MET B 133 31.17 0.01 0.38
C MET B 133 30.72 0.79 -0.83
N ARG B 134 30.59 0.06 -1.94
CA ARG B 134 29.95 0.61 -3.14
C ARG B 134 28.53 0.01 -3.29
N VAL B 135 27.53 0.86 -3.58
CA VAL B 135 26.22 0.35 -3.95
C VAL B 135 25.87 0.69 -5.40
N GLU B 136 25.00 -0.14 -5.99
CA GLU B 136 24.66 -0.04 -7.39
C GLU B 136 23.23 -0.44 -7.75
N GLY B 137 22.58 0.47 -8.48
CA GLY B 137 21.34 0.18 -9.20
C GLY B 137 21.25 1.11 -10.39
N ALA B 138 22.19 0.95 -11.31
CA ALA B 138 22.24 1.74 -12.49
C ALA B 138 22.23 3.22 -12.16
N ALA B 139 21.42 4.02 -12.83
CA ALA B 139 21.44 5.45 -12.58
C ALA B 139 20.78 5.81 -11.28
N ALA B 140 20.28 4.82 -10.55
CA ALA B 140 19.77 5.11 -9.19
C ALA B 140 20.84 4.88 -8.08
N SER B 141 22.08 4.58 -8.50
CA SER B 141 23.16 4.23 -7.55
C SER B 141 23.37 5.31 -6.49
N GLY B 142 23.27 6.58 -6.87
CA GLY B 142 23.41 7.63 -5.89
C GLY B 142 22.31 7.62 -4.83
N GLY B 143 21.07 7.50 -5.29
CA GLY B 143 19.91 7.45 -4.41
C GLY B 143 19.97 6.25 -3.48
N LEU B 144 20.36 5.09 -4.03
CA LEU B 144 20.58 3.90 -3.22
C LEU B 144 21.69 4.15 -2.20
N ALA B 145 22.68 4.96 -2.56
CA ALA B 145 23.75 5.26 -1.59
C ALA B 145 23.21 6.02 -0.39
N VAL B 146 22.37 7.02 -0.64
CA VAL B 146 21.67 7.78 0.39
C VAL B 146 20.79 6.91 1.31
N ILE B 147 20.06 5.98 0.70
CA ILE B 147 19.24 5.03 1.46
C ILE B 147 20.11 4.21 2.39
N SER B 148 21.22 3.69 1.88
CA SER B 148 22.11 2.86 2.74
C SER B 148 22.62 3.65 3.92
N ALA B 149 23.00 4.90 3.67
CA ALA B 149 23.55 5.75 4.70
C ALA B 149 22.46 6.03 5.73
N MET B 150 21.24 6.25 5.24
CA MET B 150 20.13 6.57 6.10
C MET B 150 19.75 5.39 6.99
N ASN B 151 19.79 4.19 6.45
CA ASN B 151 19.60 2.96 7.26
C ASN B 151 20.70 2.78 8.32
N ALA B 152 21.94 3.10 7.96
CA ALA B 152 23.01 3.11 8.97
C ALA B 152 22.75 4.10 10.10
N LEU B 153 22.28 5.29 9.76
CA LEU B 153 21.92 6.28 10.76
C LEU B 153 20.77 5.88 11.69
N LYS B 154 19.76 5.21 11.16
CA LYS B 154 18.62 4.79 11.98
C LYS B 154 18.88 3.46 12.70
N SER B 155 19.96 2.77 12.39
CA SER B 155 20.21 1.44 12.90
C SER B 155 21.05 1.48 14.15
N GLY B 156 21.54 2.67 14.48
CA GLY B 156 22.45 2.90 15.60
C GLY B 156 23.87 2.49 15.33
N SER B 157 24.20 2.19 14.08
CA SER B 157 25.58 1.83 13.77
C SER B 157 26.37 3.04 13.21
N ALA B 158 25.66 4.13 12.90
CA ALA B 158 26.31 5.39 12.55
C ALA B 158 25.49 6.58 13.08
N ASP B 159 26.18 7.65 13.44
CA ASP B 159 25.51 8.92 13.71
C ASP B 159 25.78 9.96 12.65
N ILE B 160 26.88 9.80 11.93
CA ILE B 160 27.24 10.66 10.82
C ILE B 160 27.75 9.77 9.68
N THR B 161 27.17 9.96 8.49
CA THR B 161 27.55 9.19 7.30
C THR B 161 27.85 10.14 6.16
N LEU B 162 28.74 9.68 5.29
CA LEU B 162 29.08 10.36 4.07
C LEU B 162 28.64 9.48 2.91
N ALA B 163 27.78 10.01 2.06
CA ALA B 163 27.32 9.32 0.84
C ALA B 163 27.82 10.12 -0.34
N VAL B 164 28.65 9.51 -1.17
CA VAL B 164 29.19 10.14 -2.36
C VAL B 164 28.85 9.31 -3.57
N GLY B 165 28.51 9.96 -4.67
CA GLY B 165 28.35 9.27 -5.94
C GLY B 165 29.28 9.82 -7.01
N VAL B 166 29.88 8.94 -7.81
CA VAL B 166 30.75 9.40 -8.86
C VAL B 166 30.66 8.59 -10.13
N GLU B 167 31.05 9.21 -11.23
CA GLU B 167 31.13 8.47 -12.47
C GLU B 167 32.07 9.12 -13.45
N VAL B 168 32.79 8.28 -14.20
CA VAL B 168 33.56 8.74 -15.34
C VAL B 168 33.14 7.96 -16.56
N GLN B 169 32.61 8.67 -17.54
CA GLN B 169 32.06 8.06 -18.75
C GLN B 169 32.74 8.54 -20.05
N THR B 170 33.64 9.51 -19.96
CA THR B 170 34.28 10.09 -21.14
C THR B 170 35.47 9.30 -21.65
N THR B 171 35.82 8.21 -21.01
CA THR B 171 36.93 7.39 -21.49
C THR B 171 36.57 6.51 -22.68
N ALA B 172 35.36 6.62 -23.22
CA ALA B 172 34.94 5.83 -24.39
C ALA B 172 33.98 6.66 -25.18
N SER B 173 33.78 6.30 -26.42
CA SER B 173 32.81 6.95 -27.26
C SER B 173 31.42 6.79 -26.66
N ALA B 174 30.49 7.62 -27.13
CA ALA B 174 29.06 7.43 -26.84
C ALA B 174 28.52 6.04 -27.30
N ARG B 175 29.01 5.51 -28.41
CA ARG B 175 28.58 4.17 -28.87
C ARG B 175 29.07 3.05 -27.93
N VAL B 176 30.32 3.11 -27.52
CA VAL B 176 30.88 2.05 -26.68
C VAL B 176 30.25 2.21 -25.32
N GLY B 177 30.08 3.46 -24.91
CA GLY B 177 29.48 3.75 -23.60
C GLY B 177 28.04 3.25 -23.53
N GLY B 178 27.33 3.36 -24.65
CA GLY B 178 25.99 2.86 -24.76
C GLY B 178 25.87 1.37 -24.52
N ASP B 179 26.89 0.61 -24.88
CA ASP B 179 26.92 -0.83 -24.58
C ASP B 179 27.21 -1.05 -23.08
N TYR B 180 28.02 -0.18 -22.48
CA TYR B 180 28.28 -0.27 -21.03
C TYR B 180 26.99 0.07 -20.28
N LEU B 181 26.35 1.18 -20.67
CA LEU B 181 25.10 1.59 -20.07
C LEU B 181 24.00 0.55 -20.22
N ALA B 182 24.07 -0.25 -21.27
CA ALA B 182 23.16 -1.37 -21.41
C ALA B 182 23.22 -2.40 -20.26
N ARG B 183 24.29 -2.38 -19.48
CA ARG B 183 24.35 -3.22 -18.26
C ARG B 183 23.18 -2.98 -17.33
N ALA B 184 22.50 -1.82 -17.51
CA ALA B 184 21.30 -1.44 -16.73
C ALA B 184 20.01 -2.07 -17.26
N ALA B 185 20.04 -2.54 -18.49
CA ALA B 185 18.90 -3.22 -19.11
C ALA B 185 19.01 -4.73 -18.88
N ASP B 186 17.99 -5.45 -19.31
CA ASP B 186 18.07 -6.89 -19.36
C ASP B 186 18.88 -7.15 -20.62
N TYR B 187 20.18 -7.39 -20.44
CA TYR B 187 21.13 -7.34 -21.53
C TYR B 187 20.90 -8.43 -22.59
N GLN B 188 20.68 -9.66 -22.16
CA GLN B 188 20.35 -10.75 -23.09
C GLN B 188 19.14 -10.40 -23.95
N ARG B 189 18.11 -9.84 -23.34
CA ARG B 189 16.86 -9.57 -24.01
C ARG B 189 16.89 -8.25 -24.82
N GLN B 190 17.61 -7.24 -24.34
CA GLN B 190 17.38 -5.89 -24.84
C GLN B 190 18.54 -5.25 -25.57
N ARG B 191 19.74 -5.83 -25.46
CA ARG B 191 20.92 -5.24 -26.07
C ARG B 191 20.76 -5.11 -27.57
N GLN B 192 20.11 -6.09 -28.16
CA GLN B 192 19.91 -6.11 -29.62
C GLN B 192 19.08 -4.98 -30.21
N LEU B 193 18.27 -4.30 -29.39
CA LEU B 193 17.49 -3.16 -29.89
C LEU B 193 18.35 -2.19 -30.64
N ASP B 194 19.52 -1.88 -30.10
CA ASP B 194 20.39 -0.84 -30.70
C ASP B 194 21.67 -0.71 -29.89
N ASP B 195 22.74 -0.28 -30.53
CA ASP B 195 23.98 -0.03 -29.80
C ASP B 195 23.68 1.00 -28.71
N PHE B 196 22.87 1.99 -29.06
CA PHE B 196 22.36 2.93 -28.08
C PHE B 196 21.12 2.39 -27.38
N THR B 197 21.32 1.41 -26.53
CA THR B 197 20.24 0.63 -25.99
C THR B 197 19.26 1.46 -25.22
N PHE B 198 19.78 2.32 -24.35
CA PHE B 198 18.87 3.12 -23.56
C PHE B 198 18.12 4.20 -24.33
N PRO B 199 18.84 4.95 -25.14
CA PRO B 199 18.13 5.89 -25.99
C PRO B 199 17.02 5.17 -26.73
N CYS B 200 17.31 3.99 -27.27
CA CYS B 200 16.30 3.25 -28.02
C CYS B 200 15.10 2.83 -27.15
N LEU B 201 15.34 2.41 -25.91
CA LEU B 201 14.25 2.05 -25.02
C LEU B 201 13.33 3.22 -24.73
N PHE B 202 13.87 4.41 -24.68
CA PHE B 202 13.03 5.59 -24.45
C PHE B 202 12.33 6.08 -25.74
N ALA B 203 12.99 5.87 -26.89
CA ALA B 203 12.43 6.13 -28.18
C ALA B 203 11.24 5.23 -28.39
N LYS B 204 11.38 3.97 -27.94
CA LYS B 204 10.28 2.99 -27.99
C LYS B 204 9.11 3.40 -27.12
N ARG B 205 9.38 3.93 -25.93
CA ARG B 205 8.32 4.54 -25.12
C ARG B 205 7.64 5.67 -25.91
N MET B 206 8.43 6.48 -26.60
CA MET B 206 7.89 7.69 -27.27
C MET B 206 6.95 7.30 -28.38
N LYS B 207 7.28 6.25 -29.11
CA LYS B 207 6.42 5.77 -30.17
C LYS B 207 5.02 5.44 -29.63
N TYR B 208 4.99 4.65 -28.57
CA TYR B 208 3.74 4.29 -27.90
C TYR B 208 3.05 5.53 -27.35
N ILE B 209 3.83 6.42 -26.77
CA ILE B 209 3.32 7.65 -26.24
C ILE B 209 2.66 8.50 -27.32
N ALA B 210 3.29 8.56 -28.49
CA ALA B 210 2.75 9.32 -29.61
C ALA B 210 1.46 8.71 -30.14
N GLU B 211 1.44 7.39 -30.28
CA GLU B 211 0.30 6.68 -30.80
C GLU B 211 -0.89 6.84 -29.88
N HIS B 212 -0.66 7.15 -28.59
CA HIS B 212 -1.75 7.24 -27.60
C HIS B 212 -1.98 8.69 -27.29
N ASN B 213 -1.34 9.55 -28.06
CA ASN B 213 -1.46 11.00 -27.90
C ASN B 213 -1.25 11.46 -26.47
N HIS B 214 -0.30 10.84 -25.78
CA HIS B 214 -0.09 11.15 -24.36
C HIS B 214 0.62 12.49 -24.20
N PHE B 215 1.62 12.71 -25.05
CA PHE B 215 2.24 14.00 -25.25
C PHE B 215 3.03 13.92 -26.55
N THR B 216 3.64 15.04 -26.96
CA THR B 216 4.24 15.14 -28.29
C THR B 216 5.74 15.41 -28.25
N MET B 217 6.33 15.28 -29.45
CA MET B 217 7.71 15.64 -29.63
C MET B 217 7.96 17.13 -29.55
N GLU B 218 6.91 17.93 -29.71
CA GLU B 218 7.01 19.35 -29.37
C GLU B 218 7.25 19.50 -27.86
N ASP B 219 6.43 18.78 -27.11
CA ASP B 219 6.43 18.84 -25.66
C ASP B 219 7.81 18.50 -25.11
N THR B 220 8.42 17.44 -25.64
CA THR B 220 9.72 17.04 -25.18
C THR B 220 10.80 18.07 -25.56
N ALA B 221 10.62 18.76 -26.68
CA ALA B 221 11.50 19.82 -27.10
C ALA B 221 11.38 21.00 -26.14
N ARG B 222 10.19 21.24 -25.61
CA ARG B 222 10.02 22.31 -24.61
C ARG B 222 10.74 21.97 -23.32
N VAL B 223 10.77 20.69 -22.99
CA VAL B 223 11.57 20.24 -21.84
C VAL B 223 13.04 20.57 -22.05
N ALA B 224 13.57 20.23 -23.23
CA ALA B 224 14.96 20.54 -23.53
C ALA B 224 15.24 22.05 -23.48
N ALA B 225 14.36 22.85 -24.05
CA ALA B 225 14.56 24.32 -24.05
C ALA B 225 14.66 24.81 -22.66
N LYS B 226 13.77 24.35 -21.79
CA LYS B 226 13.85 24.72 -20.38
C LYS B 226 15.18 24.32 -19.76
N ALA B 227 15.63 23.10 -20.03
CA ALA B 227 16.85 22.55 -19.38
C ALA B 227 18.07 23.35 -19.76
N TYR B 228 18.23 23.59 -21.05
CA TYR B 228 19.35 24.38 -21.53
C TYR B 228 19.31 25.85 -21.00
N ALA B 229 18.13 26.43 -20.89
CA ALA B 229 18.02 27.78 -20.36
C ALA B 229 18.47 27.78 -18.89
N ASN B 230 18.04 26.76 -18.15
CA ASN B 230 18.46 26.63 -16.76
C ASN B 230 19.95 26.36 -16.62
N GLY B 231 20.48 25.46 -17.46
CA GLY B 231 21.93 25.23 -17.57
C GLY B 231 22.76 26.50 -17.82
N ASN B 232 22.26 27.36 -18.72
CA ASN B 232 22.93 28.62 -19.05
C ASN B 232 23.18 29.46 -17.81
N LYS B 233 22.40 29.24 -16.74
CA LYS B 233 22.60 29.97 -15.48
C LYS B 233 23.39 29.17 -14.44
N ASN B 234 24.01 28.09 -14.86
CA ASN B 234 24.67 27.20 -13.94
C ASN B 234 26.08 26.82 -14.40
N PRO B 235 27.07 27.46 -13.82
CA PRO B 235 28.45 27.19 -14.26
C PRO B 235 28.92 25.77 -14.00
N LEU B 236 28.25 25.04 -13.12
CA LEU B 236 28.59 23.61 -12.88
C LEU B 236 28.08 22.71 -14.02
N ALA B 237 27.16 23.21 -14.83
CA ALA B 237 26.52 22.43 -15.85
C ALA B 237 27.40 22.08 -17.06
N HIS B 238 27.44 20.80 -17.39
CA HIS B 238 28.08 20.29 -18.56
C HIS B 238 27.78 21.19 -19.78
N MET B 239 26.51 21.46 -20.02
CA MET B 239 26.09 22.28 -21.15
C MET B 239 25.91 23.78 -20.85
N HIS B 240 26.52 24.28 -19.78
CA HIS B 240 26.42 25.72 -19.44
C HIS B 240 26.55 26.69 -20.62
N THR B 241 27.53 26.46 -21.50
CA THR B 241 27.79 27.39 -22.61
C THR B 241 27.01 27.08 -23.89
N ARG B 242 26.21 26.02 -23.91
CA ARG B 242 25.42 25.76 -25.09
C ARG B 242 24.02 26.35 -24.96
N LYS B 243 23.61 27.15 -25.96
CA LYS B 243 22.25 27.66 -26.06
C LYS B 243 21.47 26.99 -27.19
N LEU B 244 20.24 26.61 -26.87
CA LEU B 244 19.38 25.98 -27.86
C LEU B 244 17.99 26.58 -27.72
N THR B 245 17.41 26.94 -28.85
CA THR B 245 16.04 27.44 -28.88
C THR B 245 15.09 26.25 -28.91
N PHE B 246 13.84 26.52 -28.60
CA PHE B 246 12.80 25.53 -28.78
C PHE B 246 12.87 24.94 -30.17
N GLU B 247 12.96 25.80 -31.17
CA GLU B 247 12.95 25.34 -32.54
C GLU B 247 14.10 24.37 -32.80
N GLN B 248 15.29 24.68 -32.29
CA GLN B 248 16.44 23.79 -32.48
C GLN B 248 16.17 22.40 -31.88
N CYS B 249 15.74 22.39 -30.61
CA CYS B 249 15.39 21.18 -29.89
C CYS B 249 14.25 20.43 -30.53
N ASN B 250 13.41 21.16 -31.25
CA ASN B 250 12.28 20.57 -31.97
C ASN B 250 12.63 20.00 -33.33
N GLY B 251 13.90 20.06 -33.69
CA GLY B 251 14.40 19.31 -34.86
C GLY B 251 14.68 20.16 -36.08
N GLU B 252 14.39 21.46 -36.03
CA GLU B 252 14.50 22.36 -37.19
C GLU B 252 15.94 22.58 -37.56
N ASP B 253 16.83 22.35 -36.61
CA ASP B 253 18.25 22.26 -36.86
C ASP B 253 18.60 20.84 -37.37
N PRO B 254 19.23 20.72 -38.55
CA PRO B 254 19.65 19.38 -39.03
C PRO B 254 20.87 18.78 -38.29
N SER B 255 21.65 19.60 -37.60
CA SER B 255 22.67 19.08 -36.68
C SER B 255 22.08 18.35 -35.39
N ASN B 256 20.81 18.61 -35.07
CA ASN B 256 20.09 17.86 -34.04
C ASN B 256 19.54 16.57 -34.65
N VAL B 257 20.45 15.63 -34.86
CA VAL B 257 20.21 14.41 -35.64
C VAL B 257 19.30 13.43 -34.92
N LYS B 258 18.47 12.72 -35.68
CA LYS B 258 17.84 11.52 -35.18
C LYS B 258 18.78 10.34 -35.44
N PHE B 259 19.58 10.03 -34.42
CA PHE B 259 20.82 9.27 -34.60
C PHE B 259 20.72 7.77 -34.39
N LEU B 260 19.57 7.28 -33.97
CA LEU B 260 19.46 5.84 -33.72
C LEU B 260 19.61 5.04 -35.01
N GLY B 261 20.00 3.77 -34.89
CA GLY B 261 20.04 2.83 -36.03
C GLY B 261 18.76 2.07 -36.23
N ASN B 262 18.03 1.77 -35.15
CA ASN B 262 16.80 0.98 -35.23
C ASN B 262 15.73 1.74 -36.03
N GLU B 263 15.32 1.17 -37.17
CA GLU B 263 14.36 1.81 -38.08
C GLU B 263 13.00 2.04 -37.42
N THR B 264 12.59 1.12 -36.56
CA THR B 264 11.28 1.25 -35.88
C THR B 264 11.15 2.46 -34.95
N TYR B 265 12.27 2.87 -34.35
CA TYR B 265 12.20 3.87 -33.28
C TYR B 265 12.96 5.13 -33.55
N LYS B 266 13.80 5.07 -34.59
CA LYS B 266 14.66 6.18 -35.05
C LYS B 266 14.01 7.59 -35.06
N GLU B 267 12.76 7.68 -35.47
CA GLU B 267 12.11 9.00 -35.64
C GLU B 267 11.63 9.65 -34.39
N TYR B 268 11.75 8.94 -33.26
CA TYR B 268 11.21 9.45 -31.99
C TYR B 268 12.25 10.09 -31.00
N LEU B 269 13.50 10.18 -31.43
CA LEU B 269 14.55 10.66 -30.55
C LEU B 269 15.57 11.54 -31.28
N ARG B 270 15.78 12.73 -30.76
CA ARG B 270 16.79 13.64 -31.25
C ARG B 270 17.94 13.75 -30.22
N MET B 271 19.10 14.17 -30.68
CA MET B 271 20.25 14.31 -29.81
C MET B 271 19.94 15.21 -28.59
N THR B 272 19.19 16.28 -28.82
CA THR B 272 18.84 17.19 -27.75
C THR B 272 17.87 16.58 -26.69
N ASP B 273 17.28 15.44 -26.99
CA ASP B 273 16.40 14.76 -26.06
C ASP B 273 17.20 13.93 -25.07
N CYS B 274 18.52 13.87 -25.22
CA CYS B 274 19.32 12.93 -24.47
C CYS B 274 20.14 13.57 -23.38
N SER B 275 20.25 12.87 -22.24
CA SER B 275 21.16 13.26 -21.18
C SER B 275 22.61 13.11 -21.66
N GLN B 276 23.51 13.81 -20.98
CA GLN B 276 24.90 13.92 -21.38
C GLN B 276 25.73 12.78 -20.89
N VAL B 277 26.75 12.47 -21.68
CA VAL B 277 27.85 11.64 -21.23
C VAL B 277 28.82 12.52 -20.42
N SER B 278 28.66 12.52 -19.09
CA SER B 278 29.41 13.42 -18.21
C SER B 278 30.27 12.68 -17.21
N ASP B 279 31.29 13.40 -16.73
CA ASP B 279 32.11 12.98 -15.60
C ASP B 279 31.87 13.89 -14.43
N GLY B 280 31.78 13.33 -13.23
CA GLY B 280 31.51 14.16 -12.08
C GLY B 280 31.20 13.47 -10.77
N GLY B 281 30.98 14.29 -9.72
CA GLY B 281 30.73 13.75 -8.40
C GLY B 281 29.79 14.59 -7.58
N ALA B 282 29.08 13.95 -6.67
CA ALA B 282 28.28 14.68 -5.73
C ALA B 282 28.33 13.95 -4.43
N GLY B 283 28.33 14.71 -3.35
CA GLY B 283 28.45 14.13 -2.02
C GLY B 283 27.62 14.90 -1.03
N VAL B 284 27.25 14.21 0.05
CA VAL B 284 26.36 14.77 1.04
C VAL B 284 26.78 14.12 2.35
N VAL B 285 26.82 14.93 3.40
CA VAL B 285 26.96 14.42 4.73
C VAL B 285 25.60 14.38 5.41
N LEU B 286 25.23 13.20 5.92
CA LEU B 286 23.97 13.02 6.65
C LEU B 286 24.21 12.69 8.09
N ALA B 287 23.33 13.17 8.96
CA ALA B 287 23.49 12.96 10.40
C ALA B 287 22.16 12.74 11.09
N ASN B 288 22.20 11.98 12.19
CA ASN B 288 21.05 11.91 13.08
C ASN B 288 21.24 12.96 14.16
N GLU B 289 20.33 13.00 15.12
CA GLU B 289 20.39 14.00 16.19
C GLU B 289 21.68 13.87 17.02
N GLU B 290 22.13 12.64 17.32
CA GLU B 290 23.39 12.43 18.03
C GLU B 290 24.61 12.92 17.19
N GLY B 291 24.54 12.74 15.88
CA GLY B 291 25.56 13.29 15.00
C GLY B 291 25.57 14.80 14.97
N LEU B 292 24.41 15.44 15.05
CA LEU B 292 24.37 16.89 15.10
C LEU B 292 25.05 17.36 16.40
N ARG B 293 24.69 16.71 17.49
CA ARG B 293 25.25 16.98 18.83
C ARG B 293 26.78 16.92 18.73
N LYS B 294 27.29 15.85 18.14
CA LYS B 294 28.73 15.65 17.97
C LYS B 294 29.41 16.74 17.18
N MET B 295 28.69 17.31 16.23
CA MET B 295 29.23 18.36 15.36
C MET B 295 29.05 19.74 16.01
N GLY B 296 28.39 19.77 17.16
CA GLY B 296 28.11 21.02 17.86
C GLY B 296 26.99 21.76 17.22
N LEU B 297 25.97 21.05 16.74
CA LEU B 297 24.91 21.68 15.98
C LEU B 297 23.56 21.40 16.61
N SER B 298 22.67 22.36 16.47
CA SER B 298 21.29 22.20 16.88
C SER B 298 20.42 21.74 15.68
N PRO B 299 19.32 20.99 15.95
CA PRO B 299 18.32 20.60 14.95
C PRO B 299 17.58 21.74 14.25
N ASN B 300 17.71 22.96 14.74
CA ASN B 300 17.09 24.13 14.10
C ASN B 300 18.12 24.93 13.38
N ASP B 301 19.36 24.45 13.32
CA ASP B 301 20.38 25.20 12.63
C ASP B 301 19.98 25.43 11.16
N SER B 302 20.05 26.67 10.72
CA SER B 302 19.57 27.04 9.38
C SER B 302 20.45 26.54 8.22
N ARG B 303 21.57 25.88 8.50
CA ARG B 303 22.33 25.20 7.44
C ARG B 303 21.76 23.81 7.07
N LEU B 304 20.80 23.34 7.85
CA LEU B 304 20.28 21.96 7.70
C LEU B 304 19.04 21.88 6.82
N VAL B 305 18.85 20.69 6.27
CA VAL B 305 17.61 20.28 5.62
C VAL B 305 17.29 18.87 6.14
N GLU B 306 16.01 18.61 6.44
CA GLU B 306 15.65 17.34 7.00
C GLU B 306 15.20 16.47 5.84
N ILE B 307 15.67 15.24 5.80
CA ILE B 307 15.03 14.26 4.96
C ILE B 307 13.87 13.66 5.74
N LYS B 308 12.64 14.09 5.40
CA LYS B 308 11.42 13.57 6.06
C LYS B 308 11.18 12.09 5.71
N SER B 309 11.41 11.72 4.45
CA SER B 309 11.27 10.34 4.00
C SER B 309 12.16 10.03 2.82
N ILE B 310 12.46 8.75 2.67
CA ILE B 310 13.07 8.23 1.47
C ILE B 310 12.44 6.86 1.20
N ALA B 311 12.35 6.46 -0.08
CA ALA B 311 11.73 5.20 -0.41
C ALA B 311 12.29 4.66 -1.72
N CYS B 312 12.41 3.34 -1.75
CA CYS B 312 12.92 2.61 -2.86
C CYS B 312 11.89 1.60 -3.34
N ALA B 313 11.67 1.52 -4.66
CA ALA B 313 10.79 0.52 -5.26
C ALA B 313 11.53 -0.06 -6.45
N VAL B 314 11.44 -1.39 -6.63
CA VAL B 314 12.15 -2.03 -7.71
C VAL B 314 11.22 -3.04 -8.37
N SER B 315 11.15 -3.00 -9.71
CA SER B 315 10.32 -3.92 -10.49
C SER B 315 11.17 -5.04 -11.09
N ASN B 316 10.59 -5.78 -12.01
CA ASN B 316 11.25 -6.95 -12.64
C ASN B 316 12.08 -6.57 -13.90
N LEU B 317 13.40 -6.81 -13.84
CA LEU B 317 14.29 -6.49 -14.95
C LEU B 317 13.85 -7.16 -16.24
N TYR B 318 13.34 -8.38 -16.10
CA TYR B 318 13.07 -9.30 -17.21
C TYR B 318 11.75 -9.05 -17.92
N GLU B 319 10.83 -8.32 -17.30
CA GLU B 319 9.52 -8.06 -17.89
C GLU B 319 9.14 -6.58 -17.87
N ASP B 320 8.59 -6.09 -18.99
CA ASP B 320 8.12 -4.72 -19.09
C ASP B 320 6.59 -4.62 -19.09
N PRO B 321 6.03 -3.58 -18.47
CA PRO B 321 4.61 -3.36 -18.61
C PRO B 321 4.26 -2.87 -20.01
N ASP B 322 3.03 -3.04 -20.43
CA ASP B 322 2.62 -2.57 -21.76
C ASP B 322 2.52 -1.06 -21.82
N ASP B 323 2.07 -0.42 -20.73
CA ASP B 323 1.75 1.00 -20.79
C ASP B 323 2.99 1.86 -20.66
N ALA B 324 3.59 2.17 -21.79
CA ALA B 324 4.76 3.00 -21.82
C ALA B 324 4.52 4.42 -21.37
N CYS B 325 3.25 4.82 -21.23
CA CYS B 325 2.92 6.14 -20.74
C CYS B 325 2.92 6.26 -19.22
N CYS B 326 3.18 5.15 -18.52
CA CYS B 326 3.28 5.20 -17.05
C CYS B 326 4.56 4.55 -16.55
N MET B 327 5.30 5.28 -15.71
CA MET B 327 6.48 4.71 -15.03
C MET B 327 6.02 4.16 -13.69
N PHE B 328 5.49 2.94 -13.72
CA PHE B 328 4.88 2.33 -12.56
C PHE B 328 5.83 2.25 -11.33
N THR B 329 7.12 1.99 -11.57
CA THR B 329 8.04 1.82 -10.47
C THR B 329 8.35 3.16 -9.82
N SER B 330 8.69 4.15 -10.64
CA SER B 330 8.95 5.51 -10.11
C SER B 330 7.73 6.04 -9.40
N ARG B 331 6.55 5.75 -9.91
CA ARG B 331 5.32 6.17 -9.22
C ARG B 331 5.16 5.51 -7.84
N GLN B 332 5.46 4.21 -7.74
CA GLN B 332 5.45 3.57 -6.43
C GLN B 332 6.38 4.22 -5.43
N ALA B 333 7.61 4.45 -5.82
CA ALA B 333 8.59 5.13 -4.94
C ALA B 333 8.12 6.53 -4.52
N ALA B 334 7.67 7.33 -5.46
CA ALA B 334 7.22 8.70 -5.14
C ALA B 334 6.03 8.67 -4.18
N GLN B 335 5.11 7.77 -4.45
CA GLN B 335 3.92 7.59 -3.59
C GLN B 335 4.26 7.21 -2.14
N LYS B 336 5.10 6.20 -1.95
CA LYS B 336 5.55 5.82 -0.61
C LYS B 336 6.21 7.03 0.07
N ALA B 337 7.14 7.70 -0.62
CA ALA B 337 7.89 8.76 0.02
C ALA B 337 7.00 9.91 0.50
N LEU B 338 6.10 10.36 -0.36
CA LEU B 338 5.23 11.49 0.00
C LEU B 338 4.26 11.08 1.10
N SER B 339 3.76 9.87 1.01
CA SER B 339 2.96 9.28 2.06
C SER B 339 3.67 9.18 3.44
N MET B 340 4.88 8.63 3.48
CA MET B 340 5.66 8.60 4.72
C MET B 340 5.90 10.00 5.23
N ALA B 341 6.00 10.99 4.33
CA ALA B 341 6.21 12.39 4.72
C ALA B 341 4.94 13.10 5.08
N ASN B 342 3.84 12.37 4.95
CA ASN B 342 2.50 12.94 5.05
C ASN B 342 2.30 14.28 4.34
N ILE B 343 2.67 14.30 3.07
CA ILE B 343 2.38 15.44 2.21
C ILE B 343 1.84 14.94 0.88
N LYS B 344 1.43 15.87 0.04
CA LYS B 344 0.93 15.54 -1.27
C LYS B 344 1.74 16.32 -2.30
N PRO B 345 1.67 15.90 -3.58
CA PRO B 345 2.46 16.56 -4.62
C PRO B 345 2.22 18.06 -4.66
N SER B 346 0.98 18.48 -4.44
CA SER B 346 0.63 19.91 -4.49
C SER B 346 1.33 20.76 -3.41
N ASP B 347 1.78 20.14 -2.32
CA ASP B 347 2.56 20.81 -1.31
C ASP B 347 4.05 21.06 -1.70
N LEU B 348 4.51 20.49 -2.81
CA LEU B 348 5.94 20.56 -3.15
C LEU B 348 6.22 21.92 -3.72
N ASN B 349 7.35 22.52 -3.33
CA ASN B 349 7.79 23.82 -3.85
C ASN B 349 8.86 23.71 -4.88
N VAL B 350 9.53 22.57 -4.94
CA VAL B 350 10.60 22.32 -5.88
C VAL B 350 10.79 20.81 -6.06
N ALA B 351 11.25 20.39 -7.23
CA ALA B 351 11.57 18.99 -7.42
C ALA B 351 12.76 18.78 -8.33
N GLU B 352 13.42 17.65 -8.13
CA GLU B 352 14.47 17.20 -8.98
C GLU B 352 14.05 15.80 -9.51
N VAL B 353 14.01 15.64 -10.82
CA VAL B 353 13.53 14.37 -11.42
C VAL B 353 14.51 13.90 -12.46
N HIS B 354 14.41 12.61 -12.77
CA HIS B 354 15.40 11.88 -13.53
C HIS B 354 15.18 12.02 -15.05
N ASP B 355 15.62 13.13 -15.61
CA ASP B 355 15.39 13.44 -17.03
C ASP B 355 16.45 12.80 -17.90
N CYS B 356 16.56 11.46 -17.86
CA CYS B 356 17.62 10.82 -18.62
C CYS B 356 17.35 11.07 -20.09
N PHE B 357 16.07 11.27 -20.41
CA PHE B 357 15.64 11.81 -21.67
C PHE B 357 14.54 12.83 -21.43
N THR B 358 14.30 13.70 -22.41
CA THR B 358 13.19 14.65 -22.29
C THR B 358 11.92 13.88 -22.02
N ILE B 359 11.80 12.74 -22.69
CA ILE B 359 10.67 11.81 -22.60
C ILE B 359 10.46 11.36 -21.15
N ALA B 360 11.55 11.07 -20.46
CA ALA B 360 11.45 10.71 -19.06
C ALA B 360 11.05 11.88 -18.17
N GLU B 361 11.49 13.09 -18.44
CA GLU B 361 11.03 14.24 -17.57
C GLU B 361 9.50 14.31 -17.58
N MET B 362 8.89 14.14 -18.76
CA MET B 362 7.43 14.23 -18.88
C MET B 362 6.78 13.14 -18.04
N LEU B 363 7.26 11.90 -18.19
CA LEU B 363 6.76 10.79 -17.42
C LEU B 363 6.96 10.94 -15.90
N MET B 364 8.06 11.60 -15.53
CA MET B 364 8.39 11.84 -14.13
C MET B 364 7.41 12.81 -13.46
N TYR B 365 6.93 13.81 -14.22
CA TYR B 365 5.98 14.76 -13.68
C TYR B 365 4.75 13.98 -13.23
N GLU B 366 4.34 13.00 -14.01
CA GLU B 366 3.17 12.20 -13.68
C GLU B 366 3.48 11.12 -12.63
N ALA B 367 4.68 10.54 -12.67
CA ALA B 367 5.07 9.55 -11.64
C ALA B 367 5.19 10.22 -10.26
N LEU B 368 5.77 11.42 -10.20
CA LEU B 368 5.84 12.19 -8.95
C LEU B 368 4.45 12.60 -8.44
N GLY B 369 3.54 12.91 -9.36
CA GLY B 369 2.17 13.26 -9.02
C GLY B 369 1.83 14.73 -9.23
N ILE B 370 2.80 15.55 -9.64
CA ILE B 370 2.54 16.99 -9.89
C ILE B 370 1.69 17.19 -11.13
N ALA B 371 1.52 16.14 -11.90
CA ALA B 371 0.60 16.14 -13.01
C ALA B 371 -0.17 14.83 -12.96
N GLU B 372 -1.45 14.85 -13.34
CA GLU B 372 -2.21 13.62 -13.40
C GLU B 372 -1.85 12.86 -14.69
N TYR B 373 -2.32 11.63 -14.80
CA TYR B 373 -2.03 10.82 -15.94
C TYR B 373 -2.48 11.58 -17.16
N GLY B 374 -1.58 11.73 -18.12
CA GLY B 374 -1.91 12.42 -19.35
C GLY B 374 -1.89 13.94 -19.29
N HIS B 375 -1.48 14.51 -18.17
CA HIS B 375 -1.48 15.95 -18.04
C HIS B 375 -0.12 16.58 -17.86
N ALA B 376 0.96 15.82 -18.03
CA ALA B 376 2.31 16.45 -18.06
C ALA B 376 2.41 17.48 -19.19
N LYS B 377 1.77 17.18 -20.30
CA LYS B 377 1.66 18.14 -21.39
C LYS B 377 1.18 19.53 -20.94
N ASP B 378 0.21 19.59 -20.04
CA ASP B 378 -0.33 20.88 -19.57
C ASP B 378 0.76 21.65 -18.90
N LEU B 379 1.45 20.97 -17.98
CA LEU B 379 2.51 21.57 -17.19
C LEU B 379 3.61 22.20 -18.07
N ILE B 380 4.08 21.46 -19.07
CA ILE B 380 5.17 21.95 -19.88
C ILE B 380 4.71 23.01 -20.87
N ARG B 381 3.49 22.86 -21.40
CA ARG B 381 2.91 23.89 -22.27
C ARG B 381 2.62 25.20 -21.53
N ASN B 382 2.42 25.11 -20.23
CA ASN B 382 2.11 26.26 -19.44
C ASN B 382 3.28 26.93 -18.69
N GLY B 383 4.47 26.35 -18.76
CA GLY B 383 5.64 26.83 -18.01
C GLY B 383 5.64 26.56 -16.49
N ASP B 384 4.79 25.65 -16.01
CA ASP B 384 4.69 25.38 -14.54
C ASP B 384 5.97 24.84 -13.89
N THR B 385 6.86 24.24 -14.70
CA THR B 385 8.09 23.68 -14.18
C THR B 385 9.34 24.51 -14.47
N THR B 386 9.17 25.69 -15.06
CA THR B 386 10.30 26.62 -15.27
C THR B 386 10.66 27.20 -13.90
N LEU B 387 11.80 27.90 -13.83
CA LEU B 387 12.21 28.62 -12.58
C LEU B 387 11.14 29.52 -12.01
N GLU B 388 10.33 30.11 -12.90
CA GLU B 388 9.27 31.07 -12.55
C GLU B 388 7.90 30.41 -12.42
N GLY B 389 7.81 29.11 -12.67
CA GLY B 389 6.54 28.39 -12.54
C GLY B 389 6.21 28.05 -11.09
N ARG B 390 5.04 27.49 -10.88
CA ARG B 390 4.61 27.18 -9.53
C ARG B 390 5.26 25.92 -8.95
N ILE B 391 5.83 25.06 -9.81
CA ILE B 391 6.57 23.87 -9.34
C ILE B 391 7.84 23.70 -10.17
N PRO B 392 8.85 24.50 -9.85
CA PRO B 392 10.06 24.41 -10.64
C PRO B 392 10.72 23.04 -10.53
N VAL B 393 11.17 22.51 -11.67
CA VAL B 393 11.84 21.21 -11.71
C VAL B 393 13.20 21.31 -12.42
N ASN B 394 14.19 20.62 -11.84
CA ASN B 394 15.54 20.57 -12.41
C ASN B 394 16.08 22.00 -12.72
N THR B 395 16.11 22.82 -11.67
CA THR B 395 16.40 24.25 -11.78
C THR B 395 17.80 24.56 -12.34
N GLY B 396 18.73 23.64 -12.14
CA GLY B 396 20.10 23.79 -12.57
C GLY B 396 20.41 23.21 -13.94
N GLY B 397 19.42 22.59 -14.58
CA GLY B 397 19.58 22.03 -15.94
C GLY B 397 19.34 20.54 -16.11
N GLY B 398 19.18 19.81 -15.03
CA GLY B 398 18.86 18.38 -15.14
C GLY B 398 19.96 17.50 -15.72
N LEU B 399 19.61 16.23 -15.93
CA LEU B 399 20.52 15.32 -16.61
C LEU B 399 20.81 15.76 -18.05
N LEU B 400 19.87 16.50 -18.63
CA LEU B 400 20.01 17.03 -20.01
C LEU B 400 21.07 18.13 -20.14
N SER B 401 21.12 19.07 -19.20
CA SER B 401 22.07 20.18 -19.26
C SER B 401 23.15 20.13 -18.19
N PHE B 402 22.75 20.00 -16.94
CA PHE B 402 23.71 19.85 -15.86
C PHE B 402 24.59 18.64 -16.24
N GLY B 403 23.96 17.58 -16.70
CA GLY B 403 24.69 16.42 -17.14
C GLY B 403 24.41 15.24 -16.29
N HIS B 404 24.94 14.10 -16.68
CA HIS B 404 24.59 12.84 -16.07
C HIS B 404 25.80 11.88 -15.90
N PRO B 405 26.67 12.12 -14.92
CA PRO B 405 27.63 11.11 -14.43
C PRO B 405 26.80 10.19 -13.58
N VAL B 406 26.49 9.02 -14.13
CA VAL B 406 25.39 8.23 -13.65
C VAL B 406 25.32 8.07 -12.11
N GLY B 407 26.39 7.55 -11.52
CA GLY B 407 26.46 7.38 -10.07
C GLY B 407 26.27 8.67 -9.26
N ALA B 408 26.67 9.82 -9.80
CA ALA B 408 26.54 11.04 -9.06
C ALA B 408 25.11 11.57 -9.00
N THR B 409 24.34 11.27 -10.04
CA THR B 409 23.05 11.96 -10.25
C THR B 409 22.13 12.00 -9.02
N GLY B 410 21.92 10.85 -8.39
CA GLY B 410 21.00 10.74 -7.24
C GLY B 410 21.36 11.64 -6.10
N ILE B 411 22.63 11.81 -5.83
CA ILE B 411 23.05 12.68 -4.75
C ILE B 411 23.01 14.12 -5.21
N LYS B 412 23.37 14.38 -6.46
CA LYS B 412 23.23 15.72 -7.02
C LYS B 412 21.82 16.21 -6.83
N GLN B 413 20.84 15.37 -7.15
CA GLN B 413 19.42 15.74 -6.99
C GLN B 413 19.13 16.22 -5.57
N ILE B 414 19.62 15.46 -4.60
CA ILE B 414 19.49 15.83 -3.18
C ILE B 414 20.14 17.18 -2.92
N MET B 415 21.33 17.39 -3.46
CA MET B 415 22.09 18.60 -3.19
C MET B 415 21.55 19.82 -3.89
N GLU B 416 20.90 19.65 -5.04
CA GLU B 416 20.25 20.75 -5.70
C GLU B 416 19.03 21.22 -4.92
N VAL B 417 18.23 20.30 -4.40
CA VAL B 417 17.13 20.72 -3.57
C VAL B 417 17.69 21.42 -2.35
N TYR B 418 18.69 20.83 -1.72
CA TYR B 418 19.38 21.49 -0.60
C TYR B 418 19.83 22.93 -0.94
N ARG B 419 20.56 23.09 -2.02
CA ARG B 419 21.13 24.38 -2.37
C ARG B 419 20.07 25.42 -2.64
N GLN B 420 19.00 25.06 -3.34
CA GLN B 420 17.88 25.96 -3.50
C GLN B 420 17.28 26.35 -2.16
N MET B 421 17.13 25.37 -1.29
CA MET B 421 16.59 25.62 0.05
C MET B 421 17.48 26.55 0.90
N LYS B 422 18.80 26.45 0.71
CA LYS B 422 19.76 27.28 1.44
C LYS B 422 20.16 28.55 0.70
N GLY B 423 19.48 28.89 -0.41
CA GLY B 423 19.78 30.12 -1.15
C GLY B 423 21.13 30.15 -1.84
N GLN B 424 21.66 29.00 -2.16
CA GLN B 424 23.05 28.93 -2.70
C GLN B 424 23.17 28.83 -4.23
N CYS B 425 22.05 28.86 -4.96
CA CYS B 425 22.07 28.61 -6.42
C CYS B 425 22.37 29.82 -7.34
N GLU B 426 22.70 30.97 -6.76
CA GLU B 426 23.21 32.14 -7.52
C GLU B 426 22.27 32.48 -8.68
N ALA B 427 22.73 32.33 -9.92
CA ALA B 427 21.96 32.80 -11.07
C ALA B 427 20.67 32.03 -11.33
N TYR B 428 20.54 30.81 -10.82
CA TYR B 428 19.27 30.06 -10.94
C TYR B 428 18.57 29.86 -9.60
N GLN B 429 18.96 30.64 -8.59
CA GLN B 429 18.32 30.60 -7.30
C GLN B 429 16.85 31.00 -7.44
N MET B 430 15.99 30.22 -6.79
CA MET B 430 14.58 30.52 -6.75
C MET B 430 14.34 31.76 -5.87
N LYS B 431 13.53 32.70 -6.34
CA LYS B 431 13.25 33.88 -5.54
C LYS B 431 12.43 33.56 -4.29
N LYS B 432 11.55 32.57 -4.38
CA LYS B 432 10.80 32.08 -3.22
C LYS B 432 11.50 30.83 -2.74
N ILE B 433 12.15 30.96 -1.59
CA ILE B 433 12.87 29.87 -0.99
C ILE B 433 11.91 28.71 -0.73
N PRO B 434 12.24 27.51 -1.20
CA PRO B 434 11.26 26.42 -1.09
C PRO B 434 11.27 25.77 0.30
N ALA B 435 10.08 25.49 0.85
CA ALA B 435 9.96 24.82 2.15
C ALA B 435 10.03 23.31 2.03
N LEU B 436 9.46 22.81 0.95
CA LEU B 436 9.40 21.37 0.71
C LEU B 436 9.90 21.06 -0.66
N GLY B 437 10.70 19.99 -0.78
CA GLY B 437 11.12 19.52 -2.09
C GLY B 437 11.06 18.01 -2.18
N ALA B 438 11.11 17.49 -3.39
CA ALA B 438 11.16 16.07 -3.59
C ALA B 438 12.16 15.69 -4.67
N THR B 439 12.75 14.51 -4.53
CA THR B 439 13.61 13.98 -5.59
C THR B 439 12.99 12.69 -6.11
N LEU B 440 13.36 12.32 -7.33
CA LEU B 440 12.98 11.04 -7.94
C LEU B 440 14.09 10.58 -8.87
N ASN B 441 14.74 9.48 -8.49
CA ASN B 441 15.96 9.02 -9.11
C ASN B 441 15.65 7.64 -9.63
N MET B 442 16.09 7.33 -10.84
CA MET B 442 15.64 6.12 -11.53
C MET B 442 16.80 5.38 -12.17
N GLY B 443 16.80 4.05 -12.03
CA GLY B 443 17.79 3.22 -12.65
C GLY B 443 17.16 2.36 -13.73
N GLY B 444 17.84 2.30 -14.86
CA GLY B 444 17.31 1.56 -15.99
C GLY B 444 16.01 2.13 -16.58
N ASP B 445 15.26 1.28 -17.25
CA ASP B 445 14.00 1.68 -17.84
C ASP B 445 12.89 1.55 -16.77
N ASP B 446 12.90 2.48 -15.81
CA ASP B 446 11.99 2.42 -14.68
C ASP B 446 11.98 1.07 -13.94
N LYS B 447 13.16 0.52 -13.68
CA LYS B 447 13.28 -0.71 -12.91
C LYS B 447 13.67 -0.50 -11.44
N THR B 448 14.45 0.53 -11.13
CA THR B 448 14.73 0.91 -9.77
C THR B 448 14.33 2.39 -9.63
N ALA B 449 13.65 2.75 -8.55
CA ALA B 449 13.42 4.16 -8.27
C ALA B 449 13.62 4.44 -6.79
N VAL B 450 14.17 5.62 -6.50
CA VAL B 450 14.39 6.13 -5.14
C VAL B 450 13.87 7.54 -5.09
N SER B 451 13.10 7.87 -4.06
CA SER B 451 12.44 9.17 -3.99
C SER B 451 12.52 9.64 -2.59
N ALA B 452 12.79 10.92 -2.41
CA ALA B 452 12.94 11.46 -1.06
C ALA B 452 12.20 12.78 -0.91
N VAL B 453 11.73 13.05 0.31
CA VAL B 453 11.08 14.30 0.61
C VAL B 453 11.97 15.05 1.56
N LEU B 454 12.23 16.30 1.17
CA LEU B 454 13.11 17.16 1.86
C LEU B 454 12.32 18.35 2.39
N GLN B 455 12.62 18.70 3.65
CA GLN B 455 12.01 19.83 4.35
C GLN B 455 13.06 20.77 4.92
N ASN B 456 12.92 22.02 4.52
CA ASN B 456 13.82 23.06 4.91
C ASN B 456 13.73 23.30 6.40
N ILE B 457 14.79 23.85 6.96
CA ILE B 457 14.83 24.18 8.40
C ILE B 457 15.31 25.63 8.60
N ALA C 28 -16.14 6.04 -20.44
CA ALA C 28 -16.63 5.66 -19.07
C ALA C 28 -15.64 4.66 -18.41
N SER C 29 -15.40 4.84 -17.12
CA SER C 29 -14.35 4.11 -16.45
C SER C 29 -14.69 2.63 -16.22
N ARG C 30 -13.71 1.76 -16.52
CA ARG C 30 -13.79 0.30 -16.26
C ARG C 30 -13.49 -0.01 -14.80
N VAL C 31 -14.05 -1.12 -14.30
CA VAL C 31 -13.95 -1.44 -12.89
C VAL C 31 -13.39 -2.83 -12.74
N PHE C 32 -12.40 -2.94 -11.88
CA PHE C 32 -11.66 -4.15 -11.73
C PHE C 32 -11.71 -4.62 -10.28
N ILE C 33 -11.92 -5.93 -10.11
CA ILE C 33 -11.71 -6.59 -8.86
C ILE C 33 -10.23 -6.92 -8.76
N VAL C 34 -9.58 -6.34 -7.78
CA VAL C 34 -8.15 -6.56 -7.60
C VAL C 34 -7.90 -7.78 -6.70
N GLY C 35 -8.77 -7.99 -5.72
CA GLY C 35 -8.64 -9.13 -4.80
C GLY C 35 -9.69 -9.04 -3.73
N GLY C 36 -9.67 -9.97 -2.79
CA GLY C 36 -10.63 -9.97 -1.72
C GLY C 36 -10.43 -11.13 -0.78
N HIS C 37 -11.39 -11.30 0.14
CA HIS C 37 -11.25 -12.21 1.27
C HIS C 37 -12.60 -12.64 1.81
N ILE C 38 -12.76 -13.94 2.01
CA ILE C 38 -13.94 -14.51 2.69
C ILE C 38 -13.49 -15.22 3.94
N THR C 39 -14.04 -14.86 5.08
CA THR C 39 -13.74 -15.58 6.31
C THR C 39 -14.46 -16.92 6.22
N PRO C 40 -14.09 -17.87 7.07
CA PRO C 40 -14.99 -18.99 7.32
C PRO C 40 -16.34 -18.45 7.78
N PHE C 41 -17.42 -19.11 7.36
CA PHE C 41 -18.74 -18.79 7.81
C PHE C 41 -19.04 -19.83 8.90
N VAL C 42 -19.45 -19.36 10.07
CA VAL C 42 -19.56 -20.21 11.26
C VAL C 42 -20.89 -20.07 12.03
N GLY C 43 -21.36 -21.17 12.57
CA GLY C 43 -22.51 -21.21 13.48
C GLY C 43 -22.81 -22.65 13.90
N LYS C 44 -24.01 -22.90 14.42
CA LYS C 44 -24.34 -24.23 14.91
C LYS C 44 -24.14 -25.27 13.81
N GLY C 45 -23.40 -26.33 14.12
CA GLY C 45 -23.08 -27.38 13.16
C GLY C 45 -21.67 -27.28 12.63
N SER C 46 -21.03 -26.13 12.79
CA SER C 46 -19.64 -25.98 12.39
C SER C 46 -18.74 -26.32 13.55
N PRO C 47 -17.66 -27.09 13.30
CA PRO C 47 -16.64 -27.36 14.33
C PRO C 47 -15.91 -26.10 14.76
N LEU C 48 -15.94 -25.05 13.91
CA LEU C 48 -15.34 -23.74 14.28
C LEU C 48 -16.19 -22.91 15.26
N PHE C 49 -17.44 -23.33 15.46
CA PHE C 49 -18.36 -22.65 16.36
C PHE C 49 -18.30 -23.18 17.81
N ILE C 50 -18.18 -22.24 18.75
CA ILE C 50 -17.90 -22.55 20.13
C ILE C 50 -19.19 -22.52 20.92
N ASP C 51 -19.78 -23.69 21.10
CA ASP C 51 -20.94 -23.86 21.96
C ASP C 51 -20.61 -24.88 23.05
N LYS C 52 -21.61 -25.22 23.88
CA LYS C 52 -21.38 -26.08 25.05
C LYS C 52 -20.65 -27.39 24.74
N LYS C 53 -20.85 -27.93 23.54
CA LYS C 53 -20.15 -29.15 23.12
C LYS C 53 -18.71 -28.91 22.67
N HIS C 54 -18.18 -27.70 22.79
CA HIS C 54 -16.86 -27.41 22.19
C HIS C 54 -15.79 -27.38 23.27
N PRO C 55 -14.61 -28.00 23.00
CA PRO C 55 -13.46 -28.02 23.91
C PRO C 55 -13.22 -26.69 24.62
N ASP C 56 -13.26 -25.62 23.84
CA ASP C 56 -12.98 -24.28 24.36
C ASP C 56 -14.17 -23.55 24.95
N PHE C 57 -15.33 -24.20 25.05
CA PHE C 57 -16.46 -23.54 25.70
C PHE C 57 -16.04 -23.01 27.05
N GLY C 58 -16.56 -21.85 27.44
CA GLY C 58 -16.12 -21.18 28.66
C GLY C 58 -14.75 -20.53 28.56
N LYS C 59 -13.79 -21.20 27.92
CA LYS C 59 -12.43 -20.67 27.74
C LYS C 59 -12.39 -19.54 26.72
N LYS C 60 -12.86 -19.82 25.50
CA LYS C 60 -12.75 -18.89 24.37
C LYS C 60 -14.09 -18.62 23.72
N LYS C 61 -14.23 -17.42 23.17
CA LYS C 61 -15.50 -16.96 22.63
C LYS C 61 -15.42 -16.91 21.10
N ASN C 62 -16.57 -16.96 20.45
CA ASN C 62 -16.63 -16.69 19.03
C ASN C 62 -16.36 -15.22 18.72
N MET C 63 -15.92 -14.94 17.50
CA MET C 63 -15.62 -13.55 17.14
C MET C 63 -16.85 -12.63 17.30
N THR C 64 -16.59 -11.43 17.78
CA THR C 64 -17.59 -10.34 17.78
C THR C 64 -17.72 -9.73 16.37
N LEU C 65 -18.70 -8.81 16.20
CA LEU C 65 -18.86 -8.09 14.92
C LEU C 65 -17.63 -7.27 14.58
N GLU C 66 -17.06 -6.63 15.60
CA GLU C 66 -15.86 -5.84 15.42
C GLU C 66 -14.68 -6.73 15.01
N GLU C 67 -14.58 -7.91 15.60
CA GLU C 67 -13.48 -8.83 15.27
C GLU C 67 -13.60 -9.37 13.84
N ILE C 68 -14.81 -9.77 13.44
CA ILE C 68 -15.03 -10.16 12.08
C ILE C 68 -14.78 -9.04 11.07
N LEU C 69 -15.15 -7.81 11.41
CA LEU C 69 -14.93 -6.69 10.52
C LEU C 69 -13.43 -6.43 10.40
N ALA C 70 -12.72 -6.50 11.52
CA ALA C 70 -11.23 -6.40 11.53
C ALA C 70 -10.56 -7.50 10.71
N THR C 71 -10.99 -8.73 10.86
CA THR C 71 -10.41 -9.84 10.09
C THR C 71 -10.69 -9.65 8.61
N THR C 72 -11.90 -9.22 8.29
CA THR C 72 -12.29 -9.10 6.89
C THR C 72 -11.49 -7.98 6.18
N VAL C 73 -11.37 -6.83 6.86
CA VAL C 73 -10.75 -5.65 6.30
C VAL C 73 -9.29 -5.96 6.10
N GLN C 74 -8.65 -6.54 7.12
CA GLN C 74 -7.23 -6.86 7.02
C GLN C 74 -6.97 -7.96 6.00
N GLY C 75 -7.82 -8.99 6.03
CA GLY C 75 -7.64 -10.08 5.08
C GLY C 75 -7.76 -9.59 3.65
N THR C 76 -8.71 -8.67 3.41
CA THR C 76 -8.99 -8.20 2.07
C THR C 76 -7.81 -7.35 1.57
N MET C 77 -7.22 -6.55 2.46
CA MET C 77 -6.07 -5.72 2.12
C MET C 77 -4.88 -6.60 1.78
N GLU C 78 -4.72 -7.68 2.54
CA GLU C 78 -3.60 -8.60 2.34
C GLU C 78 -3.68 -9.23 0.96
N HIS C 79 -4.78 -9.94 0.70
CA HIS C 79 -4.92 -10.61 -0.58
C HIS C 79 -4.87 -9.65 -1.76
N SER C 80 -5.26 -8.40 -1.57
CA SER C 80 -5.28 -7.46 -2.68
C SER C 80 -3.94 -6.80 -2.90
N GLY C 81 -2.96 -7.10 -2.06
CA GLY C 81 -1.59 -6.57 -2.20
C GLY C 81 -1.39 -5.18 -1.64
N LEU C 82 -2.17 -4.81 -0.62
CA LEU C 82 -2.18 -3.43 -0.13
C LEU C 82 -1.59 -3.33 1.24
N SER C 83 -1.14 -4.43 1.83
CA SER C 83 -0.50 -4.37 3.18
C SER C 83 0.66 -3.43 3.12
N GLY C 84 0.69 -2.47 4.04
CA GLY C 84 1.77 -1.48 4.04
C GLY C 84 1.55 -0.29 3.10
N ARG C 85 0.48 -0.31 2.29
CA ARG C 85 0.06 0.89 1.59
C ARG C 85 -1.47 1.08 1.58
N GLU C 86 -2.09 0.81 2.71
CA GLU C 86 -3.55 0.91 2.81
C GLU C 86 -4.02 2.35 2.56
N GLY C 87 -3.15 3.31 2.75
CA GLY C 87 -3.47 4.73 2.54
C GLY C 87 -3.86 5.07 1.11
N ILE C 88 -3.60 4.20 0.14
CA ILE C 88 -4.06 4.48 -1.25
C ILE C 88 -5.51 4.08 -1.54
N VAL C 89 -6.10 3.28 -0.64
CA VAL C 89 -7.56 3.10 -0.65
C VAL C 89 -8.20 4.45 -0.39
N ASP C 90 -9.14 4.86 -1.24
CA ASP C 90 -9.75 6.18 -1.11
C ASP C 90 -10.95 6.14 -0.22
N GLN C 91 -11.64 4.99 -0.15
CA GLN C 91 -12.90 4.90 0.54
C GLN C 91 -13.34 3.54 0.93
N VAL C 92 -14.22 3.47 1.93
CA VAL C 92 -14.73 2.21 2.44
C VAL C 92 -16.25 2.22 2.54
N VAL C 93 -16.89 1.15 2.06
CA VAL C 93 -18.32 0.96 2.20
C VAL C 93 -18.54 -0.40 2.92
N VAL C 94 -19.35 -0.39 3.95
CA VAL C 94 -19.67 -1.58 4.70
C VAL C 94 -21.10 -2.01 4.42
N GLY C 95 -21.31 -3.27 4.09
CA GLY C 95 -22.69 -3.82 4.03
C GLY C 95 -23.00 -4.62 5.29
N ASN C 96 -24.12 -4.34 5.91
CA ASN C 96 -24.53 -4.99 7.13
C ASN C 96 -26.02 -4.75 7.33
N PHE C 97 -26.74 -5.77 7.75
CA PHE C 97 -28.17 -5.65 7.90
C PHE C 97 -28.59 -5.32 9.33
N LEU C 98 -28.14 -6.08 10.31
CA LEU C 98 -28.77 -6.02 11.65
C LEU C 98 -27.79 -5.82 12.82
N GLY C 99 -26.60 -5.34 12.55
CA GLY C 99 -25.62 -5.14 13.62
C GLY C 99 -26.18 -4.35 14.79
N GLU C 100 -26.99 -3.35 14.50
CA GLU C 100 -27.68 -2.55 15.48
C GLU C 100 -28.56 -3.39 16.44
N LEU C 101 -29.00 -4.58 15.98
CA LEU C 101 -29.85 -5.44 16.83
C LEU C 101 -29.04 -6.55 17.47
N PHE C 102 -28.31 -7.31 16.67
CA PHE C 102 -27.56 -8.48 17.18
C PHE C 102 -26.36 -8.13 18.08
N SER C 103 -25.73 -6.99 17.79
CA SER C 103 -24.53 -6.54 18.48
C SER C 103 -24.68 -5.14 19.06
N SER C 104 -25.88 -4.57 19.05
CA SER C 104 -26.07 -3.21 19.60
C SER C 104 -25.13 -2.20 18.96
N GLN C 105 -24.79 -2.39 17.69
CA GLN C 105 -23.77 -1.56 17.06
C GLN C 105 -24.14 -1.10 15.65
N GLY C 106 -24.37 0.19 15.49
CA GLY C 106 -24.53 0.78 14.18
C GLY C 106 -23.25 1.54 13.85
N HIS C 107 -23.34 2.48 12.90
CA HIS C 107 -22.18 3.35 12.59
C HIS C 107 -20.93 2.56 12.27
N LEU C 108 -21.04 1.54 11.42
CA LEU C 108 -19.88 0.71 11.11
C LEU C 108 -18.88 1.42 10.19
N GLY C 109 -19.23 2.60 9.69
CA GLY C 109 -18.26 3.37 8.91
C GLY C 109 -16.95 3.64 9.67
N PRO C 110 -17.06 4.28 10.83
CA PRO C 110 -15.87 4.48 11.60
C PRO C 110 -15.33 3.23 12.25
N ALA C 111 -16.16 2.20 12.37
CA ALA C 111 -15.65 0.87 12.85
C ALA C 111 -14.67 0.35 11.80
N ALA C 112 -14.99 0.54 10.53
CA ALA C 112 -14.14 0.04 9.47
C ALA C 112 -12.85 0.83 9.41
N ILE C 113 -12.95 2.12 9.65
CA ILE C 113 -11.76 3.00 9.69
C ILE C 113 -10.79 2.53 10.76
N GLY C 114 -11.32 1.98 11.85
CA GLY C 114 -10.46 1.52 12.93
C GLY C 114 -10.20 0.03 12.86
N SER C 115 -10.55 -0.60 11.75
CA SER C 115 -10.46 -2.06 11.69
C SER C 115 -9.08 -2.58 11.30
N LEU C 116 -8.31 -1.72 10.67
CA LEU C 116 -7.00 -2.12 10.17
C LEU C 116 -6.05 -2.39 11.34
N THR C 117 -6.16 -1.56 12.37
CA THR C 117 -5.28 -1.60 13.52
C THR C 117 -6.10 -1.91 14.77
N TYR C 118 -7.15 -2.71 14.60
CA TYR C 118 -8.07 -3.03 15.69
C TYR C 118 -7.34 -3.62 16.88
N GLY C 119 -7.56 -3.06 18.07
CA GLY C 119 -6.90 -3.51 19.31
C GLY C 119 -5.40 -3.18 19.45
N GLN C 120 -4.86 -2.31 18.62
CA GLN C 120 -3.50 -1.80 18.76
C GLN C 120 -3.56 -0.30 19.04
N ALA C 121 -3.85 0.03 20.29
CA ALA C 121 -4.03 1.41 20.77
C ALA C 121 -2.97 2.42 20.28
N GLY C 122 -3.42 3.63 19.95
CA GLY C 122 -2.55 4.75 19.57
C GLY C 122 -1.79 4.62 18.26
N SER C 123 -1.98 3.50 17.56
CA SER C 123 -1.20 3.16 16.37
C SER C 123 -1.48 4.10 15.19
N LYS C 124 -0.51 4.27 14.31
CA LYS C 124 -0.69 5.08 13.09
C LYS C 124 -1.72 4.42 12.17
N ASN C 125 -2.64 5.20 11.64
CA ASN C 125 -3.80 4.61 10.91
C ASN C 125 -3.92 5.30 9.58
N PRO C 126 -3.51 4.61 8.52
CA PRO C 126 -3.59 5.25 7.21
C PRO C 126 -5.02 5.42 6.62
N LEU C 127 -6.04 4.87 7.25
CA LEU C 127 -7.42 5.14 6.80
C LEU C 127 -8.08 6.40 7.40
N MET C 128 -7.44 7.03 8.37
CA MET C 128 -8.04 8.16 9.06
C MET C 128 -8.53 9.26 8.13
N TYR C 129 -9.73 9.72 8.39
CA TYR C 129 -10.37 10.79 7.65
C TYR C 129 -10.89 10.44 6.29
N LYS C 130 -10.74 9.19 5.88
CA LYS C 130 -11.28 8.79 4.58
C LYS C 130 -12.82 8.66 4.65
N PRO C 131 -13.50 8.80 3.50
CA PRO C 131 -14.93 8.54 3.53
C PRO C 131 -15.30 7.08 3.83
N ALA C 132 -16.32 6.91 4.64
CA ALA C 132 -16.86 5.58 4.93
C ALA C 132 -18.32 5.64 5.30
N MET C 133 -19.02 4.55 5.02
CA MET C 133 -20.43 4.46 5.37
C MET C 133 -20.93 3.05 5.39
N ARG C 134 -22.08 2.83 6.05
CA ARG C 134 -22.78 1.53 6.01
C ARG C 134 -23.99 1.64 5.08
N VAL C 135 -24.18 0.64 4.23
CA VAL C 135 -25.37 0.59 3.41
C VAL C 135 -26.18 -0.64 3.76
N GLU C 136 -27.48 -0.57 3.50
CA GLU C 136 -28.41 -1.62 3.89
C GLU C 136 -29.65 -1.78 2.97
N GLY C 137 -29.85 -3.02 2.56
CA GLY C 137 -31.07 -3.49 1.92
C GLY C 137 -31.24 -4.98 2.22
N ALA C 138 -31.43 -5.28 3.49
CA ALA C 138 -31.62 -6.65 3.94
C ALA C 138 -30.47 -7.52 3.39
N ALA C 139 -30.77 -8.67 2.84
CA ALA C 139 -29.70 -9.62 2.46
C ALA C 139 -29.03 -9.16 1.15
N ALA C 140 -29.49 -8.04 0.58
CA ALA C 140 -28.78 -7.44 -0.53
C ALA C 140 -27.78 -6.35 -0.10
N SER C 141 -27.59 -6.21 1.22
CA SER C 141 -26.64 -5.20 1.73
C SER C 141 -25.24 -5.27 1.10
N GLY C 142 -24.72 -6.49 0.92
CA GLY C 142 -23.38 -6.63 0.35
C GLY C 142 -23.29 -6.17 -1.09
N GLY C 143 -24.28 -6.58 -1.88
CA GLY C 143 -24.40 -6.12 -3.25
C GLY C 143 -24.54 -4.60 -3.38
N LEU C 144 -25.37 -4.01 -2.52
CA LEU C 144 -25.52 -2.56 -2.47
C LEU C 144 -24.21 -1.90 -2.13
N ALA C 145 -23.41 -2.55 -1.29
CA ALA C 145 -22.12 -2.00 -0.93
C ALA C 145 -21.18 -1.91 -2.16
N VAL C 146 -21.16 -2.94 -2.98
CA VAL C 146 -20.43 -2.97 -4.24
C VAL C 146 -20.89 -1.91 -5.24
N ILE C 147 -22.19 -1.73 -5.35
CA ILE C 147 -22.77 -0.65 -6.18
C ILE C 147 -22.33 0.71 -5.76
N SER C 148 -22.41 0.98 -4.47
CA SER C 148 -21.93 2.29 -3.96
C SER C 148 -20.48 2.51 -4.32
N ALA C 149 -19.65 1.49 -4.15
CA ALA C 149 -18.20 1.62 -4.34
C ALA C 149 -17.98 1.89 -5.81
N MET C 150 -18.75 1.19 -6.64
CA MET C 150 -18.58 1.32 -8.07
C MET C 150 -19.00 2.69 -8.59
N ASN C 151 -20.07 3.24 -8.03
CA ASN C 151 -20.44 4.61 -8.31
C ASN C 151 -19.36 5.61 -7.84
N ALA C 152 -18.73 5.37 -6.70
CA ALA C 152 -17.61 6.19 -6.23
C ALA C 152 -16.44 6.12 -7.22
N LEU C 153 -16.17 4.93 -7.77
CA LEU C 153 -15.13 4.76 -8.78
C LEU C 153 -15.41 5.45 -10.14
N LYS C 154 -16.65 5.43 -10.60
CA LYS C 154 -17.00 6.07 -11.87
C LYS C 154 -17.34 7.55 -11.72
N SER C 155 -17.41 8.05 -10.48
CA SER C 155 -17.84 9.42 -10.25
C SER C 155 -16.68 10.37 -10.17
N GLY C 156 -15.47 9.79 -10.14
CA GLY C 156 -14.23 10.53 -9.92
C GLY C 156 -13.93 10.91 -8.48
N SER C 157 -14.67 10.38 -7.53
CA SER C 157 -14.37 10.67 -6.15
C SER C 157 -13.51 9.55 -5.51
N ALA C 158 -13.33 8.43 -6.19
CA ALA C 158 -12.42 7.40 -5.75
C ALA C 158 -11.79 6.70 -6.94
N ASP C 159 -10.55 6.25 -6.77
CA ASP C 159 -9.92 5.37 -7.74
C ASP C 159 -9.75 3.96 -7.20
N ILE C 160 -9.71 3.81 -5.88
CA ILE C 160 -9.64 2.52 -5.24
C ILE C 160 -10.63 2.53 -4.08
N THR C 161 -11.49 1.51 -4.02
CA THR C 161 -12.48 1.40 -2.97
C THR C 161 -12.44 0.00 -2.36
N LEU C 162 -12.76 -0.05 -1.09
CA LEU C 162 -12.86 -1.27 -0.35
C LEU C 162 -14.34 -1.45 0.05
N ALA C 163 -14.94 -2.56 -0.36
CA ALA C 163 -16.32 -2.90 -0.01
C ALA C 163 -16.27 -4.14 0.81
N VAL C 164 -16.73 -4.07 2.06
CA VAL C 164 -16.78 -5.22 2.95
C VAL C 164 -18.18 -5.39 3.43
N GLY C 165 -18.59 -6.63 3.56
CA GLY C 165 -19.88 -6.97 4.16
C GLY C 165 -19.68 -7.91 5.33
N VAL C 166 -20.36 -7.64 6.43
CA VAL C 166 -20.27 -8.50 7.61
C VAL C 166 -21.58 -8.72 8.35
N GLU C 167 -21.64 -9.83 9.10
CA GLU C 167 -22.82 -10.09 9.92
C GLU C 167 -22.52 -11.01 11.04
N VAL C 168 -23.09 -10.71 12.21
CA VAL C 168 -23.09 -11.65 13.32
C VAL C 168 -24.53 -11.89 13.77
N GLN C 169 -24.96 -13.15 13.66
CA GLN C 169 -26.35 -13.53 13.93
C GLN C 169 -26.50 -14.56 15.02
N THR C 170 -25.37 -15.09 15.49
CA THR C 170 -25.40 -16.18 16.42
C THR C 170 -25.53 -15.71 17.87
N THR C 171 -25.60 -14.40 18.11
CA THR C 171 -25.82 -13.88 19.46
C THR C 171 -27.28 -13.93 19.93
N ALA C 172 -28.19 -14.57 19.19
CA ALA C 172 -29.57 -14.74 19.66
C ALA C 172 -30.13 -16.05 19.17
N SER C 173 -31.22 -16.51 19.80
CA SER C 173 -31.93 -17.72 19.37
C SER C 173 -32.51 -17.53 17.98
N ALA C 174 -32.90 -18.63 17.34
CA ALA C 174 -33.58 -18.58 16.05
C ALA C 174 -34.90 -17.82 16.18
N ARG C 175 -35.52 -17.92 17.33
CA ARG C 175 -36.76 -17.29 17.63
C ARG C 175 -36.64 -15.75 17.65
N VAL C 176 -35.66 -15.29 18.39
CA VAL C 176 -35.38 -13.86 18.51
C VAL C 176 -34.79 -13.33 17.20
N GLY C 177 -33.93 -14.12 16.56
CA GLY C 177 -33.33 -13.73 15.30
C GLY C 177 -34.34 -13.59 14.18
N GLY C 178 -35.35 -14.48 14.17
CA GLY C 178 -36.40 -14.49 13.20
C GLY C 178 -37.21 -13.22 13.26
N ASP C 179 -37.36 -12.64 14.44
CA ASP C 179 -38.01 -11.32 14.58
C ASP C 179 -37.10 -10.17 14.12
N TYR C 180 -35.79 -10.28 14.34
CA TYR C 180 -34.84 -9.32 13.77
C TYR C 180 -34.80 -9.38 12.24
N LEU C 181 -34.72 -10.58 11.69
CA LEU C 181 -34.78 -10.77 10.25
C LEU C 181 -36.05 -10.26 9.62
N ALA C 182 -37.12 -10.27 10.38
CA ALA C 182 -38.40 -9.74 9.88
C ALA C 182 -38.33 -8.22 9.58
N ARG C 183 -37.27 -7.55 10.04
CA ARG C 183 -37.01 -6.18 9.63
C ARG C 183 -36.91 -6.02 8.11
N ALA C 184 -36.68 -7.14 7.40
CA ALA C 184 -36.57 -7.12 5.94
C ALA C 184 -37.94 -7.18 5.25
N ALA C 185 -38.94 -7.57 6.01
CA ALA C 185 -40.31 -7.67 5.48
C ALA C 185 -41.02 -6.37 5.74
N ASP C 186 -42.24 -6.27 5.26
CA ASP C 186 -43.13 -5.17 5.67
C ASP C 186 -43.61 -5.62 7.05
N TYR C 187 -42.97 -5.09 8.10
CA TYR C 187 -43.13 -5.68 9.44
C TYR C 187 -44.57 -5.60 9.98
N GLN C 188 -45.18 -4.42 9.89
CA GLN C 188 -46.57 -4.25 10.31
C GLN C 188 -47.49 -5.25 9.66
N ARG C 189 -47.31 -5.43 8.37
CA ARG C 189 -48.19 -6.27 7.58
C ARG C 189 -47.87 -7.75 7.71
N GLN C 190 -46.60 -8.13 7.84
CA GLN C 190 -46.20 -9.53 7.57
C GLN C 190 -45.64 -10.27 8.76
N ARG C 191 -45.30 -9.55 9.83
CA ARG C 191 -44.72 -10.19 11.01
C ARG C 191 -45.63 -11.27 11.62
N GLN C 192 -46.91 -11.04 11.56
CA GLN C 192 -47.90 -12.02 12.07
C GLN C 192 -48.03 -13.37 11.33
N LEU C 193 -47.57 -13.51 10.09
CA LEU C 193 -47.56 -14.82 9.41
C LEU C 193 -46.97 -15.92 10.27
N ASP C 194 -45.86 -15.63 10.93
CA ASP C 194 -45.14 -16.67 11.68
C ASP C 194 -43.95 -16.01 12.37
N ASP C 195 -43.51 -16.58 13.49
CA ASP C 195 -42.28 -16.11 14.15
C ASP C 195 -41.09 -16.29 13.21
N PHE C 196 -41.12 -17.36 12.43
CA PHE C 196 -40.23 -17.52 11.30
C PHE C 196 -40.80 -16.86 10.05
N THR C 197 -40.81 -15.52 10.07
CA THR C 197 -41.48 -14.77 9.06
C THR C 197 -40.97 -15.05 7.67
N PHE C 198 -39.66 -15.06 7.50
CA PHE C 198 -39.14 -15.27 6.16
C PHE C 198 -39.30 -16.69 5.64
N PRO C 199 -38.97 -17.66 6.46
CA PRO C 199 -39.23 -19.01 6.01
C PRO C 199 -40.69 -19.14 5.56
N CYS C 200 -41.60 -18.57 6.33
CA CYS C 200 -43.03 -18.64 6.00
C CYS C 200 -43.38 -17.97 4.68
N LEU C 201 -42.77 -16.84 4.39
CA LEU C 201 -43.03 -16.19 3.13
C LEU C 201 -42.59 -17.03 1.94
N PHE C 202 -41.54 -17.81 2.10
CA PHE C 202 -41.08 -18.65 1.00
C PHE C 202 -41.89 -19.95 0.92
N ALA C 203 -42.34 -20.45 2.06
CA ALA C 203 -43.24 -21.59 2.13
C ALA C 203 -44.52 -21.24 1.41
N LYS C 204 -44.98 -20.00 1.59
CA LYS C 204 -46.16 -19.48 0.91
C LYS C 204 -45.97 -19.42 -0.58
N ARG C 205 -44.80 -18.97 -1.03
CA ARG C 205 -44.48 -19.09 -2.45
C ARG C 205 -44.60 -20.55 -2.92
N MET C 206 -44.09 -21.48 -2.11
CA MET C 206 -44.00 -22.88 -2.54
C MET C 206 -45.37 -23.48 -2.74
N LYS C 207 -46.31 -23.12 -1.87
CA LYS C 207 -47.70 -23.59 -1.99
C LYS C 207 -48.27 -23.20 -3.34
N TYR C 208 -48.15 -21.92 -3.69
CA TYR C 208 -48.58 -21.42 -5.00
C TYR C 208 -47.81 -22.09 -6.14
N ILE C 209 -46.52 -22.26 -5.93
CA ILE C 209 -45.67 -22.95 -6.93
C ILE C 209 -46.16 -24.38 -7.18
N ALA C 210 -46.51 -25.07 -6.10
CA ALA C 210 -46.97 -26.46 -6.16
C ALA C 210 -48.32 -26.56 -6.87
N GLU C 211 -49.22 -25.64 -6.51
CA GLU C 211 -50.55 -25.59 -7.11
C GLU C 211 -50.51 -25.31 -8.59
N HIS C 212 -49.43 -24.69 -9.08
CA HIS C 212 -49.30 -24.36 -10.50
C HIS C 212 -48.31 -25.29 -11.16
N ASN C 213 -47.92 -26.34 -10.46
CA ASN C 213 -46.93 -27.33 -10.96
C ASN C 213 -45.68 -26.71 -11.55
N HIS C 214 -45.20 -25.63 -10.94
CA HIS C 214 -44.07 -24.91 -11.51
C HIS C 214 -42.80 -25.71 -11.29
N PHE C 215 -42.68 -26.24 -10.08
CA PHE C 215 -41.66 -27.26 -9.76
C PHE C 215 -42.09 -27.92 -8.46
N THR C 216 -41.32 -28.89 -7.99
CA THR C 216 -41.73 -29.72 -6.84
C THR C 216 -40.78 -29.68 -5.65
N MET C 217 -41.26 -30.26 -4.57
CA MET C 217 -40.44 -30.42 -3.39
C MET C 217 -39.33 -31.46 -3.54
N GLU C 218 -39.44 -32.34 -4.54
CA GLU C 218 -38.29 -33.16 -4.95
C GLU C 218 -37.20 -32.27 -5.53
N ASP C 219 -37.62 -31.39 -6.44
CA ASP C 219 -36.74 -30.48 -7.10
C ASP C 219 -35.93 -29.62 -6.13
N THR C 220 -36.59 -29.06 -5.13
CA THR C 220 -35.90 -28.26 -4.12
C THR C 220 -34.95 -29.10 -3.25
N ALA C 221 -35.27 -30.38 -3.03
CA ALA C 221 -34.38 -31.27 -2.32
C ALA C 221 -33.14 -31.56 -3.14
N ARG C 222 -33.27 -31.60 -4.45
CA ARG C 222 -32.10 -31.77 -5.31
C ARG C 222 -31.18 -30.57 -5.20
N VAL C 223 -31.75 -29.39 -5.00
CA VAL C 223 -30.96 -28.19 -4.83
C VAL C 223 -30.14 -28.31 -3.59
N ALA C 224 -30.78 -28.72 -2.50
CA ALA C 224 -30.05 -28.91 -1.26
C ALA C 224 -28.94 -29.98 -1.39
N ALA C 225 -29.25 -31.10 -2.02
CA ALA C 225 -28.22 -32.15 -2.17
C ALA C 225 -26.98 -31.59 -2.88
N LYS C 226 -27.20 -30.83 -3.95
CA LYS C 226 -26.11 -30.20 -4.68
C LYS C 226 -25.30 -29.24 -3.76
N ALA C 227 -26.01 -28.45 -2.96
CA ALA C 227 -25.37 -27.47 -2.08
C ALA C 227 -24.48 -28.13 -1.07
N TYR C 228 -25.02 -29.13 -0.38
CA TYR C 228 -24.22 -29.83 0.65
C TYR C 228 -23.03 -30.61 0.07
N ALA C 229 -23.19 -31.19 -1.12
CA ALA C 229 -22.07 -31.82 -1.82
C ALA C 229 -20.99 -30.77 -2.15
N ASN C 230 -21.41 -29.62 -2.63
CA ASN C 230 -20.47 -28.55 -2.89
C ASN C 230 -19.80 -28.06 -1.60
N GLY C 231 -20.59 -27.86 -0.53
CA GLY C 231 -20.07 -27.50 0.79
C GLY C 231 -18.99 -28.44 1.30
N ASN C 232 -19.23 -29.73 1.10
CA ASN C 232 -18.28 -30.78 1.54
C ASN C 232 -16.88 -30.61 0.92
N LYS C 233 -16.80 -29.90 -0.19
CA LYS C 233 -15.50 -29.55 -0.79
C LYS C 233 -15.00 -28.18 -0.41
N ASN C 234 -15.63 -27.53 0.56
CA ASN C 234 -15.30 -26.13 0.92
C ASN C 234 -15.06 -25.92 2.42
N PRO C 235 -13.80 -25.84 2.84
CA PRO C 235 -13.52 -25.73 4.27
C PRO C 235 -13.99 -24.41 4.90
N LEU C 236 -14.31 -23.40 4.09
CA LEU C 236 -14.91 -22.18 4.60
C LEU C 236 -16.41 -22.34 4.93
N ALA C 237 -17.05 -23.38 4.41
CA ALA C 237 -18.49 -23.53 4.51
C ALA C 237 -18.99 -23.91 5.90
N HIS C 238 -19.96 -23.15 6.39
CA HIS C 238 -20.65 -23.42 7.65
C HIS C 238 -20.93 -24.93 7.79
N MET C 239 -21.53 -25.52 6.75
CA MET C 239 -21.92 -26.92 6.75
C MET C 239 -20.89 -27.88 6.10
N HIS C 240 -19.63 -27.47 6.03
CA HIS C 240 -18.58 -28.30 5.42
C HIS C 240 -18.60 -29.77 5.87
N THR C 241 -18.78 -29.98 7.17
CA THR C 241 -18.72 -31.30 7.75
C THR C 241 -20.06 -32.05 7.74
N ARG C 242 -21.14 -31.45 7.25
CA ARG C 242 -22.42 -32.16 7.20
C ARG C 242 -22.70 -32.73 5.80
N LYS C 243 -22.99 -34.03 5.74
CA LYS C 243 -23.40 -34.72 4.50
C LYS C 243 -24.88 -35.06 4.51
N LEU C 244 -25.54 -34.76 3.40
CA LEU C 244 -26.96 -35.05 3.26
C LEU C 244 -27.20 -35.63 1.88
N THR C 245 -27.95 -36.72 1.84
CA THR C 245 -28.34 -37.34 0.59
C THR C 245 -29.58 -36.67 0.09
N PHE C 246 -29.86 -36.88 -1.20
CA PHE C 246 -31.11 -36.42 -1.77
C PHE C 246 -32.27 -36.85 -0.89
N GLU C 247 -32.26 -38.12 -0.48
CA GLU C 247 -33.38 -38.69 0.26
C GLU C 247 -33.58 -37.95 1.58
N GLN C 248 -32.48 -37.63 2.25
CA GLN C 248 -32.56 -36.90 3.52
C GLN C 248 -33.21 -35.51 3.33
N CYS C 249 -32.70 -34.76 2.35
CA CYS C 249 -33.23 -33.45 2.00
C CYS C 249 -34.67 -33.51 1.55
N ASN C 250 -35.05 -34.66 1.00
CA ASN C 250 -36.40 -34.87 0.49
C ASN C 250 -37.40 -35.27 1.58
N GLY C 251 -36.93 -35.35 2.82
CA GLY C 251 -37.83 -35.47 3.96
C GLY C 251 -37.87 -36.84 4.59
N GLU C 252 -37.15 -37.80 4.01
CA GLU C 252 -37.18 -39.20 4.47
C GLU C 252 -36.49 -39.37 5.81
N ASP C 253 -35.65 -38.40 6.15
CA ASP C 253 -35.13 -38.26 7.50
C ASP C 253 -36.18 -37.51 8.37
N PRO C 254 -36.58 -38.10 9.53
CA PRO C 254 -37.54 -37.39 10.40
C PRO C 254 -36.94 -36.21 11.18
N SER C 255 -35.62 -36.19 11.35
CA SER C 255 -34.94 -35.03 11.90
C SER C 255 -34.96 -33.78 10.96
N ASN C 256 -35.25 -33.99 9.68
CA ASN C 256 -35.46 -32.89 8.74
C ASN C 256 -36.91 -32.41 8.82
N VAL C 257 -37.18 -31.70 9.90
CA VAL C 257 -38.54 -31.39 10.29
C VAL C 257 -39.20 -30.28 9.48
N LYS C 258 -40.51 -30.35 9.34
CA LYS C 258 -41.32 -29.22 8.82
C LYS C 258 -41.77 -28.34 9.98
N PHE C 259 -40.95 -27.33 10.25
CA PHE C 259 -40.91 -26.69 11.56
C PHE C 259 -41.78 -25.46 11.71
N LEU C 260 -42.42 -25.00 10.65
CA LEU C 260 -43.25 -23.78 10.77
C LEU C 260 -44.45 -23.99 11.69
N GLY C 261 -44.97 -22.90 12.26
CA GLY C 261 -46.19 -22.93 13.04
C GLY C 261 -47.43 -22.71 12.19
N ASN C 262 -47.33 -21.90 11.12
CA ASN C 262 -48.50 -21.57 10.30
C ASN C 262 -49.04 -22.79 9.57
N GLU C 263 -50.27 -23.17 9.89
CA GLU C 263 -50.88 -24.41 9.36
C GLU C 263 -50.99 -24.39 7.85
N THR C 264 -51.28 -23.21 7.31
CA THR C 264 -51.48 -23.07 5.87
C THR C 264 -50.21 -23.40 5.05
N TYR C 265 -49.03 -23.11 5.58
CA TYR C 265 -47.81 -23.20 4.81
C TYR C 265 -46.82 -24.24 5.29
N LYS C 266 -47.05 -24.74 6.50
CA LYS C 266 -46.19 -25.70 7.21
C LYS C 266 -45.62 -26.87 6.39
N GLU C 267 -46.44 -27.42 5.51
CA GLU C 267 -46.04 -28.61 4.76
C GLU C 267 -45.12 -28.36 3.59
N TYR C 268 -44.84 -27.08 3.29
CA TYR C 268 -44.03 -26.72 2.11
C TYR C 268 -42.54 -26.40 2.39
N LEU C 269 -42.09 -26.53 3.64
CA LEU C 269 -40.74 -26.15 4.00
C LEU C 269 -40.09 -27.13 5.01
N ARG C 270 -38.92 -27.63 4.66
CA ARG C 270 -38.11 -28.47 5.54
C ARG C 270 -36.85 -27.71 5.99
N MET C 271 -36.27 -28.11 7.13
CA MET C 271 -35.06 -27.47 7.65
C MET C 271 -33.96 -27.40 6.63
N THR C 272 -33.80 -28.45 5.84
CA THR C 272 -32.76 -28.51 4.81
C THR C 272 -32.99 -27.55 3.64
N ASP C 273 -34.21 -26.99 3.53
CA ASP C 273 -34.53 -26.02 2.51
C ASP C 273 -34.02 -24.61 2.86
N CYS C 274 -33.45 -24.46 4.06
CA CYS C 274 -33.22 -23.14 4.62
C CYS C 274 -31.72 -22.80 4.71
N SER C 275 -31.41 -21.55 4.40
CA SER C 275 -30.05 -21.03 4.58
C SER C 275 -29.66 -21.09 6.05
N GLN C 276 -28.36 -21.02 6.31
CA GLN C 276 -27.85 -21.05 7.68
C GLN C 276 -27.82 -19.70 8.42
N VAL C 277 -27.96 -19.75 9.73
CA VAL C 277 -27.69 -18.61 10.60
C VAL C 277 -26.17 -18.61 10.85
N SER C 278 -25.44 -17.78 10.10
CA SER C 278 -24.00 -17.74 10.11
C SER C 278 -23.45 -16.38 10.50
N ASP C 279 -22.22 -16.42 11.03
CA ASP C 279 -21.40 -15.26 11.26
C ASP C 279 -20.27 -15.27 10.24
N GLY C 280 -19.92 -14.12 9.70
CA GLY C 280 -18.84 -14.08 8.75
C GLY C 280 -18.66 -12.74 8.01
N GLY C 281 -17.67 -12.72 7.14
CA GLY C 281 -17.32 -11.49 6.41
C GLY C 281 -16.80 -11.79 5.02
N ALA C 282 -17.03 -10.87 4.10
CA ALA C 282 -16.42 -10.93 2.79
C ALA C 282 -16.07 -9.53 2.36
N GLY C 283 -14.95 -9.40 1.67
CA GLY C 283 -14.44 -8.09 1.30
C GLY C 283 -13.79 -8.19 -0.08
N VAL C 284 -13.80 -7.07 -0.77
CA VAL C 284 -13.33 -6.99 -2.12
C VAL C 284 -12.73 -5.61 -2.26
N VAL C 285 -11.58 -5.52 -2.94
CA VAL C 285 -11.01 -4.26 -3.36
C VAL C 285 -11.32 -4.05 -4.80
N LEU C 286 -11.94 -2.90 -5.11
CA LEU C 286 -12.23 -2.53 -6.51
C LEU C 286 -11.44 -1.33 -6.91
N ALA C 287 -11.07 -1.26 -8.19
CA ALA C 287 -10.31 -0.13 -8.71
C ALA C 287 -10.72 0.25 -10.14
N ASN C 288 -10.57 1.52 -10.46
CA ASN C 288 -10.64 1.94 -11.84
C ASN C 288 -9.23 1.92 -12.44
N GLU C 289 -9.10 2.35 -13.68
CA GLU C 289 -7.79 2.31 -14.37
C GLU C 289 -6.73 3.16 -13.65
N GLU C 290 -7.13 4.32 -13.17
CA GLU C 290 -6.21 5.15 -12.41
C GLU C 290 -5.79 4.49 -11.05
N GLY C 291 -6.71 3.79 -10.43
CA GLY C 291 -6.36 2.98 -9.28
C GLY C 291 -5.39 1.85 -9.59
N LEU C 292 -5.52 1.22 -10.76
CA LEU C 292 -4.63 0.11 -11.11
C LEU C 292 -3.22 0.69 -11.24
N ARG C 293 -3.16 1.83 -11.89
CA ARG C 293 -1.93 2.58 -12.07
C ARG C 293 -1.29 2.83 -10.68
N LYS C 294 -2.10 3.33 -9.74
CA LYS C 294 -1.66 3.65 -8.38
C LYS C 294 -1.11 2.45 -7.64
N MET C 295 -1.62 1.29 -7.96
CA MET C 295 -1.16 0.04 -7.36
C MET C 295 0.02 -0.56 -8.11
N GLY C 296 0.38 0.07 -9.23
CA GLY C 296 1.41 -0.49 -10.11
C GLY C 296 0.97 -1.70 -10.90
N LEU C 297 -0.26 -1.68 -11.39
CA LEU C 297 -0.80 -2.81 -12.09
C LEU C 297 -1.30 -2.45 -13.47
N SER C 298 -1.23 -3.42 -14.37
CA SER C 298 -1.75 -3.25 -15.73
C SER C 298 -3.17 -3.84 -15.81
N PRO C 299 -4.02 -3.31 -16.70
CA PRO C 299 -5.39 -3.81 -16.96
C PRO C 299 -5.47 -5.24 -17.47
N ASN C 300 -4.35 -5.82 -17.87
CA ASN C 300 -4.33 -7.20 -18.38
C ASN C 300 -3.74 -8.11 -17.35
N ASP C 301 -3.48 -7.59 -16.15
CA ASP C 301 -2.87 -8.41 -15.13
C ASP C 301 -3.80 -9.56 -14.84
N SER C 302 -3.25 -10.75 -14.81
CA SER C 302 -4.06 -11.95 -14.64
C SER C 302 -4.65 -12.19 -13.23
N ARG C 303 -4.30 -11.33 -12.26
CA ARG C 303 -4.98 -11.39 -10.96
C ARG C 303 -6.34 -10.66 -10.95
N LEU C 304 -6.67 -9.98 -12.04
CA LEU C 304 -7.88 -9.16 -12.11
C LEU C 304 -9.09 -9.88 -12.69
N VAL C 305 -10.27 -9.38 -12.33
CA VAL C 305 -11.54 -9.67 -12.99
C VAL C 305 -12.23 -8.31 -13.22
N GLU C 306 -12.83 -8.14 -14.38
CA GLU C 306 -13.52 -6.91 -14.67
C GLU C 306 -14.99 -7.07 -14.28
N ILE C 307 -15.55 -6.09 -13.59
CA ILE C 307 -16.99 -6.03 -13.47
C ILE C 307 -17.54 -5.29 -14.68
N LYS C 308 -18.12 -6.01 -15.64
CA LYS C 308 -18.65 -5.39 -16.87
C LYS C 308 -19.89 -4.55 -16.59
N SER C 309 -20.74 -5.04 -15.72
CA SER C 309 -21.90 -4.30 -15.29
C SER C 309 -22.35 -4.69 -13.88
N ILE C 310 -23.13 -3.79 -13.31
CA ILE C 310 -23.88 -4.09 -12.09
C ILE C 310 -25.22 -3.34 -12.14
N ALA C 311 -26.23 -3.82 -11.47
CA ALA C 311 -27.54 -3.17 -11.54
C ALA C 311 -28.35 -3.53 -10.35
N CYS C 312 -29.17 -2.57 -9.95
CA CYS C 312 -30.06 -2.68 -8.81
C CYS C 312 -31.50 -2.42 -9.24
N ALA C 313 -32.43 -3.22 -8.76
CA ALA C 313 -33.84 -2.99 -8.97
C ALA C 313 -34.56 -3.21 -7.66
N VAL C 314 -35.53 -2.36 -7.34
CA VAL C 314 -36.22 -2.44 -6.06
C VAL C 314 -37.71 -2.27 -6.30
N SER C 315 -38.49 -3.15 -5.68
CA SER C 315 -39.96 -3.11 -5.80
C SER C 315 -40.60 -2.53 -4.54
N ASN C 316 -41.91 -2.68 -4.43
CA ASN C 316 -42.68 -2.09 -3.33
C ASN C 316 -42.77 -2.99 -2.09
N LEU C 317 -42.24 -2.52 -0.97
CA LEU C 317 -42.19 -3.31 0.26
C LEU C 317 -43.59 -3.71 0.70
N TYR C 318 -44.52 -2.79 0.48
CA TYR C 318 -45.87 -2.86 0.96
C TYR C 318 -46.83 -3.74 0.12
N GLU C 319 -46.48 -4.05 -1.12
CA GLU C 319 -47.36 -4.88 -1.98
C GLU C 319 -46.62 -6.04 -2.60
N ASP C 320 -47.23 -7.21 -2.62
CA ASP C 320 -46.66 -8.42 -3.28
C ASP C 320 -47.36 -8.78 -4.60
N PRO C 321 -46.59 -9.16 -5.62
CA PRO C 321 -47.24 -9.60 -6.84
C PRO C 321 -48.00 -10.90 -6.62
N ASP C 322 -49.00 -11.17 -7.45
CA ASP C 322 -49.74 -12.43 -7.35
C ASP C 322 -48.93 -13.64 -7.76
N ASP C 323 -48.10 -13.50 -8.79
CA ASP C 323 -47.36 -14.65 -9.33
C ASP C 323 -46.12 -15.01 -8.49
N ALA C 324 -46.31 -15.88 -7.52
CA ALA C 324 -45.22 -16.37 -6.68
C ALA C 324 -44.19 -17.21 -7.44
N CYS C 325 -44.50 -17.60 -8.67
CA CYS C 325 -43.55 -18.36 -9.51
C CYS C 325 -42.57 -17.50 -10.24
N CYS C 326 -42.66 -16.18 -10.09
CA CYS C 326 -41.67 -15.26 -10.69
C CYS C 326 -41.12 -14.22 -9.69
N MET C 327 -39.80 -14.09 -9.63
CA MET C 327 -39.19 -13.05 -8.84
C MET C 327 -38.96 -11.88 -9.72
N PHE C 328 -40.00 -11.06 -9.88
CA PHE C 328 -39.96 -9.98 -10.85
C PHE C 328 -38.81 -9.03 -10.63
N THR C 329 -38.47 -8.78 -9.39
CA THR C 329 -37.47 -7.78 -9.09
C THR C 329 -36.08 -8.31 -9.43
N SER C 330 -35.78 -9.53 -8.97
CA SER C 330 -34.52 -10.17 -9.31
C SER C 330 -34.36 -10.31 -10.82
N ARG C 331 -35.46 -10.59 -11.52
CA ARG C 331 -35.41 -10.64 -12.98
C ARG C 331 -35.08 -9.29 -13.61
N GLN C 332 -35.68 -8.22 -13.14
CA GLN C 332 -35.33 -6.88 -13.66
C GLN C 332 -33.85 -6.59 -13.50
N ALA C 333 -33.31 -6.82 -12.30
CA ALA C 333 -31.89 -6.62 -12.05
C ALA C 333 -31.00 -7.46 -12.96
N ALA C 334 -31.28 -8.74 -13.08
CA ALA C 334 -30.46 -9.63 -13.93
C ALA C 334 -30.52 -9.19 -15.40
N GLN C 335 -31.70 -8.80 -15.85
CA GLN C 335 -31.89 -8.29 -17.21
C GLN C 335 -31.11 -7.02 -17.51
N LYS C 336 -31.20 -6.01 -16.64
CA LYS C 336 -30.41 -4.79 -16.81
C LYS C 336 -28.91 -5.10 -16.84
N ALA C 337 -28.44 -5.90 -15.90
CA ALA C 337 -27.01 -6.21 -15.85
C ALA C 337 -26.50 -6.90 -17.11
N LEU C 338 -27.20 -7.95 -17.56
CA LEU C 338 -26.71 -8.70 -18.72
C LEU C 338 -26.83 -7.84 -19.98
N SER C 339 -27.88 -7.05 -20.06
CA SER C 339 -28.03 -6.05 -21.12
C SER C 339 -26.92 -4.95 -21.16
N MET C 340 -26.62 -4.32 -20.02
CA MET C 340 -25.45 -3.40 -19.93
C MET C 340 -24.13 -4.10 -20.27
N ALA C 341 -24.01 -5.39 -19.99
CA ALA C 341 -22.81 -6.16 -20.34
C ALA C 341 -22.83 -6.65 -21.78
N ASN C 342 -23.94 -6.39 -22.47
CA ASN C 342 -24.22 -6.97 -23.78
C ASN C 342 -23.92 -8.46 -23.93
N ILE C 343 -24.46 -9.24 -23.01
CA ILE C 343 -24.37 -10.68 -23.11
C ILE C 343 -25.74 -11.26 -22.84
N LYS C 344 -25.85 -12.57 -23.01
CA LYS C 344 -27.10 -13.25 -22.70
C LYS C 344 -26.81 -14.32 -21.69
N PRO C 345 -27.86 -14.81 -21.03
CA PRO C 345 -27.67 -15.87 -20.04
C PRO C 345 -26.88 -17.07 -20.55
N SER C 346 -27.13 -17.47 -21.79
CA SER C 346 -26.47 -18.64 -22.39
C SER C 346 -24.95 -18.46 -22.51
N ASP C 347 -24.45 -17.22 -22.49
CA ASP C 347 -23.00 -16.94 -22.49
C ASP C 347 -22.34 -17.13 -21.12
N LEU C 348 -23.13 -17.34 -20.06
CA LEU C 348 -22.55 -17.38 -18.72
C LEU C 348 -21.89 -18.72 -18.50
N ASN C 349 -20.74 -18.73 -17.83
CA ASN C 349 -20.02 -19.96 -17.53
C ASN C 349 -20.16 -20.38 -16.09
N VAL C 350 -20.53 -19.44 -15.22
CA VAL C 350 -20.69 -19.68 -13.79
C VAL C 350 -21.60 -18.62 -13.19
N ALA C 351 -22.31 -18.97 -12.12
CA ALA C 351 -23.17 -18.00 -11.44
C ALA C 351 -23.24 -18.24 -9.95
N GLU C 352 -23.47 -17.16 -9.21
CA GLU C 352 -23.79 -17.21 -7.81
C GLU C 352 -25.19 -16.62 -7.67
N VAL C 353 -26.10 -17.35 -7.04
CA VAL C 353 -27.45 -16.83 -6.83
C VAL C 353 -27.86 -16.97 -5.39
N HIS C 354 -28.93 -16.23 -5.05
CA HIS C 354 -29.35 -16.00 -3.68
C HIS C 354 -30.28 -17.13 -3.18
N ASP C 355 -29.69 -18.24 -2.77
CA ASP C 355 -30.46 -19.41 -2.34
C ASP C 355 -30.83 -19.32 -0.88
N CYS C 356 -31.57 -18.27 -0.50
CA CYS C 356 -31.91 -18.12 0.93
C CYS C 356 -32.80 -19.28 1.35
N PHE C 357 -33.52 -19.80 0.36
CA PHE C 357 -34.13 -21.11 0.45
C PHE C 357 -33.84 -21.91 -0.83
N THR C 358 -33.99 -23.22 -0.77
CA THR C 358 -33.93 -24.02 -1.98
C THR C 358 -34.91 -23.47 -3.02
N ILE C 359 -36.08 -23.07 -2.54
CA ILE C 359 -37.18 -22.52 -3.34
C ILE C 359 -36.71 -21.34 -4.12
N ALA C 360 -35.89 -20.52 -3.48
CA ALA C 360 -35.36 -19.34 -4.14
C ALA C 360 -34.31 -19.73 -5.20
N GLU C 361 -33.49 -20.74 -4.98
CA GLU C 361 -32.51 -21.08 -5.99
C GLU C 361 -33.22 -21.40 -7.30
N MET C 362 -34.33 -22.13 -7.22
CA MET C 362 -35.10 -22.50 -8.42
C MET C 362 -35.61 -21.24 -9.13
N LEU C 363 -36.21 -20.34 -8.37
CA LEU C 363 -36.71 -19.09 -8.91
C LEU C 363 -35.59 -18.22 -9.50
N MET C 364 -34.40 -18.35 -8.92
CA MET C 364 -33.26 -17.55 -9.33
C MET C 364 -32.75 -17.99 -10.70
N TYR C 365 -32.80 -19.31 -10.97
CA TYR C 365 -32.39 -19.81 -12.27
C TYR C 365 -33.21 -19.14 -13.34
N GLU C 366 -34.50 -18.95 -13.07
CA GLU C 366 -35.41 -18.31 -14.04
C GLU C 366 -35.29 -16.80 -14.03
N ALA C 367 -35.08 -16.21 -12.86
CA ALA C 367 -34.88 -14.75 -12.80
C ALA C 367 -33.59 -14.35 -13.53
N LEU C 368 -32.51 -15.13 -13.35
CA LEU C 368 -31.24 -14.87 -14.06
C LEU C 368 -31.33 -15.11 -15.57
N GLY C 369 -32.17 -16.07 -15.96
CA GLY C 369 -32.43 -16.33 -17.38
C GLY C 369 -31.79 -17.58 -17.92
N ILE C 370 -31.06 -18.28 -17.08
CA ILE C 370 -30.46 -19.56 -17.48
C ILE C 370 -31.51 -20.67 -17.63
N ALA C 371 -32.74 -20.39 -17.20
CA ALA C 371 -33.88 -21.26 -17.46
C ALA C 371 -35.03 -20.38 -17.86
N GLU C 372 -35.88 -20.86 -18.74
CA GLU C 372 -37.08 -20.09 -19.11
C GLU C 372 -38.13 -20.26 -17.99
N TYR C 373 -39.17 -19.44 -18.06
CA TYR C 373 -40.23 -19.52 -17.07
C TYR C 373 -40.75 -20.93 -17.04
N GLY C 374 -40.76 -21.52 -15.86
CA GLY C 374 -41.21 -22.90 -15.70
C GLY C 374 -40.21 -23.99 -15.99
N HIS C 375 -38.99 -23.64 -16.34
CA HIS C 375 -38.01 -24.66 -16.75
C HIS C 375 -36.81 -24.79 -15.86
N ALA C 376 -36.83 -24.15 -14.69
CA ALA C 376 -35.79 -24.44 -13.69
C ALA C 376 -35.76 -25.94 -13.33
N LYS C 377 -36.94 -26.55 -13.26
CA LYS C 377 -37.02 -27.99 -13.01
C LYS C 377 -36.13 -28.82 -13.98
N ASP C 378 -36.05 -28.44 -15.25
CA ASP C 378 -35.24 -29.17 -16.23
C ASP C 378 -33.79 -29.14 -15.81
N LEU C 379 -33.32 -27.93 -15.51
CA LEU C 379 -31.94 -27.70 -15.11
C LEU C 379 -31.52 -28.55 -13.91
N ILE C 380 -32.33 -28.56 -12.86
CA ILE C 380 -31.95 -29.26 -11.63
C ILE C 380 -32.11 -30.77 -11.80
N ARG C 381 -33.12 -31.20 -12.56
CA ARG C 381 -33.29 -32.63 -12.87
C ARG C 381 -32.17 -33.17 -13.76
N ASN C 382 -31.56 -32.30 -14.54
CA ASN C 382 -30.53 -32.69 -15.52
C ASN C 382 -29.09 -32.48 -15.02
N GLY C 383 -28.92 -31.90 -13.83
CA GLY C 383 -27.59 -31.60 -13.30
C GLY C 383 -26.87 -30.44 -13.97
N ASP C 384 -27.58 -29.59 -14.72
CA ASP C 384 -26.93 -28.46 -15.41
C ASP C 384 -26.20 -27.44 -14.49
N THR C 385 -26.60 -27.37 -13.21
CA THR C 385 -26.05 -26.40 -12.26
C THR C 385 -25.11 -27.02 -11.23
N THR C 386 -24.83 -28.31 -11.37
CA THR C 386 -23.79 -28.96 -10.55
C THR C 386 -22.40 -28.48 -10.99
N LEU C 387 -21.36 -28.79 -10.23
CA LEU C 387 -19.97 -28.43 -10.60
C LEU C 387 -19.58 -28.88 -11.99
N GLU C 388 -20.17 -29.99 -12.43
CA GLU C 388 -19.85 -30.62 -13.69
C GLU C 388 -20.84 -30.26 -14.80
N GLY C 389 -21.89 -29.54 -14.45
CA GLY C 389 -22.90 -29.16 -15.44
C GLY C 389 -22.41 -28.04 -16.34
N ARG C 390 -23.22 -27.65 -17.29
CA ARG C 390 -22.80 -26.61 -18.23
C ARG C 390 -22.88 -25.19 -17.65
N ILE C 391 -23.65 -25.01 -16.57
CA ILE C 391 -23.77 -23.68 -15.89
C ILE C 391 -23.75 -23.91 -14.36
N PRO C 392 -22.56 -24.16 -13.82
CA PRO C 392 -22.47 -24.40 -12.40
C PRO C 392 -22.93 -23.18 -11.59
N VAL C 393 -23.73 -23.42 -10.56
CA VAL C 393 -24.23 -22.37 -9.69
C VAL C 393 -23.89 -22.70 -8.24
N ASN C 394 -23.48 -21.67 -7.51
CA ASN C 394 -23.17 -21.77 -6.08
C ASN C 394 -22.20 -22.92 -5.81
N THR C 395 -21.06 -22.84 -6.45
CA THR C 395 -20.08 -23.91 -6.48
C THR C 395 -19.50 -24.24 -5.12
N GLY C 396 -19.48 -23.26 -4.23
CA GLY C 396 -18.95 -23.45 -2.86
C GLY C 396 -19.95 -23.86 -1.79
N GLY C 397 -21.22 -24.00 -2.19
CA GLY C 397 -22.28 -24.42 -1.27
C GLY C 397 -23.47 -23.46 -1.06
N GLY C 398 -23.36 -22.24 -1.55
CA GLY C 398 -24.46 -21.29 -1.44
C GLY C 398 -24.82 -20.87 -0.02
N LEU C 399 -25.90 -20.10 0.10
CA LEU C 399 -26.40 -19.69 1.40
C LEU C 399 -26.84 -20.93 2.23
N LEU C 400 -27.23 -22.00 1.55
CA LEU C 400 -27.62 -23.26 2.19
C LEU C 400 -26.48 -24.00 2.90
N SER C 401 -25.30 -24.08 2.28
CA SER C 401 -24.16 -24.77 2.88
C SER C 401 -23.03 -23.87 3.28
N PHE C 402 -22.55 -23.05 2.35
CA PHE C 402 -21.50 -22.08 2.68
C PHE C 402 -22.03 -21.27 3.89
N GLY C 403 -23.28 -20.89 3.82
CA GLY C 403 -23.91 -20.16 4.93
C GLY C 403 -24.27 -18.74 4.53
N HIS C 404 -24.93 -18.05 5.42
CA HIS C 404 -25.57 -16.79 5.10
C HIS C 404 -25.46 -15.74 6.25
N PRO C 405 -24.27 -15.13 6.41
CA PRO C 405 -24.12 -13.89 7.27
C PRO C 405 -24.57 -12.77 6.43
N VAL C 406 -25.75 -12.27 6.72
CA VAL C 406 -26.56 -11.61 5.67
C VAL C 406 -25.79 -10.52 4.93
N GLY C 407 -25.20 -9.58 5.66
CA GLY C 407 -24.42 -8.51 5.03
C GLY C 407 -23.23 -8.99 4.21
N ALA C 408 -22.67 -10.14 4.51
CA ALA C 408 -21.50 -10.64 3.77
C ALA C 408 -21.88 -11.24 2.42
N THR C 409 -23.08 -11.78 2.30
CA THR C 409 -23.44 -12.66 1.18
C THR C 409 -23.17 -12.06 -0.19
N GLY C 410 -23.66 -10.85 -0.42
CA GLY C 410 -23.48 -10.19 -1.69
C GLY C 410 -22.04 -10.08 -2.16
N ILE C 411 -21.12 -9.79 -1.26
CA ILE C 411 -19.73 -9.67 -1.66
C ILE C 411 -19.15 -11.07 -1.80
N LYS C 412 -19.57 -12.02 -0.96
CA LYS C 412 -19.11 -13.38 -1.08
C LYS C 412 -19.40 -13.90 -2.47
N GLN C 413 -20.61 -13.64 -2.95
CA GLN C 413 -20.98 -14.02 -4.30
C GLN C 413 -19.98 -13.52 -5.37
N ILE C 414 -19.63 -12.23 -5.27
CA ILE C 414 -18.63 -11.65 -6.17
C ILE C 414 -17.31 -12.39 -6.03
N MET C 415 -16.91 -12.69 -4.81
CA MET C 415 -15.59 -13.26 -4.58
C MET C 415 -15.53 -14.72 -4.99
N GLU C 416 -16.65 -15.42 -4.93
CA GLU C 416 -16.69 -16.81 -5.38
C GLU C 416 -16.57 -16.90 -6.89
N VAL C 417 -17.23 -16.00 -7.62
CA VAL C 417 -16.99 -15.94 -9.05
C VAL C 417 -15.54 -15.60 -9.31
N TYR C 418 -15.00 -14.62 -8.62
CA TYR C 418 -13.57 -14.23 -8.75
C TYR C 418 -12.65 -15.43 -8.53
N ARG C 419 -12.85 -16.14 -7.43
CA ARG C 419 -11.97 -17.25 -7.07
C ARG C 419 -12.00 -18.38 -8.09
N GLN C 420 -13.19 -18.74 -8.58
CA GLN C 420 -13.29 -19.72 -9.66
C GLN C 420 -12.55 -19.24 -10.92
N MET C 421 -12.72 -17.97 -11.27
CA MET C 421 -12.07 -17.39 -12.42
C MET C 421 -10.54 -17.42 -12.29
N LYS C 422 -10.04 -17.24 -11.06
CA LYS C 422 -8.60 -17.23 -10.78
C LYS C 422 -8.05 -18.60 -10.33
N GLY C 423 -8.83 -19.66 -10.47
CA GLY C 423 -8.35 -21.01 -10.14
C GLY C 423 -8.07 -21.26 -8.67
N GLN C 424 -8.73 -20.53 -7.78
CA GLN C 424 -8.38 -20.60 -6.34
C GLN C 424 -9.27 -21.48 -5.48
N CYS C 425 -10.27 -22.12 -6.07
CA CYS C 425 -11.28 -22.84 -5.28
C CYS C 425 -10.89 -24.30 -4.85
N GLU C 426 -9.65 -24.73 -5.14
CA GLU C 426 -9.12 -26.03 -4.65
C GLU C 426 -10.10 -27.17 -4.95
N ALA C 427 -10.65 -27.81 -3.92
CA ALA C 427 -11.49 -28.99 -4.13
C ALA C 427 -12.78 -28.77 -4.90
N TYR C 428 -13.31 -27.54 -4.94
CA TYR C 428 -14.49 -27.26 -5.76
C TYR C 428 -14.17 -26.37 -6.97
N GLN C 429 -12.88 -26.27 -7.32
CA GLN C 429 -12.49 -25.54 -8.47
C GLN C 429 -13.10 -26.14 -9.73
N MET C 430 -13.66 -25.29 -10.59
CA MET C 430 -14.13 -25.74 -11.88
C MET C 430 -12.96 -26.17 -12.79
N LYS C 431 -13.10 -27.32 -13.46
CA LYS C 431 -12.04 -27.79 -14.38
C LYS C 431 -11.88 -26.89 -15.60
N LYS C 432 -13.00 -26.32 -16.05
CA LYS C 432 -13.00 -25.35 -17.10
C LYS C 432 -13.11 -23.98 -16.47
N ILE C 433 -12.01 -23.21 -16.55
CA ILE C 433 -11.98 -21.86 -15.99
C ILE C 433 -13.03 -21.02 -16.67
N PRO C 434 -13.91 -20.36 -15.89
CA PRO C 434 -15.01 -19.58 -16.50
C PRO C 434 -14.59 -18.21 -16.99
N ALA C 435 -15.06 -17.84 -18.17
CA ALA C 435 -14.72 -16.55 -18.75
C ALA C 435 -15.68 -15.46 -18.30
N LEU C 436 -16.94 -15.84 -18.15
CA LEU C 436 -18.02 -14.93 -17.79
C LEU C 436 -18.80 -15.51 -16.66
N GLY C 437 -19.12 -14.68 -15.68
CA GLY C 437 -19.93 -15.10 -14.55
C GLY C 437 -20.94 -14.03 -14.19
N ALA C 438 -21.98 -14.43 -13.46
CA ALA C 438 -22.98 -13.47 -13.00
C ALA C 438 -23.36 -13.71 -11.57
N THR C 439 -23.71 -12.64 -10.88
CA THR C 439 -24.21 -12.79 -9.55
C THR C 439 -25.64 -12.27 -9.52
N LEU C 440 -26.38 -12.70 -8.52
CA LEU C 440 -27.72 -12.17 -8.24
C LEU C 440 -27.95 -12.24 -6.73
N ASN C 441 -28.09 -11.08 -6.12
CA ASN C 441 -28.18 -10.94 -4.68
C ASN C 441 -29.52 -10.31 -4.37
N MET C 442 -30.18 -10.75 -3.33
CA MET C 442 -31.55 -10.33 -3.13
C MET C 442 -31.90 -10.10 -1.67
N GLY C 443 -32.66 -9.03 -1.44
CA GLY C 443 -33.06 -8.64 -0.09
C GLY C 443 -34.54 -8.82 0.10
N GLY C 444 -34.90 -9.45 1.21
CA GLY C 444 -36.29 -9.67 1.51
C GLY C 444 -36.96 -10.65 0.57
N ASP C 445 -38.26 -10.53 0.42
CA ASP C 445 -39.04 -11.39 -0.47
C ASP C 445 -39.05 -10.79 -1.88
N ASP C 446 -37.90 -10.87 -2.54
CA ASP C 446 -37.71 -10.26 -3.86
C ASP C 446 -38.09 -8.79 -3.90
N LYS C 447 -37.67 -8.03 -2.88
CA LYS C 447 -37.90 -6.59 -2.87
C LYS C 447 -36.72 -5.72 -3.28
N THR C 448 -35.51 -6.19 -3.02
CA THR C 448 -34.30 -5.57 -3.55
C THR C 448 -33.54 -6.67 -4.28
N ALA C 449 -33.00 -6.37 -5.47
CA ALA C 449 -32.03 -7.22 -6.12
C ALA C 449 -30.89 -6.44 -6.72
N VAL C 450 -29.71 -7.05 -6.68
CA VAL C 450 -28.52 -6.53 -7.25
C VAL C 450 -27.90 -7.67 -8.07
N SER C 451 -27.46 -7.37 -9.29
CA SER C 451 -26.88 -8.37 -10.15
C SER C 451 -25.67 -7.78 -10.87
N ALA C 452 -24.61 -8.57 -10.97
CA ALA C 452 -23.42 -8.12 -11.67
C ALA C 452 -22.95 -9.12 -12.69
N VAL C 453 -22.31 -8.62 -13.74
CA VAL C 453 -21.64 -9.47 -14.69
C VAL C 453 -20.13 -9.28 -14.56
N LEU C 454 -19.44 -10.42 -14.45
CA LEU C 454 -18.03 -10.44 -14.28
C LEU C 454 -17.38 -11.10 -15.49
N GLN C 455 -16.26 -10.54 -15.91
CA GLN C 455 -15.44 -11.06 -16.98
C GLN C 455 -14.00 -11.27 -16.56
N ASN C 456 -13.53 -12.49 -16.77
CA ASN C 456 -12.18 -12.87 -16.49
C ASN C 456 -11.17 -12.11 -17.37
N ILE C 457 -9.95 -11.96 -16.86
CA ILE C 457 -8.88 -11.29 -17.58
C ILE C 457 -7.65 -12.21 -17.65
N ALA D 28 -15.98 17.73 -14.31
CA ALA D 28 -17.11 17.09 -13.56
C ALA D 28 -18.48 17.58 -14.03
N SER D 29 -19.48 16.68 -13.97
CA SER D 29 -20.86 17.10 -14.05
C SER D 29 -21.20 17.96 -12.81
N ARG D 30 -21.92 19.06 -13.05
CA ARG D 30 -22.40 19.95 -12.01
C ARG D 30 -23.65 19.33 -11.38
N VAL D 31 -23.93 19.70 -10.14
CA VAL D 31 -25.06 19.15 -9.42
C VAL D 31 -25.93 20.28 -8.87
N PHE D 32 -27.24 20.13 -9.08
CA PHE D 32 -28.21 21.15 -8.78
C PHE D 32 -29.28 20.62 -7.86
N ILE D 33 -29.62 21.42 -6.86
CA ILE D 33 -30.79 21.15 -6.02
C ILE D 33 -31.98 21.73 -6.74
N VAL D 34 -32.92 20.89 -7.11
CA VAL D 34 -34.09 21.34 -7.86
C VAL D 34 -35.21 21.77 -6.92
N GLY D 35 -35.31 21.10 -5.78
CA GLY D 35 -36.35 21.40 -4.81
C GLY D 35 -36.32 20.37 -3.70
N GLY D 36 -37.23 20.49 -2.74
CA GLY D 36 -37.27 19.58 -1.62
C GLY D 36 -38.38 19.90 -0.65
N HIS D 37 -38.38 19.20 0.48
CA HIS D 37 -39.47 19.24 1.44
C HIS D 37 -38.99 18.84 2.83
N ILE D 38 -39.38 19.64 3.83
CA ILE D 38 -39.20 19.30 5.23
C ILE D 38 -40.58 19.20 5.91
N THR D 39 -40.84 18.08 6.57
CA THR D 39 -42.06 17.95 7.35
C THR D 39 -41.87 18.74 8.63
N PRO D 40 -42.98 19.04 9.33
CA PRO D 40 -42.85 19.44 10.71
C PRO D 40 -42.06 18.37 11.46
N PHE D 41 -41.24 18.81 12.40
CA PHE D 41 -40.52 17.91 13.28
C PHE D 41 -41.29 17.95 14.60
N VAL D 42 -41.66 16.77 15.11
CA VAL D 42 -42.61 16.67 16.20
C VAL D 42 -42.12 15.75 17.32
N GLY D 43 -42.50 16.10 18.55
CA GLY D 43 -42.34 15.24 19.71
C GLY D 43 -42.86 15.93 20.96
N LYS D 44 -42.44 15.45 22.14
CA LYS D 44 -42.87 16.06 23.39
C LYS D 44 -42.60 17.55 23.39
N GLY D 45 -43.62 18.33 23.71
CA GLY D 45 -43.52 19.80 23.73
C GLY D 45 -44.15 20.45 22.50
N SER D 46 -44.37 19.67 21.44
CA SER D 46 -45.01 20.23 20.25
C SER D 46 -46.47 20.03 20.38
N PRO D 47 -47.27 21.07 20.03
CA PRO D 47 -48.72 20.92 19.94
C PRO D 47 -49.16 19.92 18.86
N LEU D 48 -48.29 19.64 17.88
CA LEU D 48 -48.57 18.62 16.86
C LEU D 48 -48.41 17.18 17.37
N PHE D 49 -47.79 17.01 18.54
CA PHE D 49 -47.55 15.70 19.13
C PHE D 49 -48.67 15.23 20.08
N ILE D 50 -49.12 14.01 19.86
CA ILE D 50 -50.29 13.46 20.51
C ILE D 50 -49.86 12.58 21.66
N ASP D 51 -49.88 13.16 22.86
CA ASP D 51 -49.64 12.42 24.11
C ASP D 51 -50.86 12.57 25.01
N LYS D 52 -50.78 12.06 26.24
CA LYS D 52 -51.93 12.06 27.15
C LYS D 52 -52.60 13.43 27.36
N LYS D 53 -51.82 14.51 27.27
CA LYS D 53 -52.36 15.87 27.36
C LYS D 53 -53.00 16.39 26.06
N HIS D 54 -53.15 15.57 25.04
CA HIS D 54 -53.62 16.06 23.76
C HIS D 54 -55.09 15.68 23.53
N PRO D 55 -55.92 16.62 23.02
CA PRO D 55 -57.33 16.39 22.70
C PRO D 55 -57.58 15.05 22.06
N ASP D 56 -56.77 14.72 21.07
CA ASP D 56 -56.96 13.50 20.29
C ASP D 56 -56.30 12.26 20.87
N PHE D 57 -55.71 12.35 22.05
CA PHE D 57 -55.15 11.17 22.68
C PHE D 57 -56.19 10.06 22.69
N GLY D 58 -55.77 8.81 22.52
CA GLY D 58 -56.70 7.70 22.37
C GLY D 58 -57.45 7.66 21.03
N LYS D 59 -57.90 8.81 20.54
CA LYS D 59 -58.61 8.90 19.25
C LYS D 59 -57.68 8.73 18.05
N LYS D 60 -56.63 9.57 17.95
CA LYS D 60 -55.73 9.60 16.79
C LYS D 60 -54.25 9.43 17.17
N LYS D 61 -53.47 8.89 16.25
CA LYS D 61 -52.09 8.49 16.50
C LYS D 61 -51.13 9.40 15.76
N ASN D 62 -49.90 9.48 16.22
CA ASN D 62 -48.85 10.19 15.46
C ASN D 62 -48.43 9.41 14.23
N MET D 63 -47.86 10.09 13.25
CA MET D 63 -47.39 9.42 12.04
C MET D 63 -46.36 8.30 12.36
N THR D 64 -46.50 7.19 11.65
CA THR D 64 -45.54 6.10 11.66
C THR D 64 -44.35 6.43 10.75
N LEU D 65 -43.31 5.59 10.80
CA LEU D 65 -42.13 5.79 9.94
C LEU D 65 -42.51 5.71 8.45
N GLU D 66 -43.34 4.75 8.11
CA GLU D 66 -43.85 4.60 6.77
C GLU D 66 -44.68 5.88 6.34
N GLU D 67 -45.48 6.43 7.25
CA GLU D 67 -46.27 7.64 6.93
C GLU D 67 -45.40 8.86 6.72
N ILE D 68 -44.44 9.04 7.59
CA ILE D 68 -43.45 10.12 7.40
C ILE D 68 -42.67 9.97 6.10
N LEU D 69 -42.28 8.72 5.77
CA LEU D 69 -41.50 8.50 4.55
C LEU D 69 -42.37 8.82 3.35
N ALA D 70 -43.65 8.40 3.42
CA ALA D 70 -44.62 8.72 2.35
C ALA D 70 -44.85 10.24 2.20
N THR D 71 -45.03 10.93 3.30
CA THR D 71 -45.22 12.37 3.23
C THR D 71 -43.98 13.05 2.65
N THR D 72 -42.80 12.58 3.08
CA THR D 72 -41.57 13.22 2.67
C THR D 72 -41.30 13.03 1.17
N VAL D 73 -41.50 11.82 0.67
CA VAL D 73 -41.25 11.49 -0.70
C VAL D 73 -42.22 12.23 -1.59
N GLN D 74 -43.49 12.24 -1.22
CA GLN D 74 -44.51 12.94 -2.01
C GLN D 74 -44.31 14.45 -1.96
N GLY D 75 -44.03 14.96 -0.77
CA GLY D 75 -43.84 16.37 -0.59
C GLY D 75 -42.66 16.84 -1.45
N THR D 76 -41.60 16.02 -1.49
CA THR D 76 -40.37 16.39 -2.18
C THR D 76 -40.60 16.40 -3.70
N MET D 77 -41.40 15.46 -4.17
CA MET D 77 -41.73 15.39 -5.59
C MET D 77 -42.59 16.57 -6.00
N GLU D 78 -43.55 16.94 -5.16
CA GLU D 78 -44.42 18.08 -5.38
C GLU D 78 -43.63 19.40 -5.53
N HIS D 79 -42.89 19.77 -4.48
CA HIS D 79 -42.11 21.00 -4.51
C HIS D 79 -41.09 21.03 -5.65
N SER D 80 -40.59 19.87 -6.08
CA SER D 80 -39.58 19.83 -7.14
C SER D 80 -40.16 19.88 -8.54
N GLY D 81 -41.48 19.87 -8.65
CA GLY D 81 -42.16 19.93 -9.94
C GLY D 81 -42.26 18.62 -10.70
N LEU D 82 -42.31 17.51 -9.96
CA LEU D 82 -42.25 16.20 -10.58
C LEU D 82 -43.54 15.39 -10.42
N SER D 83 -44.55 15.96 -9.75
CA SER D 83 -45.83 15.26 -9.62
C SER D 83 -46.34 14.89 -10.99
N GLY D 84 -46.69 13.62 -11.19
CA GLY D 84 -47.15 13.13 -12.47
C GLY D 84 -46.06 12.78 -13.45
N ARG D 85 -44.79 13.03 -13.10
CA ARG D 85 -43.69 12.50 -13.92
C ARG D 85 -42.56 11.96 -13.04
N GLU D 86 -42.94 11.32 -11.94
CA GLU D 86 -41.99 10.78 -11.01
C GLU D 86 -41.10 9.68 -11.64
N GLY D 87 -41.57 9.05 -12.71
CA GLY D 87 -40.77 8.10 -13.45
C GLY D 87 -39.43 8.62 -13.98
N ILE D 88 -39.22 9.94 -14.08
CA ILE D 88 -37.92 10.44 -14.58
C ILE D 88 -36.86 10.49 -13.49
N VAL D 89 -37.27 10.35 -12.25
CA VAL D 89 -36.33 10.12 -11.16
C VAL D 89 -35.66 8.77 -11.39
N ASP D 90 -34.34 8.75 -11.41
CA ASP D 90 -33.61 7.53 -11.74
C ASP D 90 -33.36 6.68 -10.56
N GLN D 91 -33.23 7.28 -9.37
CA GLN D 91 -32.86 6.51 -8.19
C GLN D 91 -33.11 7.21 -6.88
N VAL D 92 -33.27 6.41 -5.84
CA VAL D 92 -33.64 6.90 -4.51
C VAL D 92 -32.66 6.40 -3.48
N VAL D 93 -32.29 7.26 -2.57
CA VAL D 93 -31.44 6.92 -1.44
C VAL D 93 -32.14 7.38 -0.19
N VAL D 94 -32.24 6.51 0.80
CA VAL D 94 -32.86 6.87 2.07
C VAL D 94 -31.78 6.96 3.16
N GLY D 95 -31.79 8.04 3.95
CA GLY D 95 -30.98 8.09 5.14
C GLY D 95 -31.85 7.83 6.38
N ASN D 96 -31.39 6.93 7.23
CA ASN D 96 -32.11 6.55 8.43
C ASN D 96 -31.15 5.78 9.36
N PHE D 97 -31.24 6.06 10.64
CA PHE D 97 -30.32 5.50 11.56
C PHE D 97 -30.91 4.29 12.28
N LEU D 98 -32.07 4.42 12.92
CA LEU D 98 -32.54 3.44 13.88
C LEU D 98 -33.97 2.95 13.64
N GLY D 99 -34.46 3.07 12.41
CA GLY D 99 -35.74 2.50 12.08
C GLY D 99 -35.88 1.03 12.54
N GLU D 100 -34.83 0.25 12.39
CA GLU D 100 -34.84 -1.13 12.88
C GLU D 100 -35.16 -1.32 14.34
N LEU D 101 -34.82 -0.34 15.15
CA LEU D 101 -35.05 -0.41 16.60
C LEU D 101 -36.35 0.27 17.02
N PHE D 102 -36.53 1.51 16.62
CA PHE D 102 -37.72 2.25 16.99
C PHE D 102 -39.05 1.83 16.32
N SER D 103 -38.98 1.34 15.10
CA SER D 103 -40.11 0.90 14.33
C SER D 103 -39.97 -0.56 13.83
N SER D 104 -39.00 -1.31 14.32
CA SER D 104 -38.85 -2.70 13.87
C SER D 104 -38.75 -2.79 12.35
N GLN D 105 -38.20 -1.77 11.67
CA GLN D 105 -38.26 -1.79 10.23
C GLN D 105 -36.94 -1.38 9.57
N GLY D 106 -36.34 -2.31 8.83
CA GLY D 106 -35.21 -2.01 7.99
C GLY D 106 -35.64 -1.97 6.57
N HIS D 107 -34.72 -2.16 5.65
CA HIS D 107 -35.05 -2.30 4.24
C HIS D 107 -35.95 -1.13 3.74
N LEU D 108 -35.56 0.11 4.06
CA LEU D 108 -36.35 1.25 3.63
C LEU D 108 -36.22 1.57 2.14
N GLY D 109 -35.33 0.87 1.44
CA GLY D 109 -35.24 1.05 -0.01
C GLY D 109 -36.57 0.77 -0.67
N PRO D 110 -37.08 -0.45 -0.48
CA PRO D 110 -38.39 -0.72 -1.11
C PRO D 110 -39.54 -0.01 -0.44
N ALA D 111 -39.34 0.45 0.77
CA ALA D 111 -40.35 1.28 1.43
C ALA D 111 -40.51 2.60 0.65
N ALA D 112 -39.39 3.13 0.22
CA ALA D 112 -39.39 4.39 -0.49
C ALA D 112 -39.99 4.18 -1.86
N ILE D 113 -39.71 3.06 -2.48
CA ILE D 113 -40.31 2.73 -3.76
C ILE D 113 -41.83 2.67 -3.66
N GLY D 114 -42.36 2.22 -2.53
CA GLY D 114 -43.79 2.20 -2.32
C GLY D 114 -44.37 3.44 -1.67
N SER D 115 -43.59 4.51 -1.56
CA SER D 115 -44.01 5.66 -0.74
C SER D 115 -44.85 6.67 -1.53
N LEU D 116 -44.73 6.62 -2.84
CA LEU D 116 -45.40 7.55 -3.70
C LEU D 116 -46.92 7.32 -3.70
N THR D 117 -47.31 6.04 -3.67
CA THR D 117 -48.70 5.65 -3.73
C THR D 117 -49.06 4.91 -2.45
N TYR D 118 -48.47 5.31 -1.33
CA TYR D 118 -48.68 4.65 -0.06
C TYR D 118 -50.15 4.63 0.32
N GLY D 119 -50.64 3.45 0.69
CA GLY D 119 -52.04 3.25 1.08
C GLY D 119 -53.05 3.31 -0.06
N GLN D 120 -52.60 3.31 -1.31
CA GLN D 120 -53.47 3.21 -2.49
C GLN D 120 -53.12 1.89 -3.21
N ALA D 121 -53.63 0.78 -2.64
CA ALA D 121 -53.42 -0.58 -3.15
C ALA D 121 -53.59 -0.74 -4.68
N GLY D 122 -52.70 -1.53 -5.28
CA GLY D 122 -52.78 -1.88 -6.70
C GLY D 122 -52.52 -0.76 -7.70
N SER D 123 -52.23 0.43 -7.20
CA SER D 123 -52.08 1.61 -8.04
C SER D 123 -50.82 1.55 -8.90
N LYS D 124 -50.85 2.24 -10.05
CA LYS D 124 -49.69 2.28 -10.96
C LYS D 124 -48.54 3.02 -10.25
N ASN D 125 -47.33 2.49 -10.32
CA ASN D 125 -46.21 3.05 -9.55
C ASN D 125 -45.01 3.31 -10.45
N PRO D 126 -44.74 4.59 -10.75
CA PRO D 126 -43.64 4.87 -11.70
C PRO D 126 -42.21 4.67 -11.11
N LEU D 127 -42.09 4.40 -9.81
CA LEU D 127 -40.76 4.11 -9.22
C LEU D 127 -40.39 2.63 -9.23
N MET D 128 -41.32 1.77 -9.60
CA MET D 128 -41.04 0.34 -9.62
C MET D 128 -39.76 -0.07 -10.36
N TYR D 129 -38.96 -0.88 -9.71
CA TYR D 129 -37.71 -1.42 -10.26
C TYR D 129 -36.54 -0.47 -10.33
N LYS D 130 -36.71 0.76 -9.86
CA LYS D 130 -35.60 1.68 -9.81
C LYS D 130 -34.64 1.34 -8.68
N PRO D 131 -33.39 1.78 -8.78
CA PRO D 131 -32.47 1.48 -7.68
C PRO D 131 -32.84 2.25 -6.45
N ALA D 132 -32.76 1.60 -5.32
CA ALA D 132 -32.93 2.27 -4.05
C ALA D 132 -32.16 1.56 -2.95
N MET D 133 -31.80 2.31 -1.93
CA MET D 133 -31.10 1.72 -0.77
C MET D 133 -31.19 2.62 0.43
N ARG D 134 -30.86 2.07 1.60
CA ARG D 134 -30.70 2.88 2.85
C ARG D 134 -29.22 3.03 3.17
N VAL D 135 -28.80 4.25 3.49
CA VAL D 135 -27.44 4.48 3.96
C VAL D 135 -27.44 4.95 5.38
N GLU D 136 -26.35 4.66 6.09
CA GLU D 136 -26.29 4.93 7.52
C GLU D 136 -24.92 5.28 8.06
N GLY D 137 -24.88 6.38 8.80
CA GLY D 137 -23.72 6.78 9.60
C GLY D 137 -24.24 7.67 10.73
N ALA D 138 -25.06 7.07 11.57
CA ALA D 138 -25.60 7.73 12.70
C ALA D 138 -26.24 9.03 12.23
N ALA D 139 -26.03 10.13 12.94
CA ALA D 139 -26.76 11.38 12.64
C ALA D 139 -26.22 12.02 11.36
N ALA D 140 -25.21 11.40 10.72
CA ALA D 140 -24.76 11.85 9.39
C ALA D 140 -25.43 11.06 8.24
N SER D 141 -26.42 10.23 8.58
CA SER D 141 -27.11 9.41 7.56
C SER D 141 -27.69 10.22 6.43
N GLY D 142 -28.27 11.38 6.74
CA GLY D 142 -28.84 12.20 5.71
C GLY D 142 -27.78 12.74 4.75
N GLY D 143 -26.69 13.23 5.30
CA GLY D 143 -25.59 13.75 4.50
C GLY D 143 -24.97 12.70 3.63
N LEU D 144 -24.79 11.50 4.19
CA LEU D 144 -24.30 10.34 3.42
C LEU D 144 -25.26 10.02 2.31
N ALA D 145 -26.56 10.21 2.57
CA ALA D 145 -27.55 9.95 1.50
C ALA D 145 -27.35 10.88 0.30
N VAL D 146 -27.13 12.16 0.57
CA VAL D 146 -26.81 13.14 -0.46
C VAL D 146 -25.54 12.81 -1.23
N ILE D 147 -24.51 12.39 -0.54
CA ILE D 147 -23.24 12.00 -1.18
C ILE D 147 -23.44 10.83 -2.11
N SER D 148 -24.20 9.82 -1.68
CA SER D 148 -24.49 8.67 -2.57
C SER D 148 -25.20 9.10 -3.80
N ALA D 149 -26.18 9.97 -3.63
CA ALA D 149 -26.97 10.43 -4.77
C ALA D 149 -26.08 11.20 -5.72
N MET D 150 -25.21 12.02 -5.16
CA MET D 150 -24.34 12.86 -5.96
C MET D 150 -23.35 12.04 -6.76
N ASN D 151 -22.82 10.97 -6.16
CA ASN D 151 -21.95 10.06 -6.88
C ASN D 151 -22.70 9.38 -8.02
N ALA D 152 -23.96 9.04 -7.79
CA ALA D 152 -24.78 8.45 -8.85
C ALA D 152 -24.98 9.42 -10.00
N LEU D 153 -25.17 10.70 -9.68
CA LEU D 153 -25.22 11.77 -10.69
C LEU D 153 -23.95 11.99 -11.50
N LYS D 154 -22.81 11.93 -10.85
CA LYS D 154 -21.52 12.12 -11.54
C LYS D 154 -21.01 10.86 -12.20
N SER D 155 -21.63 9.71 -11.95
CA SER D 155 -21.09 8.43 -12.40
C SER D 155 -21.65 8.05 -13.74
N GLY D 156 -22.66 8.80 -14.18
CA GLY D 156 -23.42 8.45 -15.37
C GLY D 156 -24.45 7.35 -15.19
N SER D 157 -24.76 6.97 -13.96
CA SER D 157 -25.84 6.02 -13.78
C SER D 157 -27.17 6.70 -13.43
N ALA D 158 -27.13 7.99 -13.09
CA ALA D 158 -28.36 8.76 -12.84
C ALA D 158 -28.23 10.17 -13.36
N ASP D 159 -29.34 10.74 -13.80
CA ASP D 159 -29.38 12.19 -14.10
C ASP D 159 -30.24 12.94 -13.11
N ILE D 160 -31.18 12.24 -12.48
CA ILE D 160 -32.02 12.82 -11.44
C ILE D 160 -32.09 11.80 -10.29
N THR D 161 -31.83 12.27 -9.08
CA THR D 161 -31.89 11.43 -7.88
C THR D 161 -32.71 12.07 -6.78
N LEU D 162 -33.33 11.23 -5.96
CA LEU D 162 -34.08 11.65 -4.83
C LEU D 162 -33.38 11.12 -3.58
N ALA D 163 -33.02 12.02 -2.68
CA ALA D 163 -32.41 11.67 -1.40
C ALA D 163 -33.40 12.11 -0.31
N VAL D 164 -33.93 11.16 0.45
CA VAL D 164 -34.78 11.44 1.57
C VAL D 164 -34.21 10.87 2.85
N GLY D 165 -34.34 11.61 3.94
CA GLY D 165 -33.93 11.14 5.25
C GLY D 165 -35.11 11.17 6.20
N VAL D 166 -35.31 10.11 6.97
CA VAL D 166 -36.39 10.07 7.94
C VAL D 166 -36.02 9.41 9.28
N GLU D 167 -36.77 9.77 10.31
CA GLU D 167 -36.56 9.10 11.61
C GLU D 167 -37.79 9.20 12.47
N VAL D 168 -38.07 8.13 13.20
CA VAL D 168 -39.07 8.16 14.21
C VAL D 168 -38.42 7.67 15.51
N GLN D 169 -38.44 8.53 16.52
CA GLN D 169 -37.80 8.24 17.79
C GLN D 169 -38.71 8.29 19.01
N THR D 170 -39.96 8.68 18.80
CA THR D 170 -40.87 8.92 19.89
C THR D 170 -41.56 7.62 20.37
N THR D 171 -41.29 6.51 19.72
CA THR D 171 -41.90 5.24 20.13
C THR D 171 -41.24 4.58 21.34
N ALA D 172 -40.31 5.24 22.02
CA ALA D 172 -39.73 4.66 23.25
C ALA D 172 -39.42 5.75 24.20
N SER D 173 -39.22 5.40 25.47
CA SER D 173 -38.81 6.41 26.47
C SER D 173 -37.46 6.99 26.12
N ALA D 174 -37.17 8.16 26.70
CA ALA D 174 -35.89 8.82 26.49
C ALA D 174 -34.76 7.90 26.98
N ARG D 175 -35.03 7.12 28.01
CA ARG D 175 -34.01 6.24 28.53
C ARG D 175 -33.71 5.04 27.64
N VAL D 176 -34.76 4.43 27.09
CA VAL D 176 -34.61 3.37 26.15
C VAL D 176 -34.00 3.93 24.85
N GLY D 177 -34.44 5.10 24.44
CA GLY D 177 -33.99 5.71 23.21
C GLY D 177 -32.52 6.06 23.28
N GLY D 178 -32.09 6.50 24.46
CA GLY D 178 -30.69 6.81 24.71
C GLY D 178 -29.77 5.61 24.54
N ASP D 179 -30.27 4.41 24.85
CA ASP D 179 -29.53 3.16 24.60
C ASP D 179 -29.53 2.83 23.08
N TYR D 180 -30.62 3.13 22.36
CA TYR D 180 -30.65 2.94 20.88
C TYR D 180 -29.69 3.91 20.21
N LEU D 181 -29.74 5.18 20.61
CA LEU D 181 -28.81 6.16 20.09
C LEU D 181 -27.34 5.83 20.38
N ALA D 182 -27.09 5.14 21.48
CA ALA D 182 -25.75 4.63 21.76
C ALA D 182 -25.17 3.71 20.69
N ARG D 183 -26.02 3.18 19.79
CA ARG D 183 -25.53 2.46 18.62
C ARG D 183 -24.56 3.25 17.78
N ALA D 184 -24.56 4.56 17.92
CA ALA D 184 -23.65 5.46 17.20
C ALA D 184 -22.26 5.57 17.83
N ALA D 185 -22.19 5.19 19.11
CA ALA D 185 -20.97 5.23 19.84
C ALA D 185 -20.26 3.89 19.71
N ASP D 186 -19.07 3.79 20.28
CA ASP D 186 -18.43 2.49 20.44
C ASP D 186 -19.12 1.86 21.62
N TYR D 187 -20.09 1.00 21.34
CA TYR D 187 -21.04 0.58 22.35
C TYR D 187 -20.40 -0.22 23.50
N GLN D 188 -19.56 -1.19 23.19
CA GLN D 188 -18.87 -1.94 24.21
C GLN D 188 -18.08 -1.04 25.14
N ARG D 189 -17.39 -0.06 24.57
CA ARG D 189 -16.52 0.79 25.32
C ARG D 189 -17.29 1.90 26.02
N GLN D 190 -18.33 2.42 25.41
CA GLN D 190 -18.86 3.74 25.88
C GLN D 190 -20.26 3.73 26.45
N ARG D 191 -21.02 2.67 26.22
CA ARG D 191 -22.37 2.60 26.74
C ARG D 191 -22.40 2.79 28.26
N GLN D 192 -21.41 2.24 28.97
CA GLN D 192 -21.35 2.32 30.42
C GLN D 192 -21.30 3.73 31.01
N LEU D 193 -20.89 4.73 30.21
CA LEU D 193 -20.80 6.10 30.70
C LEU D 193 -22.11 6.53 31.32
N ASP D 194 -23.22 6.23 30.67
CA ASP D 194 -24.53 6.70 31.14
C ASP D 194 -25.61 6.13 30.22
N ASP D 195 -26.82 5.98 30.74
CA ASP D 195 -27.93 5.59 29.91
C ASP D 195 -28.08 6.63 28.80
N PHE D 196 -27.90 7.90 29.14
CA PHE D 196 -27.88 8.97 28.14
C PHE D 196 -26.44 9.09 27.61
N THR D 197 -26.05 8.11 26.83
CA THR D 197 -24.68 7.98 26.40
C THR D 197 -24.21 9.17 25.63
N PHE D 198 -24.99 9.63 24.65
CA PHE D 198 -24.51 10.76 23.85
C PHE D 198 -24.47 12.08 24.61
N PRO D 199 -25.52 12.36 25.37
CA PRO D 199 -25.44 13.57 26.17
C PRO D 199 -24.20 13.52 27.06
N CYS D 200 -23.93 12.36 27.65
CA CYS D 200 -22.76 12.22 28.50
C CYS D 200 -21.46 12.45 27.75
N LEU D 201 -21.35 11.97 26.52
CA LEU D 201 -20.12 12.18 25.74
C LEU D 201 -19.84 13.66 25.46
N PHE D 202 -20.90 14.44 25.29
CA PHE D 202 -20.73 15.84 25.05
C PHE D 202 -20.49 16.61 26.37
N ALA D 203 -21.09 16.14 27.46
CA ALA D 203 -20.81 16.66 28.77
C ALA D 203 -19.36 16.47 29.11
N LYS D 204 -18.82 15.32 28.77
CA LYS D 204 -17.40 15.02 28.98
C LYS D 204 -16.50 15.96 28.17
N ARG D 205 -16.87 16.26 26.93
CA ARG D 205 -16.17 17.30 26.18
C ARG D 205 -16.21 18.61 26.92
N MET D 206 -17.35 18.92 27.51
CA MET D 206 -17.56 20.25 28.12
C MET D 206 -16.66 20.41 29.34
N LYS D 207 -16.50 19.33 30.09
CA LYS D 207 -15.60 19.35 31.25
C LYS D 207 -14.17 19.74 30.82
N TYR D 208 -13.66 19.06 29.81
CA TYR D 208 -12.34 19.37 29.25
C TYR D 208 -12.31 20.78 28.66
N ILE D 209 -13.39 21.15 27.98
CA ILE D 209 -13.51 22.50 27.41
C ILE D 209 -13.46 23.57 28.50
N ALA D 210 -14.15 23.33 29.61
CA ALA D 210 -14.14 24.25 30.76
C ALA D 210 -12.75 24.34 31.39
N GLU D 211 -12.10 23.19 31.58
CA GLU D 211 -10.80 23.14 32.19
C GLU D 211 -9.74 23.82 31.36
N HIS D 212 -9.98 23.99 30.06
CA HIS D 212 -9.06 24.68 29.17
C HIS D 212 -9.59 26.08 28.77
N ASN D 213 -10.64 26.52 29.43
CA ASN D 213 -11.26 27.84 29.20
C ASN D 213 -11.56 28.12 27.74
N HIS D 214 -12.00 27.11 27.04
CA HIS D 214 -12.18 27.24 25.59
C HIS D 214 -13.41 28.04 25.29
N PHE D 215 -14.45 27.73 26.05
CA PHE D 215 -15.64 28.56 26.15
C PHE D 215 -16.38 28.13 27.40
N THR D 216 -17.50 28.80 27.68
CA THR D 216 -18.22 28.62 28.95
C THR D 216 -19.67 28.11 28.80
N MET D 217 -20.23 27.75 29.93
CA MET D 217 -21.60 27.36 29.99
C MET D 217 -22.56 28.54 29.79
N GLU D 218 -22.08 29.76 29.97
CA GLU D 218 -22.85 30.94 29.56
C GLU D 218 -22.95 30.97 28.05
N ASP D 219 -21.81 30.75 27.42
CA ASP D 219 -21.71 30.72 25.96
C ASP D 219 -22.70 29.72 25.36
N THR D 220 -22.76 28.53 25.92
CA THR D 220 -23.65 27.50 25.37
C THR D 220 -25.12 27.83 25.60
N ALA D 221 -25.40 28.57 26.67
CA ALA D 221 -26.74 29.02 26.94
C ALA D 221 -27.13 30.08 25.93
N ARG D 222 -26.17 30.86 25.47
CA ARG D 222 -26.46 31.85 24.44
C ARG D 222 -26.80 31.19 23.13
N VAL D 223 -26.17 30.05 22.88
CA VAL D 223 -26.49 29.28 21.69
C VAL D 223 -27.93 28.82 21.76
N ALA D 224 -28.32 28.28 22.91
CA ALA D 224 -29.72 27.85 23.08
C ALA D 224 -30.72 29.03 22.91
N ALA D 225 -30.40 30.18 23.50
CA ALA D 225 -31.31 31.33 23.40
C ALA D 225 -31.51 31.68 21.95
N LYS D 226 -30.43 31.70 21.19
CA LYS D 226 -30.52 31.97 19.74
C LYS D 226 -31.39 30.93 19.00
N ALA D 227 -31.21 29.67 19.35
CA ALA D 227 -31.93 28.59 18.70
C ALA D 227 -33.44 28.69 18.94
N TYR D 228 -33.82 28.85 20.20
CA TYR D 228 -35.23 28.96 20.52
C TYR D 228 -35.89 30.23 19.92
N ALA D 229 -35.15 31.35 19.88
CA ALA D 229 -35.67 32.57 19.25
C ALA D 229 -35.90 32.31 17.75
N ASN D 230 -34.95 31.61 17.11
CA ASN D 230 -35.10 31.24 15.73
C ASN D 230 -36.28 30.26 15.53
N GLY D 231 -36.37 29.25 16.39
CA GLY D 231 -37.51 28.31 16.40
C GLY D 231 -38.88 28.96 16.52
N ASN D 232 -38.97 29.96 17.38
CA ASN D 232 -40.19 30.75 17.54
C ASN D 232 -40.72 31.38 16.23
N LYS D 233 -39.85 31.58 15.25
CA LYS D 233 -40.25 32.07 13.92
C LYS D 233 -40.43 30.96 12.88
N ASN D 234 -40.42 29.71 13.34
CA ASN D 234 -40.48 28.56 12.42
C ASN D 234 -41.57 27.55 12.81
N PRO D 235 -42.70 27.57 12.09
CA PRO D 235 -43.80 26.70 12.48
C PRO D 235 -43.49 25.23 12.30
N LEU D 236 -42.45 24.88 11.54
CA LEU D 236 -42.02 23.48 11.39
C LEU D 236 -41.27 22.97 12.61
N ALA D 237 -40.80 23.89 13.44
CA ALA D 237 -39.89 23.54 14.53
C ALA D 237 -40.58 22.82 15.69
N HIS D 238 -40.00 21.70 16.09
CA HIS D 238 -40.45 20.93 17.26
C HIS D 238 -40.77 21.89 18.43
N MET D 239 -39.86 22.80 18.72
CA MET D 239 -40.00 23.71 19.84
C MET D 239 -40.55 25.08 19.46
N HIS D 240 -41.25 25.18 18.34
CA HIS D 240 -41.81 26.46 17.89
C HIS D 240 -42.52 27.25 19.01
N THR D 241 -43.30 26.55 19.83
CA THR D 241 -44.13 27.21 20.86
C THR D 241 -43.46 27.39 22.20
N ARG D 242 -42.19 26.95 22.33
CA ARG D 242 -41.48 27.15 23.58
C ARG D 242 -40.56 28.35 23.50
N LYS D 243 -40.72 29.26 24.48
CA LYS D 243 -39.82 30.41 24.62
C LYS D 243 -38.91 30.26 25.81
N LEU D 244 -37.64 30.54 25.60
CA LEU D 244 -36.65 30.45 26.66
C LEU D 244 -35.75 31.66 26.58
N THR D 245 -35.52 32.28 27.73
CA THR D 245 -34.59 33.38 27.83
C THR D 245 -33.22 32.84 28.04
N PHE D 246 -32.23 33.70 27.83
CA PHE D 246 -30.84 33.37 28.14
C PHE D 246 -30.76 32.82 29.56
N GLU D 247 -31.40 33.52 30.48
CA GLU D 247 -31.30 33.16 31.90
C GLU D 247 -31.84 31.77 32.16
N GLN D 248 -32.95 31.43 31.52
CA GLN D 248 -33.50 30.09 31.65
C GLN D 248 -32.52 29.01 31.17
N CYS D 249 -32.01 29.20 29.95
CA CYS D 249 -31.04 28.29 29.33
C CYS D 249 -29.77 28.21 30.12
N ASN D 250 -29.46 29.29 30.84
CA ASN D 250 -28.25 29.38 31.66
C ASN D 250 -28.42 28.71 33.05
N GLY D 251 -29.59 28.16 33.33
CA GLY D 251 -29.78 27.28 34.47
C GLY D 251 -30.59 27.85 35.60
N GLU D 252 -30.96 29.13 35.47
CA GLU D 252 -31.66 29.87 36.55
C GLU D 252 -33.07 29.34 36.76
N ASP D 253 -33.59 28.67 35.74
CA ASP D 253 -34.82 27.90 35.86
C ASP D 253 -34.50 26.51 36.46
N PRO D 254 -35.18 26.12 37.57
CA PRO D 254 -34.89 24.79 38.16
C PRO D 254 -35.46 23.61 37.37
N SER D 255 -36.46 23.88 36.52
CA SER D 255 -36.94 22.88 35.56
C SER D 255 -35.93 22.55 34.43
N ASN D 256 -34.94 23.41 34.22
CA ASN D 256 -33.82 23.11 33.31
C ASN D 256 -32.74 22.29 34.03
N VAL D 257 -33.07 21.02 34.24
CA VAL D 257 -32.34 20.11 35.13
C VAL D 257 -31.02 19.67 34.54
N LYS D 258 -30.04 19.44 35.40
CA LYS D 258 -28.83 18.72 35.02
C LYS D 258 -29.08 17.25 35.28
N PHE D 259 -29.54 16.56 34.25
CA PHE D 259 -30.24 15.29 34.37
C PHE D 259 -29.39 14.05 34.24
N LEU D 260 -28.11 14.19 33.95
CA LEU D 260 -27.27 13.00 33.80
C LEU D 260 -27.12 12.26 35.12
N GLY D 261 -26.79 10.98 35.03
CA GLY D 261 -26.50 10.17 36.20
C GLY D 261 -25.01 10.13 36.54
N ASN D 262 -24.14 10.20 35.54
CA ASN D 262 -22.70 10.15 35.77
C ASN D 262 -22.18 11.34 36.56
N GLU D 263 -21.67 11.07 37.76
CA GLU D 263 -21.29 12.15 38.71
C GLU D 263 -20.19 13.03 38.14
N THR D 264 -19.29 12.40 37.37
CA THR D 264 -18.15 13.11 36.80
C THR D 264 -18.55 14.23 35.81
N TYR D 265 -19.64 14.03 35.09
CA TYR D 265 -19.97 14.91 33.98
C TYR D 265 -21.26 15.65 34.15
N LYS D 266 -22.05 15.22 35.14
CA LYS D 266 -23.41 15.75 35.45
C LYS D 266 -23.58 17.27 35.45
N GLU D 267 -22.58 17.97 35.95
CA GLU D 267 -22.67 19.42 36.11
C GLU D 267 -22.43 20.23 34.83
N TYR D 268 -22.07 19.54 33.74
CA TYR D 268 -21.75 20.22 32.48
C TYR D 268 -22.85 20.23 31.41
N LEU D 269 -24.02 19.69 31.73
CA LEU D 269 -25.10 19.57 30.72
C LEU D 269 -26.49 19.84 31.31
N ARG D 270 -27.21 20.78 30.71
CA ARG D 270 -28.58 21.08 31.06
C ARG D 270 -29.51 20.59 29.96
N MET D 271 -30.78 20.36 30.30
CA MET D 271 -31.76 19.91 29.32
C MET D 271 -31.80 20.80 28.11
N THR D 272 -31.72 22.10 28.32
CA THR D 272 -31.77 23.05 27.22
C THR D 272 -30.54 23.01 26.28
N ASP D 273 -29.47 22.34 26.72
CA ASP D 273 -28.29 22.15 25.90
C ASP D 273 -28.45 21.04 24.88
N CYS D 274 -29.60 20.34 24.90
CA CYS D 274 -29.75 19.09 24.15
C CYS D 274 -30.70 19.20 22.97
N SER D 275 -30.34 18.54 21.87
CA SER D 275 -31.20 18.42 20.74
C SER D 275 -32.45 17.64 21.14
N GLN D 276 -33.50 17.77 20.34
CA GLN D 276 -34.78 17.12 20.63
C GLN D 276 -34.88 15.68 20.13
N VAL D 277 -35.68 14.89 20.82
CA VAL D 277 -36.14 13.60 20.34
C VAL D 277 -37.34 13.85 19.43
N SER D 278 -37.08 13.91 18.13
CA SER D 278 -38.09 14.28 17.17
C SER D 278 -38.36 13.19 16.15
N ASP D 279 -39.56 13.27 15.56
CA ASP D 279 -39.96 12.51 14.38
C ASP D 279 -40.07 13.43 13.21
N GLY D 280 -39.61 12.99 12.03
CA GLY D 280 -39.69 13.87 10.85
C GLY D 280 -38.97 13.39 9.61
N GLY D 281 -39.07 14.18 8.55
CA GLY D 281 -38.48 13.85 7.28
C GLY D 281 -38.00 15.04 6.50
N ALA D 282 -36.98 14.82 5.69
CA ALA D 282 -36.55 15.84 4.76
C ALA D 282 -36.12 15.16 3.47
N GLY D 283 -36.38 15.82 2.35
CA GLY D 283 -36.07 15.25 1.07
C GLY D 283 -35.60 16.34 0.14
N VAL D 284 -34.84 15.93 -0.86
CA VAL D 284 -34.27 16.82 -1.83
C VAL D 284 -34.17 16.06 -3.12
N VAL D 285 -34.49 16.74 -4.22
CA VAL D 285 -34.24 16.23 -5.56
C VAL D 285 -33.00 16.87 -6.13
N LEU D 286 -32.05 16.05 -6.56
CA LEU D 286 -30.82 16.55 -7.17
C LEU D 286 -30.73 16.15 -8.61
N ALA D 287 -30.10 17.00 -9.42
CA ALA D 287 -29.97 16.72 -10.85
C ALA D 287 -28.66 17.20 -11.44
N ASN D 288 -28.22 16.52 -12.48
CA ASN D 288 -27.12 17.01 -13.26
C ASN D 288 -27.71 17.82 -14.43
N GLU D 289 -26.85 18.29 -15.33
CA GLU D 289 -27.30 19.12 -16.46
C GLU D 289 -28.26 18.37 -17.37
N GLU D 290 -28.00 17.11 -17.63
CA GLU D 290 -28.93 16.29 -18.42
C GLU D 290 -30.29 16.11 -17.69
N GLY D 291 -30.25 15.96 -16.38
CA GLY D 291 -31.49 15.91 -15.61
C GLY D 291 -32.26 17.21 -15.66
N LEU D 292 -31.56 18.34 -15.71
CA LEU D 292 -32.25 19.63 -15.83
C LEU D 292 -32.94 19.70 -17.18
N ARG D 293 -32.19 19.31 -18.20
CA ARG D 293 -32.70 19.24 -19.57
C ARG D 293 -34.00 18.42 -19.63
N LYS D 294 -33.96 17.24 -19.02
CA LYS D 294 -35.11 16.35 -18.94
C LYS D 294 -36.32 16.96 -18.29
N MET D 295 -36.09 17.83 -17.30
CA MET D 295 -37.15 18.44 -16.54
C MET D 295 -37.63 19.72 -17.23
N GLY D 296 -36.97 20.07 -18.33
CA GLY D 296 -37.26 21.29 -19.07
C GLY D 296 -36.72 22.53 -18.40
N LEU D 297 -35.55 22.43 -17.78
CA LEU D 297 -35.02 23.52 -16.97
C LEU D 297 -33.66 23.93 -17.44
N SER D 298 -33.39 25.21 -17.29
CA SER D 298 -32.10 25.79 -17.60
C SER D 298 -31.23 25.87 -16.34
N PRO D 299 -29.89 25.78 -16.50
CA PRO D 299 -28.94 25.89 -15.39
C PRO D 299 -28.95 27.24 -14.70
N ASN D 300 -29.61 28.25 -15.28
CA ASN D 300 -29.72 29.58 -14.67
C ASN D 300 -31.08 29.75 -14.04
N ASP D 301 -31.92 28.71 -14.08
CA ASP D 301 -33.26 28.83 -13.51
C ASP D 301 -33.16 29.22 -12.04
N SER D 302 -33.90 30.25 -11.67
CA SER D 302 -33.79 30.83 -10.35
C SER D 302 -34.38 29.95 -9.21
N ARG D 303 -34.99 28.81 -9.54
CA ARG D 303 -35.40 27.87 -8.52
C ARG D 303 -34.25 26.93 -8.07
N LEU D 304 -33.11 27.01 -8.73
CA LEU D 304 -31.99 26.11 -8.46
C LEU D 304 -30.95 26.66 -7.48
N VAL D 305 -30.23 25.72 -6.87
CA VAL D 305 -29.03 26.00 -6.08
C VAL D 305 -28.00 24.94 -6.54
N GLU D 306 -26.77 25.37 -6.74
CA GLU D 306 -25.75 24.45 -7.15
C GLU D 306 -25.02 23.91 -5.90
N ILE D 307 -24.79 22.61 -5.85
CA ILE D 307 -23.87 22.06 -4.85
C ILE D 307 -22.50 22.10 -5.46
N LYS D 308 -21.69 23.07 -5.06
CA LYS D 308 -20.33 23.22 -5.61
C LYS D 308 -19.45 22.08 -5.16
N SER D 309 -19.60 21.63 -3.91
CA SER D 309 -18.82 20.51 -3.39
C SER D 309 -19.51 19.83 -2.22
N ILE D 310 -19.07 18.59 -1.98
CA ILE D 310 -19.50 17.81 -0.83
C ILE D 310 -18.34 16.88 -0.45
N ALA D 311 -18.19 16.60 0.82
CA ALA D 311 -17.06 15.81 1.29
C ALA D 311 -17.38 15.11 2.59
N CYS D 312 -16.82 13.92 2.72
CA CYS D 312 -17.02 13.05 3.82
C CYS D 312 -15.69 12.69 4.46
N ALA D 313 -15.62 12.70 5.79
CA ALA D 313 -14.41 12.30 6.53
C ALA D 313 -14.83 11.49 7.71
N VAL D 314 -14.15 10.37 7.95
CA VAL D 314 -14.55 9.44 9.00
C VAL D 314 -13.33 9.04 9.80
N SER D 315 -13.43 9.11 11.14
CA SER D 315 -12.34 8.75 12.06
C SER D 315 -12.59 7.39 12.69
N ASN D 316 -11.78 7.04 13.68
CA ASN D 316 -11.82 5.72 14.31
C ASN D 316 -12.85 5.66 15.46
N LEU D 317 -13.88 4.82 15.31
CA LEU D 317 -14.93 4.64 16.29
C LEU D 317 -14.37 4.24 17.66
N TYR D 318 -13.30 3.43 17.62
CA TYR D 318 -12.70 2.82 18.79
C TYR D 318 -11.75 3.73 19.63
N GLU D 319 -11.25 4.82 19.05
CA GLU D 319 -10.31 5.71 19.76
C GLU D 319 -10.71 7.14 19.67
N ASP D 320 -10.58 7.87 20.78
CA ASP D 320 -10.89 9.33 20.82
C ASP D 320 -9.62 10.20 20.94
N PRO D 321 -9.58 11.32 20.21
CA PRO D 321 -8.47 12.21 20.40
C PRO D 321 -8.50 12.83 21.77
N ASP D 322 -7.35 13.33 22.23
CA ASP D 322 -7.29 13.93 23.55
C ASP D 322 -7.99 15.29 23.57
N ASP D 323 -7.83 16.06 22.50
CA ASP D 323 -8.31 17.46 22.50
C ASP D 323 -9.81 17.53 22.24
N ALA D 324 -10.58 17.51 23.32
CA ALA D 324 -12.03 17.67 23.21
C ALA D 324 -12.48 19.02 22.70
N CYS D 325 -11.57 19.98 22.64
CA CYS D 325 -11.91 21.32 22.11
C CYS D 325 -11.85 21.41 20.58
N CYS D 326 -11.46 20.33 19.90
CA CYS D 326 -11.45 20.30 18.44
C CYS D 326 -12.19 19.10 17.88
N MET D 327 -13.09 19.35 16.97
CA MET D 327 -13.74 18.26 16.25
C MET D 327 -12.96 17.98 14.98
N PHE D 328 -11.92 17.16 15.10
CA PHE D 328 -10.96 16.95 14.01
C PHE D 328 -11.61 16.42 12.76
N THR D 329 -12.61 15.55 12.91
CA THR D 329 -13.21 14.90 11.77
C THR D 329 -14.09 15.90 11.02
N SER D 330 -14.96 16.59 11.75
CA SER D 330 -15.78 17.61 11.13
C SER D 330 -14.90 18.65 10.44
N ARG D 331 -13.76 18.99 11.03
CA ARG D 331 -12.88 19.98 10.43
C ARG D 331 -12.30 19.49 9.13
N GLN D 332 -11.86 18.23 9.08
CA GLN D 332 -11.41 17.63 7.81
C GLN D 332 -12.44 17.74 6.72
N ALA D 333 -13.66 17.32 7.01
CA ALA D 333 -14.75 17.42 6.05
C ALA D 333 -15.00 18.84 5.58
N ALA D 334 -15.10 19.78 6.49
CA ALA D 334 -15.35 21.22 6.11
C ALA D 334 -14.20 21.77 5.27
N GLN D 335 -12.98 21.43 5.63
CA GLN D 335 -11.78 21.83 4.88
C GLN D 335 -11.77 21.27 3.44
N LYS D 336 -12.00 19.97 3.26
CA LYS D 336 -12.10 19.41 1.92
C LYS D 336 -13.21 20.12 1.10
N ALA D 337 -14.39 20.28 1.68
CA ALA D 337 -15.51 20.83 0.92
C ALA D 337 -15.22 22.27 0.47
N LEU D 338 -14.72 23.11 1.37
CA LEU D 338 -14.48 24.53 1.01
C LEU D 338 -13.36 24.61 0.00
N SER D 339 -12.35 23.78 0.17
CA SER D 339 -11.25 23.67 -0.77
C SER D 339 -11.66 23.21 -2.19
N MET D 340 -12.45 22.15 -2.30
CA MET D 340 -13.01 21.75 -3.59
C MET D 340 -13.87 22.85 -4.18
N ALA D 341 -14.52 23.65 -3.35
CA ALA D 341 -15.37 24.76 -3.83
C ALA D 341 -14.57 26.01 -4.14
N ASN D 342 -13.26 25.93 -3.88
CA ASN D 342 -12.37 27.06 -3.86
C ASN D 342 -12.93 28.34 -3.22
N ILE D 343 -13.41 28.19 -2.00
CA ILE D 343 -13.82 29.34 -1.20
C ILE D 343 -13.21 29.22 0.18
N LYS D 344 -13.38 30.27 0.98
CA LYS D 344 -12.96 30.22 2.36
C LYS D 344 -14.13 30.51 3.26
N PRO D 345 -14.00 30.18 4.55
CA PRO D 345 -15.10 30.37 5.48
C PRO D 345 -15.66 31.79 5.46
N SER D 346 -14.79 32.79 5.34
CA SER D 346 -15.20 34.18 5.37
C SER D 346 -16.14 34.55 4.21
N ASP D 347 -16.10 33.76 3.12
CA ASP D 347 -17.00 33.98 1.98
C ASP D 347 -18.43 33.49 2.26
N LEU D 348 -18.66 32.79 3.36
CA LEU D 348 -19.96 32.13 3.57
C LEU D 348 -20.95 33.14 4.07
N ASN D 349 -22.17 33.07 3.58
CA ASN D 349 -23.23 34.02 3.94
C ASN D 349 -24.23 33.39 4.89
N VAL D 350 -24.27 32.06 4.93
CA VAL D 350 -25.18 31.32 5.80
C VAL D 350 -24.65 29.89 6.02
N ALA D 351 -24.98 29.30 7.17
CA ALA D 351 -24.51 27.95 7.45
C ALA D 351 -25.49 27.19 8.28
N GLU D 352 -25.48 25.89 8.07
CA GLU D 352 -26.23 24.98 8.86
C GLU D 352 -25.22 23.98 9.51
N VAL D 353 -25.24 23.88 10.84
CA VAL D 353 -24.29 23.03 11.54
C VAL D 353 -25.00 22.12 12.51
N HIS D 354 -24.28 21.07 12.91
CA HIS D 354 -24.80 19.97 13.65
C HIS D 354 -24.81 20.26 15.15
N ASP D 355 -25.81 21.02 15.60
CA ASP D 355 -25.92 21.39 17.02
C ASP D 355 -26.61 20.32 17.85
N CYS D 356 -26.06 19.11 17.87
CA CYS D 356 -26.74 18.03 18.59
C CYS D 356 -26.78 18.43 20.05
N PHE D 357 -25.78 19.22 20.44
CA PHE D 357 -25.79 19.94 21.72
C PHE D 357 -25.32 21.37 21.48
N THR D 358 -25.66 22.25 22.42
CA THR D 358 -25.14 23.66 22.37
C THR D 358 -23.64 23.63 22.27
N ILE D 359 -23.05 22.71 23.03
CA ILE D 359 -21.60 22.45 23.03
C ILE D 359 -21.06 22.17 21.62
N ALA D 360 -21.80 21.40 20.86
CA ALA D 360 -21.37 21.06 19.52
C ALA D 360 -21.49 22.26 18.61
N GLU D 361 -22.52 23.09 18.77
CA GLU D 361 -22.61 24.27 17.87
C GLU D 361 -21.33 25.09 17.97
N MET D 362 -20.84 25.28 19.19
CA MET D 362 -19.64 26.07 19.44
C MET D 362 -18.47 25.43 18.70
N LEU D 363 -18.27 24.14 18.90
CA LEU D 363 -17.19 23.41 18.23
C LEU D 363 -17.31 23.43 16.70
N MET D 364 -18.55 23.47 16.21
CA MET D 364 -18.83 23.46 14.77
C MET D 364 -18.43 24.78 14.11
N TYR D 365 -18.60 25.90 14.84
CA TYR D 365 -18.16 27.20 14.33
C TYR D 365 -16.71 27.12 14.03
N GLU D 366 -15.95 26.46 14.89
CA GLU D 366 -14.48 26.34 14.69
C GLU D 366 -14.13 25.27 13.69
N ALA D 367 -14.89 24.17 13.67
CA ALA D 367 -14.61 23.10 12.68
C ALA D 367 -14.90 23.60 11.26
N LEU D 368 -15.98 24.35 11.09
CA LEU D 368 -16.31 24.96 9.79
C LEU D 368 -15.27 26.01 9.36
N GLY D 369 -14.72 26.73 10.35
CA GLY D 369 -13.71 27.73 10.08
C GLY D 369 -14.16 29.18 10.17
N ILE D 370 -15.44 29.40 10.47
CA ILE D 370 -15.95 30.75 10.67
C ILE D 370 -15.44 31.38 11.97
N ALA D 371 -14.85 30.56 12.83
CA ALA D 371 -14.13 31.04 14.02
C ALA D 371 -12.81 30.28 14.06
N GLU D 372 -11.76 30.93 14.52
CA GLU D 372 -10.48 30.26 14.69
C GLU D 372 -10.55 29.41 15.98
N TYR D 373 -9.53 28.57 16.18
CA TYR D 373 -9.49 27.75 17.37
C TYR D 373 -9.57 28.64 18.57
N GLY D 374 -10.54 28.38 19.43
CA GLY D 374 -10.74 29.15 20.65
C GLY D 374 -11.52 30.43 20.51
N HIS D 375 -12.04 30.72 19.33
CA HIS D 375 -12.74 31.97 19.12
C HIS D 375 -14.21 31.84 18.77
N ALA D 376 -14.78 30.64 18.89
CA ALA D 376 -16.22 30.55 18.83
C ALA D 376 -16.93 31.42 19.88
N LYS D 377 -16.35 31.50 21.07
CA LYS D 377 -16.87 32.41 22.10
C LYS D 377 -17.08 33.85 21.60
N ASP D 378 -16.17 34.38 20.77
CA ASP D 378 -16.30 35.74 20.25
C ASP D 378 -17.57 35.86 19.45
N LEU D 379 -17.74 34.91 18.54
CA LEU D 379 -18.89 34.88 17.66
C LEU D 379 -20.22 34.89 18.38
N ILE D 380 -20.38 34.02 19.38
CA ILE D 380 -21.65 33.92 20.09
C ILE D 380 -21.86 35.09 21.03
N ARG D 381 -20.79 35.59 21.63
CA ARG D 381 -20.90 36.79 22.49
C ARG D 381 -21.25 38.04 21.68
N ASN D 382 -20.91 38.04 20.41
CA ASN D 382 -21.11 39.19 19.58
C ASN D 382 -22.38 39.12 18.70
N GLY D 383 -23.09 38.01 18.73
CA GLY D 383 -24.27 37.82 17.88
C GLY D 383 -23.99 37.60 16.40
N ASP D 384 -22.75 37.26 16.05
CA ASP D 384 -22.40 37.06 14.63
C ASP D 384 -23.20 35.94 13.92
N THR D 385 -23.75 34.99 14.70
CA THR D 385 -24.48 33.86 14.14
C THR D 385 -26.00 33.94 14.30
N THR D 386 -26.48 35.06 14.81
CA THR D 386 -27.94 35.33 14.86
C THR D 386 -28.43 35.66 13.45
N LEU D 387 -29.76 35.69 13.25
CA LEU D 387 -30.34 36.05 11.93
C LEU D 387 -29.80 37.34 11.37
N GLU D 388 -29.46 38.27 12.26
CA GLU D 388 -28.98 39.60 11.87
C GLU D 388 -27.47 39.72 11.86
N GLY D 389 -26.78 38.67 12.30
CA GLY D 389 -25.34 38.71 12.34
C GLY D 389 -24.76 38.59 10.95
N ARG D 390 -23.44 38.68 10.85
CA ARG D 390 -22.79 38.60 9.55
C ARG D 390 -22.72 37.16 9.00
N ILE D 391 -22.83 36.13 9.86
CA ILE D 391 -22.81 34.73 9.42
C ILE D 391 -23.89 33.95 10.18
N PRO D 392 -25.14 34.11 9.75
CA PRO D 392 -26.23 33.46 10.46
C PRO D 392 -26.11 31.94 10.36
N VAL D 393 -26.34 31.26 11.49
CA VAL D 393 -26.25 29.80 11.55
C VAL D 393 -27.53 29.23 12.13
N ASN D 394 -27.97 28.13 11.53
CA ASN D 394 -29.15 27.43 12.00
C ASN D 394 -30.34 28.41 12.18
N THR D 395 -30.67 29.08 11.09
CA THR D 395 -31.67 30.16 11.06
C THR D 395 -33.09 29.70 11.46
N GLY D 396 -33.41 28.43 11.26
CA GLY D 396 -34.71 27.87 11.61
C GLY D 396 -34.82 27.22 12.98
N GLY D 397 -33.71 27.20 13.73
CA GLY D 397 -33.70 26.70 15.11
C GLY D 397 -32.76 25.53 15.43
N GLY D 398 -32.18 24.94 14.39
CA GLY D 398 -31.22 23.87 14.60
C GLY D 398 -31.79 22.60 15.17
N LEU D 399 -30.90 21.66 15.47
CA LEU D 399 -31.26 20.44 16.13
C LEU D 399 -31.86 20.71 17.53
N LEU D 400 -31.48 21.83 18.12
CA LEU D 400 -32.00 22.22 19.43
C LEU D 400 -33.46 22.60 19.42
N SER D 401 -33.88 23.39 18.42
CA SER D 401 -35.28 23.88 18.37
C SER D 401 -36.08 23.27 17.22
N PHE D 402 -35.56 23.39 16.00
CA PHE D 402 -36.22 22.74 14.83
C PHE D 402 -36.38 21.26 15.20
N GLY D 403 -35.33 20.65 15.79
CA GLY D 403 -35.44 19.27 16.29
C GLY D 403 -34.53 18.38 15.51
N HIS D 404 -34.49 17.10 15.89
CA HIS D 404 -33.46 16.20 15.40
C HIS D 404 -34.00 14.78 15.21
N PRO D 405 -34.82 14.56 14.15
CA PRO D 405 -35.03 13.23 13.63
C PRO D 405 -33.81 12.80 12.90
N VAL D 406 -33.03 11.94 13.52
CA VAL D 406 -31.64 11.79 13.20
C VAL D 406 -31.39 11.67 11.70
N GLY D 407 -32.00 10.71 11.07
CA GLY D 407 -31.79 10.50 9.62
C GLY D 407 -32.19 11.68 8.76
N ALA D 408 -33.13 12.50 9.21
CA ALA D 408 -33.56 13.63 8.38
C ALA D 408 -32.57 14.79 8.38
N THR D 409 -31.87 14.95 9.50
CA THR D 409 -31.13 16.18 9.78
C THR D 409 -30.22 16.64 8.63
N GLY D 410 -29.40 15.73 8.11
CA GLY D 410 -28.47 16.08 7.05
C GLY D 410 -29.13 16.71 5.84
N ILE D 411 -30.29 16.19 5.43
CA ILE D 411 -30.94 16.71 4.27
C ILE D 411 -31.70 17.99 4.64
N LYS D 412 -32.27 18.04 5.85
CA LYS D 412 -32.84 19.30 6.36
C LYS D 412 -31.86 20.44 6.28
N GLN D 413 -30.63 20.20 6.69
CA GLN D 413 -29.58 21.24 6.59
C GLN D 413 -29.41 21.78 5.16
N ILE D 414 -29.34 20.88 4.20
CA ILE D 414 -29.27 21.25 2.81
C ILE D 414 -30.49 22.09 2.42
N MET D 415 -31.65 21.65 2.83
CA MET D 415 -32.88 22.33 2.41
C MET D 415 -33.06 23.68 3.07
N GLU D 416 -32.54 23.84 4.29
CA GLU D 416 -32.63 25.13 4.97
C GLU D 416 -31.73 26.15 4.29
N VAL D 417 -30.54 25.74 3.89
CA VAL D 417 -29.72 26.67 3.08
C VAL D 417 -30.44 26.98 1.78
N TYR D 418 -30.99 25.96 1.13
CA TYR D 418 -31.76 26.17 -0.09
C TYR D 418 -32.89 27.20 0.12
N ARG D 419 -33.71 26.98 1.15
CA ARG D 419 -34.87 27.80 1.36
C ARG D 419 -34.49 29.25 1.61
N GLN D 420 -33.47 29.49 2.41
CA GLN D 420 -32.98 30.85 2.61
C GLN D 420 -32.53 31.49 1.30
N MET D 421 -31.82 30.71 0.47
CA MET D 421 -31.32 31.18 -0.80
C MET D 421 -32.45 31.53 -1.78
N LYS D 422 -33.56 30.79 -1.71
CA LYS D 422 -34.73 31.03 -2.54
C LYS D 422 -35.80 31.91 -1.90
N GLY D 423 -35.49 32.55 -0.77
CA GLY D 423 -36.46 33.45 -0.12
C GLY D 423 -37.70 32.81 0.47
N GLN D 424 -37.61 31.53 0.85
CA GLN D 424 -38.83 30.78 1.27
C GLN D 424 -39.06 30.67 2.78
N CYS D 425 -38.19 31.25 3.59
CA CYS D 425 -38.25 31.02 5.05
C CYS D 425 -39.22 31.92 5.84
N GLU D 426 -39.98 32.78 5.16
CA GLU D 426 -41.06 33.59 5.78
C GLU D 426 -40.54 34.32 7.01
N ALA D 427 -41.02 33.99 8.21
CA ALA D 427 -40.66 34.76 9.41
C ALA D 427 -39.19 34.73 9.81
N TYR D 428 -38.42 33.72 9.38
CA TYR D 428 -36.97 33.72 9.67
C TYR D 428 -36.14 33.89 8.40
N GLN D 429 -36.78 34.36 7.33
CA GLN D 429 -36.06 34.64 6.08
C GLN D 429 -35.01 35.72 6.29
N MET D 430 -33.82 35.48 5.78
CA MET D 430 -32.74 36.46 5.85
C MET D 430 -33.07 37.64 4.93
N LYS D 431 -32.87 38.86 5.41
CA LYS D 431 -33.16 40.05 4.61
C LYS D 431 -32.16 40.20 3.46
N LYS D 432 -30.92 39.77 3.68
CA LYS D 432 -29.89 39.72 2.63
C LYS D 432 -29.78 38.27 2.13
N ILE D 433 -30.32 38.03 0.93
CA ILE D 433 -30.36 36.71 0.33
C ILE D 433 -28.91 36.20 0.22
N PRO D 434 -28.62 35.01 0.77
CA PRO D 434 -27.22 34.51 0.78
C PRO D 434 -26.77 33.92 -0.55
N ALA D 435 -25.55 34.24 -0.97
CA ALA D 435 -25.01 33.75 -2.23
C ALA D 435 -24.31 32.41 -2.09
N LEU D 436 -23.65 32.25 -0.95
CA LEU D 436 -22.93 31.03 -0.60
C LEU D 436 -23.36 30.54 0.77
N GLY D 437 -23.55 29.23 0.89
CA GLY D 437 -23.83 28.62 2.17
C GLY D 437 -23.03 27.34 2.34
N ALA D 438 -22.94 26.85 3.58
CA ALA D 438 -22.26 25.57 3.86
C ALA D 438 -23.04 24.77 4.86
N THR D 439 -22.95 23.45 4.76
CA THR D 439 -23.53 22.57 5.76
C THR D 439 -22.43 21.77 6.39
N LEU D 440 -22.69 21.29 7.60
CA LEU D 440 -21.79 20.37 8.29
C LEU D 440 -22.62 19.44 9.16
N ASN D 441 -22.59 18.17 8.80
CA ASN D 441 -23.45 17.19 9.39
C ASN D 441 -22.51 16.15 10.04
N MET D 442 -22.88 15.63 11.20
CA MET D 442 -21.96 14.81 11.99
C MET D 442 -22.65 13.63 12.60
N GLY D 443 -21.99 12.50 12.55
CA GLY D 443 -22.48 11.25 13.14
C GLY D 443 -21.61 10.78 14.30
N GLY D 444 -22.28 10.45 15.40
CA GLY D 444 -21.59 10.12 16.61
C GLY D 444 -20.82 11.27 17.26
N ASP D 445 -19.82 10.92 18.04
CA ASP D 445 -18.95 11.89 18.69
C ASP D 445 -17.83 12.30 17.73
N ASP D 446 -18.21 13.08 16.70
CA ASP D 446 -17.29 13.50 15.64
C ASP D 446 -16.55 12.36 14.96
N LYS D 447 -17.26 11.31 14.65
CA LYS D 447 -16.68 10.12 13.97
C LYS D 447 -16.99 10.06 12.49
N THR D 448 -18.13 10.58 12.08
CA THR D 448 -18.41 10.77 10.69
C THR D 448 -18.78 12.24 10.53
N ALA D 449 -18.26 12.89 9.48
CA ALA D 449 -18.77 14.18 9.08
C ALA D 449 -18.94 14.28 7.57
N VAL D 450 -19.97 15.01 7.16
CA VAL D 450 -20.25 15.33 5.77
C VAL D 450 -20.50 16.85 5.67
N SER D 451 -19.89 17.51 4.68
CA SER D 451 -19.99 18.96 4.56
C SER D 451 -20.14 19.32 3.12
N ALA D 452 -20.98 20.30 2.85
CA ALA D 452 -21.26 20.69 1.48
C ALA D 452 -21.23 22.20 1.33
N VAL D 453 -20.82 22.66 0.15
CA VAL D 453 -20.90 24.06 -0.19
C VAL D 453 -21.97 24.27 -1.26
N LEU D 454 -22.83 25.22 -0.97
CA LEU D 454 -23.95 25.52 -1.82
C LEU D 454 -23.78 26.94 -2.37
N GLN D 455 -24.07 27.08 -3.68
CA GLN D 455 -24.08 28.36 -4.35
C GLN D 455 -25.42 28.67 -5.02
N ASN D 456 -25.95 29.85 -4.68
CA ASN D 456 -27.21 30.34 -5.21
C ASN D 456 -27.11 30.58 -6.72
N ILE D 457 -28.24 30.51 -7.39
CA ILE D 457 -28.33 30.77 -8.83
C ILE D 457 -29.43 31.81 -9.14
#